data_5TJA
# 
_entry.id   5TJA 
# 
_audit_conform.dict_name       mmcif_pdbx.dic 
_audit_conform.dict_version    5.397 
_audit_conform.dict_location   http://mmcif.pdb.org/dictionaries/ascii/mmcif_pdbx.dic 
# 
loop_
_database_2.database_id 
_database_2.database_code 
_database_2.pdbx_database_accession 
_database_2.pdbx_DOI 
PDB   5TJA         pdb_00005tja 10.2210/pdb5tja/pdb 
WWPDB D_1000224327 ?            ?                   
# 
loop_
_pdbx_audit_revision_history.ordinal 
_pdbx_audit_revision_history.data_content_type 
_pdbx_audit_revision_history.major_revision 
_pdbx_audit_revision_history.minor_revision 
_pdbx_audit_revision_history.revision_date 
1 'Structure model' 1 0 2017-01-25 
2 'Structure model' 1 1 2017-02-08 
3 'Structure model' 1 2 2017-03-15 
4 'Structure model' 1 3 2017-09-27 
5 'Structure model' 1 4 2019-12-18 
6 'Structure model' 1 5 2024-10-23 
# 
_pdbx_audit_revision_details.ordinal             1 
_pdbx_audit_revision_details.revision_ordinal    1 
_pdbx_audit_revision_details.data_content_type   'Structure model' 
_pdbx_audit_revision_details.provider            repository 
_pdbx_audit_revision_details.type                'Initial release' 
_pdbx_audit_revision_details.description         ? 
_pdbx_audit_revision_details.details             ? 
# 
loop_
_pdbx_audit_revision_group.ordinal 
_pdbx_audit_revision_group.revision_ordinal 
_pdbx_audit_revision_group.data_content_type 
_pdbx_audit_revision_group.group 
1 2 'Structure model' 'Database references'        
2 3 'Structure model' 'Database references'        
3 4 'Structure model' 'Author supporting evidence' 
4 5 'Structure model' 'Author supporting evidence' 
5 6 'Structure model' 'Data collection'            
6 6 'Structure model' 'Database references'        
7 6 'Structure model' 'Structure summary'          
# 
loop_
_pdbx_audit_revision_category.ordinal 
_pdbx_audit_revision_category.revision_ordinal 
_pdbx_audit_revision_category.data_content_type 
_pdbx_audit_revision_category.category 
1 4 'Structure model' pdbx_audit_support        
2 5 'Structure model' pdbx_audit_support        
3 6 'Structure model' chem_comp_atom            
4 6 'Structure model' chem_comp_bond            
5 6 'Structure model' database_2                
6 6 'Structure model' pdbx_entry_details        
7 6 'Structure model' pdbx_modification_feature 
# 
loop_
_pdbx_audit_revision_item.ordinal 
_pdbx_audit_revision_item.revision_ordinal 
_pdbx_audit_revision_item.data_content_type 
_pdbx_audit_revision_item.item 
1 4 'Structure model' '_pdbx_audit_support.funding_organization' 
2 5 'Structure model' '_pdbx_audit_support.funding_organization' 
3 6 'Structure model' '_database_2.pdbx_DOI'                     
4 6 'Structure model' '_database_2.pdbx_database_accession'      
# 
_pdbx_database_status.status_code                     REL 
_pdbx_database_status.status_code_sf                  REL 
_pdbx_database_status.status_code_mr                  ? 
_pdbx_database_status.entry_id                        5TJA 
_pdbx_database_status.recvd_initial_deposition_date   2016-10-04 
_pdbx_database_status.SG_entry                        N 
_pdbx_database_status.deposit_site                    RCSB 
_pdbx_database_status.process_site                    RCSB 
_pdbx_database_status.status_code_cs                  ? 
_pdbx_database_status.methods_development_category    ? 
_pdbx_database_status.pdb_format_compatible           Y 
_pdbx_database_status.status_code_nmr_data            ? 
# 
loop_
_pdbx_database_related.content_type 
_pdbx_database_related.db_id 
_pdbx_database_related.db_name 
_pdbx_database_related.details 
unspecified 5TJB PDB . 
unspecified 5TJC PDB . 
# 
loop_
_audit_author.name 
_audit_author.pdbx_ordinal 
_audit_author.identifier_ORCID 
'Li, M.'            1  ? 
'Zhang, W.K.'       2  ? 
'Benvin, N.M.'      3  ? 
'Zhou, X.'          4  ? 
'Su, D.'            5  ? 
'Li, H.'            6  ? 
'Wang, S.'          7  ? 
'Michailidis, I.E.' 8  ? 
'Tong, L.'          9  ? 
'Li, X.'            10 ? 
'Yang, J.'          11 ? 
# 
_citation.abstract                  ? 
_citation.abstract_id_CAS           ? 
_citation.book_id_ISBN              ? 
_citation.book_publisher            ? 
_citation.book_publisher_city       ? 
_citation.book_title                ? 
_citation.coordinate_linkage        ? 
_citation.country                   US 
_citation.database_id_Medline       ? 
_citation.details                   ? 
_citation.id                        primary 
_citation.journal_abbrev            'Nat. Struct. Mol. Biol.' 
_citation.journal_id_ASTM           ? 
_citation.journal_id_CSD            ? 
_citation.journal_id_ISSN           1545-9985 
_citation.journal_full              ? 
_citation.journal_issue             ? 
_citation.journal_volume            24 
_citation.language                  ? 
_citation.page_first                205 
_citation.page_last                 213 
_citation.title                     'Structural basis of dual Ca(2+)/pH regulation of the endolysosomal TRPML1 channel.' 
_citation.year                      2017 
_citation.database_id_CSD           ? 
_citation.pdbx_database_id_DOI      10.1038/nsmb.3362 
_citation.pdbx_database_id_PubMed   28112729 
_citation.unpublished_flag          ? 
# 
loop_
_citation_author.citation_id 
_citation_author.name 
_citation_author.ordinal 
_citation_author.identifier_ORCID 
primary 'Li, M.'            1  ? 
primary 'Zhang, W.K.'       2  ? 
primary 'Benvin, N.M.'      3  ? 
primary 'Zhou, X.'          4  ? 
primary 'Su, D.'            5  ? 
primary 'Li, H.'            6  ? 
primary 'Wang, S.'          7  ? 
primary 'Michailidis, I.E.' 8  ? 
primary 'Tong, L.'          9  ? 
primary 'Li, X.'            10 ? 
primary 'Yang, J.'          11 ? 
# 
loop_
_entity.id 
_entity.type 
_entity.src_method 
_entity.pdbx_description 
_entity.formula_weight 
_entity.pdbx_number_of_molecules 
_entity.pdbx_ec 
_entity.pdbx_mutation 
_entity.pdbx_fragment 
_entity.details 
1 polymer man Mucolipin-1 25195.057 1   ? ? 'UNP residues 84-296' ? 
2 water   nat water       18.015    111 ? ? ?                     ? 
# 
_entity_name_com.entity_id   1 
_entity_name_com.name        MG-2,Mucolipidin 
# 
_entity_poly.entity_id                      1 
_entity_poly.type                           'polypeptide(L)' 
_entity_poly.nstd_linkage                   no 
_entity_poly.nstd_monomer                   no 
_entity_poly.pdbx_seq_one_letter_code       
;GSGLSNQLAVTFREENTIAFRHLFLLGYSDGADDTFAAYTREQLYQAIFHAVDQYLALPDVSLGRYAYVRGGGDPWTNGS
GLALCQRYYHRGHVDPANDTFDIDPMVVTDCIQVDPPERPPPPPSDDLTLLESSSSYKNLTLKFHKLVNVTIHFRLKTIN
LQSLINNEIPDCYTFSVLITFDNKAHSGRIPISLETQAHIQECKHPSVFQHGDNSLEHHHHHH
;
_entity_poly.pdbx_seq_one_letter_code_can   
;GSGLSNQLAVTFREENTIAFRHLFLLGYSDGADDTFAAYTREQLYQAIFHAVDQYLALPDVSLGRYAYVRGGGDPWTNGS
GLALCQRYYHRGHVDPANDTFDIDPMVVTDCIQVDPPERPPPPPSDDLTLLESSSSYKNLTLKFHKLVNVTIHFRLKTIN
LQSLINNEIPDCYTFSVLITFDNKAHSGRIPISLETQAHIQECKHPSVFQHGDNSLEHHHHHH
;
_entity_poly.pdbx_strand_id                 A 
_entity_poly.pdbx_target_identifier         ? 
# 
_pdbx_entity_nonpoly.entity_id   2 
_pdbx_entity_nonpoly.name        water 
_pdbx_entity_nonpoly.comp_id     HOH 
# 
loop_
_entity_poly_seq.entity_id 
_entity_poly_seq.num 
_entity_poly_seq.mon_id 
_entity_poly_seq.hetero 
1 1   GLY n 
1 2   SER n 
1 3   GLY n 
1 4   LEU n 
1 5   SER n 
1 6   ASN n 
1 7   GLN n 
1 8   LEU n 
1 9   ALA n 
1 10  VAL n 
1 11  THR n 
1 12  PHE n 
1 13  ARG n 
1 14  GLU n 
1 15  GLU n 
1 16  ASN n 
1 17  THR n 
1 18  ILE n 
1 19  ALA n 
1 20  PHE n 
1 21  ARG n 
1 22  HIS n 
1 23  LEU n 
1 24  PHE n 
1 25  LEU n 
1 26  LEU n 
1 27  GLY n 
1 28  TYR n 
1 29  SER n 
1 30  ASP n 
1 31  GLY n 
1 32  ALA n 
1 33  ASP n 
1 34  ASP n 
1 35  THR n 
1 36  PHE n 
1 37  ALA n 
1 38  ALA n 
1 39  TYR n 
1 40  THR n 
1 41  ARG n 
1 42  GLU n 
1 43  GLN n 
1 44  LEU n 
1 45  TYR n 
1 46  GLN n 
1 47  ALA n 
1 48  ILE n 
1 49  PHE n 
1 50  HIS n 
1 51  ALA n 
1 52  VAL n 
1 53  ASP n 
1 54  GLN n 
1 55  TYR n 
1 56  LEU n 
1 57  ALA n 
1 58  LEU n 
1 59  PRO n 
1 60  ASP n 
1 61  VAL n 
1 62  SER n 
1 63  LEU n 
1 64  GLY n 
1 65  ARG n 
1 66  TYR n 
1 67  ALA n 
1 68  TYR n 
1 69  VAL n 
1 70  ARG n 
1 71  GLY n 
1 72  GLY n 
1 73  GLY n 
1 74  ASP n 
1 75  PRO n 
1 76  TRP n 
1 77  THR n 
1 78  ASN n 
1 79  GLY n 
1 80  SER n 
1 81  GLY n 
1 82  LEU n 
1 83  ALA n 
1 84  LEU n 
1 85  CYS n 
1 86  GLN n 
1 87  ARG n 
1 88  TYR n 
1 89  TYR n 
1 90  HIS n 
1 91  ARG n 
1 92  GLY n 
1 93  HIS n 
1 94  VAL n 
1 95  ASP n 
1 96  PRO n 
1 97  ALA n 
1 98  ASN n 
1 99  ASP n 
1 100 THR n 
1 101 PHE n 
1 102 ASP n 
1 103 ILE n 
1 104 ASP n 
1 105 PRO n 
1 106 MET n 
1 107 VAL n 
1 108 VAL n 
1 109 THR n 
1 110 ASP n 
1 111 CYS n 
1 112 ILE n 
1 113 GLN n 
1 114 VAL n 
1 115 ASP n 
1 116 PRO n 
1 117 PRO n 
1 118 GLU n 
1 119 ARG n 
1 120 PRO n 
1 121 PRO n 
1 122 PRO n 
1 123 PRO n 
1 124 PRO n 
1 125 SER n 
1 126 ASP n 
1 127 ASP n 
1 128 LEU n 
1 129 THR n 
1 130 LEU n 
1 131 LEU n 
1 132 GLU n 
1 133 SER n 
1 134 SER n 
1 135 SER n 
1 136 SER n 
1 137 TYR n 
1 138 LYS n 
1 139 ASN n 
1 140 LEU n 
1 141 THR n 
1 142 LEU n 
1 143 LYS n 
1 144 PHE n 
1 145 HIS n 
1 146 LYS n 
1 147 LEU n 
1 148 VAL n 
1 149 ASN n 
1 150 VAL n 
1 151 THR n 
1 152 ILE n 
1 153 HIS n 
1 154 PHE n 
1 155 ARG n 
1 156 LEU n 
1 157 LYS n 
1 158 THR n 
1 159 ILE n 
1 160 ASN n 
1 161 LEU n 
1 162 GLN n 
1 163 SER n 
1 164 LEU n 
1 165 ILE n 
1 166 ASN n 
1 167 ASN n 
1 168 GLU n 
1 169 ILE n 
1 170 PRO n 
1 171 ASP n 
1 172 CYS n 
1 173 TYR n 
1 174 THR n 
1 175 PHE n 
1 176 SER n 
1 177 VAL n 
1 178 LEU n 
1 179 ILE n 
1 180 THR n 
1 181 PHE n 
1 182 ASP n 
1 183 ASN n 
1 184 LYS n 
1 185 ALA n 
1 186 HIS n 
1 187 SER n 
1 188 GLY n 
1 189 ARG n 
1 190 ILE n 
1 191 PRO n 
1 192 ILE n 
1 193 SER n 
1 194 LEU n 
1 195 GLU n 
1 196 THR n 
1 197 GLN n 
1 198 ALA n 
1 199 HIS n 
1 200 ILE n 
1 201 GLN n 
1 202 GLU n 
1 203 CYS n 
1 204 LYS n 
1 205 HIS n 
1 206 PRO n 
1 207 SER n 
1 208 VAL n 
1 209 PHE n 
1 210 GLN n 
1 211 HIS n 
1 212 GLY n 
1 213 ASP n 
1 214 ASN n 
1 215 SER n 
1 216 LEU n 
1 217 GLU n 
1 218 HIS n 
1 219 HIS n 
1 220 HIS n 
1 221 HIS n 
1 222 HIS n 
1 223 HIS n 
# 
_entity_src_gen.entity_id                          1 
_entity_src_gen.pdbx_src_id                        1 
_entity_src_gen.pdbx_alt_source_flag               sample 
_entity_src_gen.pdbx_seq_type                      'Biological sequence' 
_entity_src_gen.pdbx_beg_seq_num                   1 
_entity_src_gen.pdbx_end_seq_num                   223 
_entity_src_gen.gene_src_common_name               Human 
_entity_src_gen.gene_src_genus                     ? 
_entity_src_gen.pdbx_gene_src_gene                 'MCOLN1, ML4, MSTP080' 
_entity_src_gen.gene_src_species                   ? 
_entity_src_gen.gene_src_strain                    ? 
_entity_src_gen.gene_src_tissue                    ? 
_entity_src_gen.gene_src_tissue_fraction           ? 
_entity_src_gen.gene_src_details                   ? 
_entity_src_gen.pdbx_gene_src_fragment             ? 
_entity_src_gen.pdbx_gene_src_scientific_name      'Homo sapiens' 
_entity_src_gen.pdbx_gene_src_ncbi_taxonomy_id     9606 
_entity_src_gen.pdbx_gene_src_variant              ? 
_entity_src_gen.pdbx_gene_src_cell_line            ? 
_entity_src_gen.pdbx_gene_src_atcc                 ? 
_entity_src_gen.pdbx_gene_src_organ                ? 
_entity_src_gen.pdbx_gene_src_organelle            ? 
_entity_src_gen.pdbx_gene_src_cell                 ? 
_entity_src_gen.pdbx_gene_src_cellular_location    ? 
_entity_src_gen.host_org_common_name               ? 
_entity_src_gen.pdbx_host_org_scientific_name      'Escherichia coli' 
_entity_src_gen.pdbx_host_org_ncbi_taxonomy_id     562 
_entity_src_gen.host_org_genus                     ? 
_entity_src_gen.pdbx_host_org_gene                 ? 
_entity_src_gen.pdbx_host_org_organ                ? 
_entity_src_gen.host_org_species                   ? 
_entity_src_gen.pdbx_host_org_tissue               ? 
_entity_src_gen.pdbx_host_org_tissue_fraction      ? 
_entity_src_gen.pdbx_host_org_strain               DE3 
_entity_src_gen.pdbx_host_org_variant              'Rosetta-gami 2' 
_entity_src_gen.pdbx_host_org_cell_line            ? 
_entity_src_gen.pdbx_host_org_atcc                 ? 
_entity_src_gen.pdbx_host_org_culture_collection   ? 
_entity_src_gen.pdbx_host_org_cell                 ? 
_entity_src_gen.pdbx_host_org_organelle            ? 
_entity_src_gen.pdbx_host_org_cellular_location    ? 
_entity_src_gen.pdbx_host_org_vector_type          plasmid 
_entity_src_gen.pdbx_host_org_vector               ? 
_entity_src_gen.host_org_details                   ? 
_entity_src_gen.expression_system_id               ? 
_entity_src_gen.plasmid_name                       pET26b 
_entity_src_gen.plasmid_details                    ? 
_entity_src_gen.pdbx_description                   ? 
# 
loop_
_chem_comp.id 
_chem_comp.type 
_chem_comp.mon_nstd_flag 
_chem_comp.name 
_chem_comp.pdbx_synonyms 
_chem_comp.formula 
_chem_comp.formula_weight 
ALA 'L-peptide linking' y ALANINE         ? 'C3 H7 N O2'     89.093  
ARG 'L-peptide linking' y ARGININE        ? 'C6 H15 N4 O2 1' 175.209 
ASN 'L-peptide linking' y ASPARAGINE      ? 'C4 H8 N2 O3'    132.118 
ASP 'L-peptide linking' y 'ASPARTIC ACID' ? 'C4 H7 N O4'     133.103 
CYS 'L-peptide linking' y CYSTEINE        ? 'C3 H7 N O2 S'   121.158 
GLN 'L-peptide linking' y GLUTAMINE       ? 'C5 H10 N2 O3'   146.144 
GLU 'L-peptide linking' y 'GLUTAMIC ACID' ? 'C5 H9 N O4'     147.129 
GLY 'peptide linking'   y GLYCINE         ? 'C2 H5 N O2'     75.067  
HIS 'L-peptide linking' y HISTIDINE       ? 'C6 H10 N3 O2 1' 156.162 
HOH non-polymer         . WATER           ? 'H2 O'           18.015  
ILE 'L-peptide linking' y ISOLEUCINE      ? 'C6 H13 N O2'    131.173 
LEU 'L-peptide linking' y LEUCINE         ? 'C6 H13 N O2'    131.173 
LYS 'L-peptide linking' y LYSINE          ? 'C6 H15 N2 O2 1' 147.195 
MET 'L-peptide linking' y METHIONINE      ? 'C5 H11 N O2 S'  149.211 
PHE 'L-peptide linking' y PHENYLALANINE   ? 'C9 H11 N O2'    165.189 
PRO 'L-peptide linking' y PROLINE         ? 'C5 H9 N O2'     115.130 
SER 'L-peptide linking' y SERINE          ? 'C3 H7 N O3'     105.093 
THR 'L-peptide linking' y THREONINE       ? 'C4 H9 N O3'     119.119 
TRP 'L-peptide linking' y TRYPTOPHAN      ? 'C11 H12 N2 O2'  204.225 
TYR 'L-peptide linking' y TYROSINE        ? 'C9 H11 N O3'    181.189 
VAL 'L-peptide linking' y VALINE          ? 'C5 H11 N O2'    117.146 
# 
loop_
_pdbx_poly_seq_scheme.asym_id 
_pdbx_poly_seq_scheme.entity_id 
_pdbx_poly_seq_scheme.seq_id 
_pdbx_poly_seq_scheme.mon_id 
_pdbx_poly_seq_scheme.ndb_seq_num 
_pdbx_poly_seq_scheme.pdb_seq_num 
_pdbx_poly_seq_scheme.auth_seq_num 
_pdbx_poly_seq_scheme.pdb_mon_id 
_pdbx_poly_seq_scheme.auth_mon_id 
_pdbx_poly_seq_scheme.pdb_strand_id 
_pdbx_poly_seq_scheme.pdb_ins_code 
_pdbx_poly_seq_scheme.hetero 
A 1 1   GLY 1   82  82  GLY GLY A . n 
A 1 2   SER 2   83  83  SER SER A . n 
A 1 3   GLY 3   84  84  GLY GLY A . n 
A 1 4   LEU 4   85  85  LEU LEU A . n 
A 1 5   SER 5   86  86  SER SER A . n 
A 1 6   ASN 6   87  87  ASN ASN A . n 
A 1 7   GLN 7   88  88  GLN GLN A . n 
A 1 8   LEU 8   89  89  LEU LEU A . n 
A 1 9   ALA 9   90  90  ALA ALA A . n 
A 1 10  VAL 10  91  91  VAL VAL A . n 
A 1 11  THR 11  92  92  THR THR A . n 
A 1 12  PHE 12  93  93  PHE PHE A . n 
A 1 13  ARG 13  94  94  ARG ARG A . n 
A 1 14  GLU 14  95  95  GLU GLU A . n 
A 1 15  GLU 15  96  96  GLU GLU A . n 
A 1 16  ASN 16  97  97  ASN ASN A . n 
A 1 17  THR 17  98  98  THR THR A . n 
A 1 18  ILE 18  99  99  ILE ILE A . n 
A 1 19  ALA 19  100 100 ALA ALA A . n 
A 1 20  PHE 20  101 101 PHE PHE A . n 
A 1 21  ARG 21  102 102 ARG ARG A . n 
A 1 22  HIS 22  103 103 HIS HIS A . n 
A 1 23  LEU 23  104 104 LEU LEU A . n 
A 1 24  PHE 24  105 105 PHE PHE A . n 
A 1 25  LEU 25  106 106 LEU LEU A . n 
A 1 26  LEU 26  107 107 LEU LEU A . n 
A 1 27  GLY 27  108 108 GLY GLY A . n 
A 1 28  TYR 28  109 109 TYR TYR A . n 
A 1 29  SER 29  110 110 SER SER A . n 
A 1 30  ASP 30  111 111 ASP ASP A . n 
A 1 31  GLY 31  112 112 GLY GLY A . n 
A 1 32  ALA 32  113 113 ALA ALA A . n 
A 1 33  ASP 33  114 114 ASP ASP A . n 
A 1 34  ASP 34  115 115 ASP ASP A . n 
A 1 35  THR 35  116 116 THR THR A . n 
A 1 36  PHE 36  117 117 PHE PHE A . n 
A 1 37  ALA 37  118 118 ALA ALA A . n 
A 1 38  ALA 38  119 119 ALA ALA A . n 
A 1 39  TYR 39  120 120 TYR TYR A . n 
A 1 40  THR 40  121 121 THR THR A . n 
A 1 41  ARG 41  122 122 ARG ARG A . n 
A 1 42  GLU 42  123 123 GLU GLU A . n 
A 1 43  GLN 43  124 124 GLN GLN A . n 
A 1 44  LEU 44  125 125 LEU LEU A . n 
A 1 45  TYR 45  126 126 TYR TYR A . n 
A 1 46  GLN 46  127 127 GLN GLN A . n 
A 1 47  ALA 47  128 128 ALA ALA A . n 
A 1 48  ILE 48  129 129 ILE ILE A . n 
A 1 49  PHE 49  130 130 PHE PHE A . n 
A 1 50  HIS 50  131 131 HIS HIS A . n 
A 1 51  ALA 51  132 132 ALA ALA A . n 
A 1 52  VAL 52  133 133 VAL VAL A . n 
A 1 53  ASP 53  134 134 ASP ASP A . n 
A 1 54  GLN 54  135 135 GLN GLN A . n 
A 1 55  TYR 55  136 136 TYR TYR A . n 
A 1 56  LEU 56  137 137 LEU LEU A . n 
A 1 57  ALA 57  138 138 ALA ALA A . n 
A 1 58  LEU 58  139 139 LEU LEU A . n 
A 1 59  PRO 59  140 140 PRO PRO A . n 
A 1 60  ASP 60  141 141 ASP ASP A . n 
A 1 61  VAL 61  142 142 VAL VAL A . n 
A 1 62  SER 62  143 143 SER SER A . n 
A 1 63  LEU 63  144 144 LEU LEU A . n 
A 1 64  GLY 64  145 145 GLY GLY A . n 
A 1 65  ARG 65  146 146 ARG ARG A . n 
A 1 66  TYR 66  147 147 TYR TYR A . n 
A 1 67  ALA 67  148 148 ALA ALA A . n 
A 1 68  TYR 68  149 149 TYR TYR A . n 
A 1 69  VAL 69  150 150 VAL VAL A . n 
A 1 70  ARG 70  151 151 ARG ARG A . n 
A 1 71  GLY 71  152 152 GLY GLY A . n 
A 1 72  GLY 72  153 153 GLY GLY A . n 
A 1 73  GLY 73  154 154 GLY GLY A . n 
A 1 74  ASP 74  155 155 ASP ASP A . n 
A 1 75  PRO 75  156 156 PRO PRO A . n 
A 1 76  TRP 76  157 157 TRP TRP A . n 
A 1 77  THR 77  158 158 THR THR A . n 
A 1 78  ASN 78  159 159 ASN ASN A . n 
A 1 79  GLY 79  160 160 GLY GLY A . n 
A 1 80  SER 80  161 161 SER SER A . n 
A 1 81  GLY 81  162 162 GLY GLY A . n 
A 1 82  LEU 82  163 163 LEU LEU A . n 
A 1 83  ALA 83  164 164 ALA ALA A . n 
A 1 84  LEU 84  165 165 LEU LEU A . n 
A 1 85  CYS 85  166 166 CYS CYS A . n 
A 1 86  GLN 86  167 167 GLN GLN A . n 
A 1 87  ARG 87  168 168 ARG ARG A . n 
A 1 88  TYR 88  169 169 TYR TYR A . n 
A 1 89  TYR 89  170 170 TYR TYR A . n 
A 1 90  HIS 90  171 171 HIS HIS A . n 
A 1 91  ARG 91  172 172 ARG ARG A . n 
A 1 92  GLY 92  173 173 GLY GLY A . n 
A 1 93  HIS 93  174 174 HIS HIS A . n 
A 1 94  VAL 94  175 175 VAL VAL A . n 
A 1 95  ASP 95  176 176 ASP ASP A . n 
A 1 96  PRO 96  177 177 PRO PRO A . n 
A 1 97  ALA 97  178 178 ALA ALA A . n 
A 1 98  ASN 98  179 179 ASN ASN A . n 
A 1 99  ASP 99  180 180 ASP ASP A . n 
A 1 100 THR 100 181 181 THR THR A . n 
A 1 101 PHE 101 182 182 PHE PHE A . n 
A 1 102 ASP 102 183 183 ASP ASP A . n 
A 1 103 ILE 103 184 184 ILE ILE A . n 
A 1 104 ASP 104 185 185 ASP ASP A . n 
A 1 105 PRO 105 186 186 PRO PRO A . n 
A 1 106 MET 106 187 187 MET MET A . n 
A 1 107 VAL 107 188 188 VAL VAL A . n 
A 1 108 VAL 108 189 189 VAL VAL A . n 
A 1 109 THR 109 190 190 THR THR A . n 
A 1 110 ASP 110 191 191 ASP ASP A . n 
A 1 111 CYS 111 192 192 CYS CYS A . n 
A 1 112 ILE 112 193 193 ILE ILE A . n 
A 1 113 GLN 113 194 194 GLN GLN A . n 
A 1 114 VAL 114 195 195 VAL VAL A . n 
A 1 115 ASP 115 196 196 ASP ASP A . n 
A 1 116 PRO 116 197 197 PRO PRO A . n 
A 1 117 PRO 117 198 198 PRO PRO A . n 
A 1 118 GLU 118 199 ?   ?   ?   A . n 
A 1 119 ARG 119 200 ?   ?   ?   A . n 
A 1 120 PRO 120 201 ?   ?   ?   A . n 
A 1 121 PRO 121 202 ?   ?   ?   A . n 
A 1 122 PRO 122 203 ?   ?   ?   A . n 
A 1 123 PRO 123 204 ?   ?   ?   A . n 
A 1 124 PRO 124 205 ?   ?   ?   A . n 
A 1 125 SER 125 206 ?   ?   ?   A . n 
A 1 126 ASP 126 207 ?   ?   ?   A . n 
A 1 127 ASP 127 208 ?   ?   ?   A . n 
A 1 128 LEU 128 209 ?   ?   ?   A . n 
A 1 129 THR 129 210 ?   ?   ?   A . n 
A 1 130 LEU 130 211 ?   ?   ?   A . n 
A 1 131 LEU 131 212 ?   ?   ?   A . n 
A 1 132 GLU 132 213 ?   ?   ?   A . n 
A 1 133 SER 133 214 ?   ?   ?   A . n 
A 1 134 SER 134 215 ?   ?   ?   A . n 
A 1 135 SER 135 216 ?   ?   ?   A . n 
A 1 136 SER 136 217 ?   ?   ?   A . n 
A 1 137 TYR 137 218 ?   ?   ?   A . n 
A 1 138 LYS 138 219 ?   ?   ?   A . n 
A 1 139 ASN 139 220 220 ASN ASN A . n 
A 1 140 LEU 140 221 221 LEU LEU A . n 
A 1 141 THR 141 222 222 THR THR A . n 
A 1 142 LEU 142 223 223 LEU LEU A . n 
A 1 143 LYS 143 224 224 LYS LYS A . n 
A 1 144 PHE 144 225 225 PHE PHE A . n 
A 1 145 HIS 145 226 226 HIS HIS A . n 
A 1 146 LYS 146 227 227 LYS LYS A . n 
A 1 147 LEU 147 228 228 LEU LEU A . n 
A 1 148 VAL 148 229 229 VAL VAL A . n 
A 1 149 ASN 149 230 230 ASN ASN A . n 
A 1 150 VAL 150 231 231 VAL VAL A . n 
A 1 151 THR 151 232 232 THR THR A . n 
A 1 152 ILE 152 233 233 ILE ILE A . n 
A 1 153 HIS 153 234 234 HIS HIS A . n 
A 1 154 PHE 154 235 235 PHE PHE A . n 
A 1 155 ARG 155 236 236 ARG ARG A . n 
A 1 156 LEU 156 237 237 LEU LEU A . n 
A 1 157 LYS 157 238 238 LYS LYS A . n 
A 1 158 THR 158 239 239 THR THR A . n 
A 1 159 ILE 159 240 240 ILE ILE A . n 
A 1 160 ASN 160 241 241 ASN ASN A . n 
A 1 161 LEU 161 242 242 LEU LEU A . n 
A 1 162 GLN 162 243 243 GLN GLN A . n 
A 1 163 SER 163 244 244 SER SER A . n 
A 1 164 LEU 164 245 245 LEU LEU A . n 
A 1 165 ILE 165 246 246 ILE ILE A . n 
A 1 166 ASN 166 247 247 ASN ASN A . n 
A 1 167 ASN 167 248 248 ASN ASN A . n 
A 1 168 GLU 168 249 249 GLU GLU A . n 
A 1 169 ILE 169 250 250 ILE ILE A . n 
A 1 170 PRO 170 251 251 PRO PRO A . n 
A 1 171 ASP 171 252 252 ASP ASP A . n 
A 1 172 CYS 172 253 253 CYS CYS A . n 
A 1 173 TYR 173 254 254 TYR TYR A . n 
A 1 174 THR 174 255 255 THR THR A . n 
A 1 175 PHE 175 256 256 PHE PHE A . n 
A 1 176 SER 176 257 257 SER SER A . n 
A 1 177 VAL 177 258 258 VAL VAL A . n 
A 1 178 LEU 178 259 259 LEU LEU A . n 
A 1 179 ILE 179 260 260 ILE ILE A . n 
A 1 180 THR 180 261 261 THR THR A . n 
A 1 181 PHE 181 262 262 PHE PHE A . n 
A 1 182 ASP 182 263 263 ASP ASP A . n 
A 1 183 ASN 183 264 264 ASN ASN A . n 
A 1 184 LYS 184 265 265 LYS LYS A . n 
A 1 185 ALA 185 266 266 ALA ALA A . n 
A 1 186 HIS 186 267 267 HIS HIS A . n 
A 1 187 SER 187 268 268 SER SER A . n 
A 1 188 GLY 188 269 269 GLY GLY A . n 
A 1 189 ARG 189 270 270 ARG ARG A . n 
A 1 190 ILE 190 271 271 ILE ILE A . n 
A 1 191 PRO 191 272 272 PRO PRO A . n 
A 1 192 ILE 192 273 273 ILE ILE A . n 
A 1 193 SER 193 274 274 SER SER A . n 
A 1 194 LEU 194 275 275 LEU LEU A . n 
A 1 195 GLU 195 276 276 GLU GLU A . n 
A 1 196 THR 196 277 277 THR THR A . n 
A 1 197 GLN 197 278 278 GLN GLN A . n 
A 1 198 ALA 198 279 279 ALA ALA A . n 
A 1 199 HIS 199 280 280 HIS HIS A . n 
A 1 200 ILE 200 281 281 ILE ILE A . n 
A 1 201 GLN 201 282 282 GLN GLN A . n 
A 1 202 GLU 202 283 283 GLU GLU A . n 
A 1 203 CYS 203 284 284 CYS CYS A . n 
A 1 204 LYS 204 285 285 LYS LYS A . n 
A 1 205 HIS 205 286 286 HIS HIS A . n 
A 1 206 PRO 206 287 287 PRO PRO A . n 
A 1 207 SER 207 288 288 SER SER A . n 
A 1 208 VAL 208 289 289 VAL VAL A . n 
A 1 209 PHE 209 290 290 PHE PHE A . n 
A 1 210 GLN 210 291 291 GLN GLN A . n 
A 1 211 HIS 211 292 292 HIS HIS A . n 
A 1 212 GLY 212 293 293 GLY GLY A . n 
A 1 213 ASP 213 294 ?   ?   ?   A . n 
A 1 214 ASN 214 295 ?   ?   ?   A . n 
A 1 215 SER 215 296 ?   ?   ?   A . n 
A 1 216 LEU 216 297 ?   ?   ?   A . n 
A 1 217 GLU 217 298 ?   ?   ?   A . n 
A 1 218 HIS 218 299 ?   ?   ?   A . n 
A 1 219 HIS 219 300 ?   ?   ?   A . n 
A 1 220 HIS 220 301 ?   ?   ?   A . n 
A 1 221 HIS 221 302 ?   ?   ?   A . n 
A 1 222 HIS 222 303 ?   ?   ?   A . n 
A 1 223 HIS 223 304 ?   ?   ?   A . n 
# 
loop_
_pdbx_nonpoly_scheme.asym_id 
_pdbx_nonpoly_scheme.entity_id 
_pdbx_nonpoly_scheme.mon_id 
_pdbx_nonpoly_scheme.ndb_seq_num 
_pdbx_nonpoly_scheme.pdb_seq_num 
_pdbx_nonpoly_scheme.auth_seq_num 
_pdbx_nonpoly_scheme.pdb_mon_id 
_pdbx_nonpoly_scheme.auth_mon_id 
_pdbx_nonpoly_scheme.pdb_strand_id 
_pdbx_nonpoly_scheme.pdb_ins_code 
B 2 HOH 1   401 17  HOH WAT A . 
B 2 HOH 2   402 64  HOH WAT A . 
B 2 HOH 3   403 11  HOH WAT A . 
B 2 HOH 4   404 106 HOH WAT A . 
B 2 HOH 5   405 6   HOH WAT A . 
B 2 HOH 6   406 109 HOH WAT A . 
B 2 HOH 7   407 12  HOH WAT A . 
B 2 HOH 8   408 51  HOH WAT A . 
B 2 HOH 9   409 27  HOH WAT A . 
B 2 HOH 10  410 67  HOH WAT A . 
B 2 HOH 11  411 2   HOH WAT A . 
B 2 HOH 12  412 22  HOH WAT A . 
B 2 HOH 13  413 24  HOH WAT A . 
B 2 HOH 14  414 23  HOH WAT A . 
B 2 HOH 15  415 69  HOH WAT A . 
B 2 HOH 16  416 4   HOH WAT A . 
B 2 HOH 17  417 8   HOH WAT A . 
B 2 HOH 18  418 13  HOH WAT A . 
B 2 HOH 19  419 56  HOH WAT A . 
B 2 HOH 20  420 111 HOH WAT A . 
B 2 HOH 21  421 78  HOH WAT A . 
B 2 HOH 22  422 33  HOH WAT A . 
B 2 HOH 23  423 77  HOH WAT A . 
B 2 HOH 24  424 62  HOH WAT A . 
B 2 HOH 25  425 75  HOH WAT A . 
B 2 HOH 26  426 60  HOH WAT A . 
B 2 HOH 27  427 7   HOH WAT A . 
B 2 HOH 28  428 98  HOH WAT A . 
B 2 HOH 29  429 43  HOH WAT A . 
B 2 HOH 30  430 48  HOH WAT A . 
B 2 HOH 31  431 10  HOH WAT A . 
B 2 HOH 32  432 107 HOH WAT A . 
B 2 HOH 33  433 16  HOH WAT A . 
B 2 HOH 34  434 76  HOH WAT A . 
B 2 HOH 35  435 50  HOH WAT A . 
B 2 HOH 36  436 46  HOH WAT A . 
B 2 HOH 37  437 54  HOH WAT A . 
B 2 HOH 38  438 49  HOH WAT A . 
B 2 HOH 39  439 1   HOH WAT A . 
B 2 HOH 40  440 74  HOH WAT A . 
B 2 HOH 41  441 26  HOH WAT A . 
B 2 HOH 42  442 15  HOH WAT A . 
B 2 HOH 43  443 47  HOH WAT A . 
B 2 HOH 44  444 5   HOH WAT A . 
B 2 HOH 45  445 73  HOH WAT A . 
B 2 HOH 46  446 19  HOH WAT A . 
B 2 HOH 47  447 21  HOH WAT A . 
B 2 HOH 48  448 90  HOH WAT A . 
B 2 HOH 49  449 105 HOH WAT A . 
B 2 HOH 50  450 45  HOH WAT A . 
B 2 HOH 51  451 68  HOH WAT A . 
B 2 HOH 52  452 104 HOH WAT A . 
B 2 HOH 53  453 42  HOH WAT A . 
B 2 HOH 54  454 14  HOH WAT A . 
B 2 HOH 55  455 41  HOH WAT A . 
B 2 HOH 56  456 66  HOH WAT A . 
B 2 HOH 57  457 82  HOH WAT A . 
B 2 HOH 58  458 3   HOH WAT A . 
B 2 HOH 59  459 18  HOH WAT A . 
B 2 HOH 60  460 37  HOH WAT A . 
B 2 HOH 61  461 35  HOH WAT A . 
B 2 HOH 62  462 28  HOH WAT A . 
B 2 HOH 63  463 38  HOH WAT A . 
B 2 HOH 64  464 85  HOH WAT A . 
B 2 HOH 65  465 9   HOH WAT A . 
B 2 HOH 66  466 31  HOH WAT A . 
B 2 HOH 67  467 40  HOH WAT A . 
B 2 HOH 68  468 89  HOH WAT A . 
B 2 HOH 69  469 29  HOH WAT A . 
B 2 HOH 70  470 20  HOH WAT A . 
B 2 HOH 71  471 44  HOH WAT A . 
B 2 HOH 72  472 34  HOH WAT A . 
B 2 HOH 73  473 36  HOH WAT A . 
B 2 HOH 74  474 30  HOH WAT A . 
B 2 HOH 75  475 108 HOH WAT A . 
B 2 HOH 76  476 52  HOH WAT A . 
B 2 HOH 77  477 88  HOH WAT A . 
B 2 HOH 78  478 32  HOH WAT A . 
B 2 HOH 79  479 39  HOH WAT A . 
B 2 HOH 80  480 102 HOH WAT A . 
B 2 HOH 81  481 103 HOH WAT A . 
B 2 HOH 82  482 83  HOH WAT A . 
B 2 HOH 83  483 86  HOH WAT A . 
B 2 HOH 84  484 91  HOH WAT A . 
B 2 HOH 85  485 97  HOH WAT A . 
B 2 HOH 86  486 100 HOH WAT A . 
B 2 HOH 87  487 53  HOH WAT A . 
B 2 HOH 88  488 92  HOH WAT A . 
B 2 HOH 89  489 93  HOH WAT A . 
B 2 HOH 90  490 57  HOH WAT A . 
B 2 HOH 91  491 84  HOH WAT A . 
B 2 HOH 92  492 79  HOH WAT A . 
B 2 HOH 93  493 99  HOH WAT A . 
B 2 HOH 94  494 55  HOH WAT A . 
B 2 HOH 95  495 80  HOH WAT A . 
B 2 HOH 96  496 58  HOH WAT A . 
B 2 HOH 97  497 81  HOH WAT A . 
B 2 HOH 98  498 72  HOH WAT A . 
B 2 HOH 99  499 25  HOH WAT A . 
B 2 HOH 100 500 61  HOH WAT A . 
B 2 HOH 101 501 63  HOH WAT A . 
B 2 HOH 102 502 70  HOH WAT A . 
B 2 HOH 103 503 65  HOH WAT A . 
B 2 HOH 104 504 71  HOH WAT A . 
B 2 HOH 105 505 110 HOH WAT A . 
B 2 HOH 106 506 87  HOH WAT A . 
B 2 HOH 107 507 59  HOH WAT A . 
B 2 HOH 108 508 101 HOH WAT A . 
B 2 HOH 109 509 95  HOH WAT A . 
B 2 HOH 110 510 96  HOH WAT A . 
B 2 HOH 111 511 94  HOH WAT A . 
# 
loop_
_software.citation_id 
_software.classification 
_software.compiler_name 
_software.compiler_version 
_software.contact_author 
_software.contact_author_email 
_software.date 
_software.description 
_software.dependencies 
_software.hardware 
_software.language 
_software.location 
_software.mods 
_software.name 
_software.os 
_software.os_version 
_software.type 
_software.version 
_software.pdbx_ordinal 
? 'data scaling'   ? ? ? ? ? ? ? ? ? ? ? HKL-2000 ? ? ? . 1 
? phasing          ? ? ? ? ? ? ? ? ? ? ? SnB      ? ? ? . 2 
? phasing          ? ? ? ? ? ? ? ? ? ? ? SOLVE    ? ? ? . 3 
? phasing          ? ? ? ? ? ? ? ? ? ? ? RESOLVE  ? ? ? . 4 
? refinement       ? ? ? ? ? ? ? ? ? ? ? CNS      ? ? ? . 5 
? 'data reduction' ? ? ? ? ? ? ? ? ? ? ? HKL-2000 ? ? ? . 6 
# 
_cell.angle_alpha                  90.000 
_cell.angle_alpha_esd              ? 
_cell.angle_beta                   90.000 
_cell.angle_beta_esd               ? 
_cell.angle_gamma                  90.000 
_cell.angle_gamma_esd              ? 
_cell.entry_id                     5TJA 
_cell.details                      ? 
_cell.formula_units_Z              ? 
_cell.length_a                     125.321 
_cell.length_a_esd                 ? 
_cell.length_b                     125.321 
_cell.length_b_esd                 ? 
_cell.length_c                     76.680 
_cell.length_c_esd                 ? 
_cell.volume                       ? 
_cell.volume_esd                   ? 
_cell.Z_PDB                        16 
_cell.reciprocal_angle_alpha       ? 
_cell.reciprocal_angle_beta        ? 
_cell.reciprocal_angle_gamma       ? 
_cell.reciprocal_angle_alpha_esd   ? 
_cell.reciprocal_angle_beta_esd    ? 
_cell.reciprocal_angle_gamma_esd   ? 
_cell.reciprocal_length_a          ? 
_cell.reciprocal_length_b          ? 
_cell.reciprocal_length_c          ? 
_cell.reciprocal_length_a_esd      ? 
_cell.reciprocal_length_b_esd      ? 
_cell.reciprocal_length_c_esd      ? 
_cell.pdbx_unique_axis             ? 
# 
_symmetry.entry_id                         5TJA 
_symmetry.cell_setting                     ? 
_symmetry.Int_Tables_number                97 
_symmetry.space_group_name_Hall            ? 
_symmetry.space_group_name_H-M             'I 4 2 2' 
_symmetry.pdbx_full_space_group_name_H-M   ? 
# 
_exptl.absorpt_coefficient_mu     ? 
_exptl.absorpt_correction_T_max   ? 
_exptl.absorpt_correction_T_min   ? 
_exptl.absorpt_correction_type    ? 
_exptl.absorpt_process_details    ? 
_exptl.entry_id                   5TJA 
_exptl.crystals_number            1 
_exptl.details                    ? 
_exptl.method                     'X-RAY DIFFRACTION' 
_exptl.method_details             ? 
# 
_exptl_crystal.colour                      ? 
_exptl_crystal.density_diffrn              ? 
_exptl_crystal.density_Matthews            3.12 
_exptl_crystal.density_method              ? 
_exptl_crystal.density_percent_sol         60.58 
_exptl_crystal.description                 ? 
_exptl_crystal.F_000                       ? 
_exptl_crystal.id                          1 
_exptl_crystal.preparation                 ? 
_exptl_crystal.size_max                    ? 
_exptl_crystal.size_mid                    ? 
_exptl_crystal.size_min                    ? 
_exptl_crystal.size_rad                    ? 
_exptl_crystal.colour_lustre               ? 
_exptl_crystal.colour_modifier             ? 
_exptl_crystal.colour_primary              ? 
_exptl_crystal.density_meas                ? 
_exptl_crystal.density_meas_esd            ? 
_exptl_crystal.density_meas_gt             ? 
_exptl_crystal.density_meas_lt             ? 
_exptl_crystal.density_meas_temp           ? 
_exptl_crystal.density_meas_temp_esd       ? 
_exptl_crystal.density_meas_temp_gt        ? 
_exptl_crystal.density_meas_temp_lt        ? 
_exptl_crystal.pdbx_crystal_image_url      ? 
_exptl_crystal.pdbx_crystal_image_format   ? 
_exptl_crystal.pdbx_mosaicity              ? 
_exptl_crystal.pdbx_mosaicity_esd          ? 
# 
_exptl_crystal_grow.apparatus       ? 
_exptl_crystal_grow.atmosphere      ? 
_exptl_crystal_grow.crystal_id      1 
_exptl_crystal_grow.details         ? 
_exptl_crystal_grow.method          'VAPOR DIFFUSION, HANGING DROP' 
_exptl_crystal_grow.method_ref      ? 
_exptl_crystal_grow.pH              6.0 
_exptl_crystal_grow.pressure        ? 
_exptl_crystal_grow.pressure_esd    ? 
_exptl_crystal_grow.seeding         ? 
_exptl_crystal_grow.seeding_ref     ? 
_exptl_crystal_grow.temp            289 
_exptl_crystal_grow.temp_details    ? 
_exptl_crystal_grow.temp_esd        ? 
_exptl_crystal_grow.time            ? 
_exptl_crystal_grow.pdbx_details    
;1.38 M sodium phosphate monobasic monohydrate, 0.42 M potassium phosphate dibasic, pH 6.0, and 5% pentaerythritol ethoxylate (3/4 EO/OH)
;
_exptl_crystal_grow.pdbx_pH_range   ? 
# 
_diffrn.ambient_environment    ? 
_diffrn.ambient_temp           100 
_diffrn.ambient_temp_details   ? 
_diffrn.ambient_temp_esd       ? 
_diffrn.crystal_id             1 
_diffrn.crystal_support        ? 
_diffrn.crystal_treatment      ? 
_diffrn.details                ? 
_diffrn.id                     1 
_diffrn.ambient_pressure       ? 
_diffrn.ambient_pressure_esd   ? 
_diffrn.ambient_pressure_gt    ? 
_diffrn.ambient_pressure_lt    ? 
_diffrn.ambient_temp_gt        ? 
_diffrn.ambient_temp_lt        ? 
# 
_diffrn_detector.details                      ? 
_diffrn_detector.detector                     'IMAGE PLATE' 
_diffrn_detector.diffrn_id                    1 
_diffrn_detector.type                         'RIGAKU RAXIS IV' 
_diffrn_detector.area_resol_mean              ? 
_diffrn_detector.dtime                        ? 
_diffrn_detector.pdbx_frames_total            ? 
_diffrn_detector.pdbx_collection_time_total   ? 
_diffrn_detector.pdbx_collection_date         2011-03-26 
# 
_diffrn_radiation.collimation                      ? 
_diffrn_radiation.diffrn_id                        1 
_diffrn_radiation.filter_edge                      ? 
_diffrn_radiation.inhomogeneity                    ? 
_diffrn_radiation.monochromator                    ? 
_diffrn_radiation.polarisn_norm                    ? 
_diffrn_radiation.polarisn_ratio                   ? 
_diffrn_radiation.probe                            ? 
_diffrn_radiation.type                             ? 
_diffrn_radiation.xray_symbol                      ? 
_diffrn_radiation.wavelength_id                    1 
_diffrn_radiation.pdbx_monochromatic_or_laue_m_l   M 
_diffrn_radiation.pdbx_wavelength_list             ? 
_diffrn_radiation.pdbx_wavelength                  ? 
_diffrn_radiation.pdbx_diffrn_protocol             'SINGLE WAVELENGTH' 
_diffrn_radiation.pdbx_analyzer                    ? 
_diffrn_radiation.pdbx_scattering_type             x-ray 
# 
_diffrn_radiation_wavelength.id           1 
_diffrn_radiation_wavelength.wavelength   1.5418 
_diffrn_radiation_wavelength.wt           1.0 
# 
_diffrn_source.current                     ? 
_diffrn_source.details                     ? 
_diffrn_source.diffrn_id                   1 
_diffrn_source.power                       ? 
_diffrn_source.size                        ? 
_diffrn_source.source                      'ROTATING ANODE' 
_diffrn_source.target                      ? 
_diffrn_source.type                        'RIGAKU RUH3R' 
_diffrn_source.voltage                     ? 
_diffrn_source.take-off_angle              ? 
_diffrn_source.pdbx_wavelength_list        1.5418 
_diffrn_source.pdbx_wavelength             ? 
_diffrn_source.pdbx_synchrotron_beamline   ? 
_diffrn_source.pdbx_synchrotron_site       ? 
# 
_reflns.B_iso_Wilson_estimate            ? 
_reflns.entry_id                         5TJA 
_reflns.data_reduction_details           ? 
_reflns.data_reduction_method            ? 
_reflns.d_resolution_high                2.3 
_reflns.d_resolution_low                 20.0 
_reflns.details                          ? 
_reflns.limit_h_max                      ? 
_reflns.limit_h_min                      ? 
_reflns.limit_k_max                      ? 
_reflns.limit_k_min                      ? 
_reflns.limit_l_max                      ? 
_reflns.limit_l_min                      ? 
_reflns.number_all                       ? 
_reflns.number_obs                       13829 
_reflns.observed_criterion               ? 
_reflns.observed_criterion_F_max         ? 
_reflns.observed_criterion_F_min         ? 
_reflns.observed_criterion_I_max         ? 
_reflns.observed_criterion_I_min         ? 
_reflns.observed_criterion_sigma_F       ? 
_reflns.observed_criterion_sigma_I       ? 
_reflns.percent_possible_obs             99.9 
_reflns.R_free_details                   ? 
_reflns.Rmerge_F_all                     ? 
_reflns.Rmerge_F_obs                     ? 
_reflns.Friedel_coverage                 ? 
_reflns.number_gt                        ? 
_reflns.threshold_expression             ? 
_reflns.pdbx_redundancy                  7.2 
_reflns.pdbx_Rmerge_I_obs                ? 
_reflns.pdbx_Rmerge_I_all                ? 
_reflns.pdbx_Rsym_value                  0.099 
_reflns.pdbx_netI_over_av_sigmaI         ? 
_reflns.pdbx_netI_over_sigmaI            20.0 
_reflns.pdbx_res_netI_over_av_sigmaI_2   ? 
_reflns.pdbx_res_netI_over_sigmaI_2      ? 
_reflns.pdbx_chi_squared                 ? 
_reflns.pdbx_scaling_rejects             ? 
_reflns.pdbx_d_res_high_opt              ? 
_reflns.pdbx_d_res_low_opt               ? 
_reflns.pdbx_d_res_opt_method            ? 
_reflns.phase_calculation_details        ? 
_reflns.pdbx_Rrim_I_all                  ? 
_reflns.pdbx_Rpim_I_all                  ? 
_reflns.pdbx_d_opt                       ? 
_reflns.pdbx_number_measured_all         ? 
_reflns.pdbx_diffrn_id                   1 
_reflns.pdbx_ordinal                     1 
_reflns.pdbx_CC_half                     ? 
_reflns.pdbx_R_split                     ? 
# 
_reflns_shell.d_res_high                  2.30 
_reflns_shell.d_res_low                   2.38 
_reflns_shell.meanI_over_sigI_all         ? 
_reflns_shell.meanI_over_sigI_obs         4.6 
_reflns_shell.number_measured_all         ? 
_reflns_shell.number_measured_obs         ? 
_reflns_shell.number_possible             ? 
_reflns_shell.number_unique_all           ? 
_reflns_shell.number_unique_obs           ? 
_reflns_shell.percent_possible_all        99.6 
_reflns_shell.percent_possible_obs        ? 
_reflns_shell.Rmerge_F_all                ? 
_reflns_shell.Rmerge_F_obs                ? 
_reflns_shell.Rmerge_I_all                ? 
_reflns_shell.Rmerge_I_obs                0.377 
_reflns_shell.meanI_over_sigI_gt          ? 
_reflns_shell.meanI_over_uI_all           ? 
_reflns_shell.meanI_over_uI_gt            ? 
_reflns_shell.number_measured_gt          ? 
_reflns_shell.number_unique_gt            ? 
_reflns_shell.percent_possible_gt         ? 
_reflns_shell.Rmerge_F_gt                 ? 
_reflns_shell.Rmerge_I_gt                 ? 
_reflns_shell.pdbx_redundancy             6.1 
_reflns_shell.pdbx_Rsym_value             ? 
_reflns_shell.pdbx_chi_squared            ? 
_reflns_shell.pdbx_netI_over_sigmaI_all   ? 
_reflns_shell.pdbx_netI_over_sigmaI_obs   ? 
_reflns_shell.pdbx_Rrim_I_all             ? 
_reflns_shell.pdbx_Rpim_I_all             ? 
_reflns_shell.pdbx_rejects                ? 
_reflns_shell.pdbx_ordinal                1 
_reflns_shell.pdbx_diffrn_id              1 
_reflns_shell.pdbx_CC_half                ? 
_reflns_shell.pdbx_R_split                ? 
# 
_refine.aniso_B[1][1]                            -6.5420 
_refine.aniso_B[1][2]                            0.0000 
_refine.aniso_B[1][3]                            0.0000 
_refine.aniso_B[2][2]                            -6.5420 
_refine.aniso_B[2][3]                            0.0000 
_refine.aniso_B[3][3]                            13.0840 
_refine.B_iso_max                                79.820 
_refine.B_iso_mean                               33.4623 
_refine.B_iso_min                                9.880 
_refine.correlation_coeff_Fo_to_Fc               ? 
_refine.correlation_coeff_Fo_to_Fc_free          ? 
_refine.details                                  ? 
_refine.diff_density_max                         ? 
_refine.diff_density_max_esd                     ? 
_refine.diff_density_min                         ? 
_refine.diff_density_min_esd                     ? 
_refine.diff_density_rms                         ? 
_refine.diff_density_rms_esd                     ? 
_refine.entry_id                                 5TJA 
_refine.pdbx_refine_id                           'X-RAY DIFFRACTION' 
_refine.ls_abs_structure_details                 ? 
_refine.ls_abs_structure_Flack                   ? 
_refine.ls_abs_structure_Flack_esd               ? 
_refine.ls_abs_structure_Rogers                  ? 
_refine.ls_abs_structure_Rogers_esd              ? 
_refine.ls_d_res_high                            2.3000 
_refine.ls_d_res_low                             20.0000 
_refine.ls_extinction_coef                       ? 
_refine.ls_extinction_coef_esd                   ? 
_refine.ls_extinction_expression                 ? 
_refine.ls_extinction_method                     ? 
_refine.ls_goodness_of_fit_all                   ? 
_refine.ls_goodness_of_fit_all_esd               ? 
_refine.ls_goodness_of_fit_obs                   ? 
_refine.ls_goodness_of_fit_obs_esd               ? 
_refine.ls_hydrogen_treatment                    ? 
_refine.ls_matrix_type                           ? 
_refine.ls_number_constraints                    ? 
_refine.ls_number_parameters                     ? 
_refine.ls_number_reflns_all                     ? 
_refine.ls_number_reflns_obs                     13298 
_refine.ls_number_reflns_R_free                  1337 
_refine.ls_number_reflns_R_work                  ? 
_refine.ls_number_restraints                     ? 
_refine.ls_percent_reflns_obs                    96.2000 
_refine.ls_percent_reflns_R_free                 9.7000 
_refine.ls_R_factor_all                          ? 
_refine.ls_R_factor_obs                          ? 
_refine.ls_R_factor_R_free                       0.2530 
_refine.ls_R_factor_R_free_error                 ? 
_refine.ls_R_factor_R_free_error_details         ? 
_refine.ls_R_factor_R_work                       0.2276 
_refine.ls_R_Fsqd_factor_obs                     ? 
_refine.ls_R_I_factor_obs                        ? 
_refine.ls_redundancy_reflns_all                 ? 
_refine.ls_redundancy_reflns_obs                 ? 
_refine.ls_restrained_S_all                      ? 
_refine.ls_restrained_S_obs                      ? 
_refine.ls_shift_over_esd_max                    ? 
_refine.ls_shift_over_esd_mean                   ? 
_refine.ls_structure_factor_coef                 ? 
_refine.ls_weighting_details                     ? 
_refine.ls_weighting_scheme                      ? 
_refine.ls_wR_factor_all                         ? 
_refine.ls_wR_factor_obs                         ? 
_refine.ls_wR_factor_R_free                      ? 
_refine.ls_wR_factor_R_work                      ? 
_refine.occupancy_max                            ? 
_refine.occupancy_min                            ? 
_refine.solvent_model_details                    ? 
_refine.solvent_model_param_bsol                 47.7792 
_refine.solvent_model_param_ksol                 ? 
_refine.ls_R_factor_gt                           ? 
_refine.ls_goodness_of_fit_gt                    ? 
_refine.ls_goodness_of_fit_ref                   ? 
_refine.ls_shift_over_su_max                     ? 
_refine.ls_shift_over_su_max_lt                  ? 
_refine.ls_shift_over_su_mean                    ? 
_refine.ls_shift_over_su_mean_lt                 ? 
_refine.pdbx_ls_sigma_I                          ? 
_refine.pdbx_ls_sigma_F                          0.000 
_refine.pdbx_ls_sigma_Fsqd                       ? 
_refine.pdbx_data_cutoff_high_absF               ? 
_refine.pdbx_data_cutoff_high_rms_absF           ? 
_refine.pdbx_data_cutoff_low_absF                ? 
_refine.pdbx_isotropic_thermal_model             ? 
_refine.pdbx_ls_cross_valid_method               THROUGHOUT 
_refine.pdbx_method_to_determine_struct          SIRAS 
_refine.pdbx_starting_model                      ? 
_refine.pdbx_stereochemistry_target_values       ? 
_refine.pdbx_R_Free_selection_details            'Random selection' 
_refine.pdbx_stereochem_target_val_spec_case     ? 
_refine.pdbx_overall_ESU_R                       ? 
_refine.pdbx_overall_ESU_R_Free                  ? 
_refine.pdbx_solvent_vdw_probe_radii             ? 
_refine.pdbx_solvent_ion_probe_radii             ? 
_refine.pdbx_solvent_shrinkage_radii             ? 
_refine.pdbx_real_space_R                        ? 
_refine.pdbx_density_correlation                 ? 
_refine.pdbx_pd_number_of_powder_patterns        ? 
_refine.pdbx_pd_number_of_points                 ? 
_refine.pdbx_pd_meas_number_of_points            ? 
_refine.pdbx_pd_proc_ls_prof_R_factor            ? 
_refine.pdbx_pd_proc_ls_prof_wR_factor           ? 
_refine.pdbx_pd_Marquardt_correlation_coeff      ? 
_refine.pdbx_pd_Fsqrd_R_factor                   ? 
_refine.pdbx_pd_ls_matrix_band_width             ? 
_refine.pdbx_overall_phase_error                 ? 
_refine.pdbx_overall_SU_R_free_Cruickshank_DPI   ? 
_refine.pdbx_overall_SU_R_free_Blow_DPI          ? 
_refine.pdbx_overall_SU_R_Blow_DPI               ? 
_refine.pdbx_TLS_residual_ADP_flag               ? 
_refine.pdbx_diffrn_id                           1 
_refine.overall_SU_B                             ? 
_refine.overall_SU_ML                            ? 
_refine.overall_SU_R_Cruickshank_DPI             ? 
_refine.overall_SU_R_free                        ? 
_refine.overall_FOM_free_R_set                   ? 
_refine.overall_FOM_work_R_set                   ? 
_refine.pdbx_average_fsc_overall                 ? 
_refine.pdbx_average_fsc_work                    ? 
_refine.pdbx_average_fsc_free                    ? 
# 
_refine_hist.cycle_id                         final 
_refine_hist.pdbx_refine_id                   'X-RAY DIFFRACTION' 
_refine_hist.d_res_high                       2.3000 
_refine_hist.d_res_low                        20.0000 
_refine_hist.pdbx_number_atoms_ligand         111 
_refine_hist.number_atoms_solvent             0 
_refine_hist.number_atoms_total               1629 
_refine_hist.pdbx_number_residues_total       191 
_refine_hist.pdbx_B_iso_mean_ligand           37.43 
_refine_hist.pdbx_number_atoms_protein        1518 
_refine_hist.pdbx_number_atoms_nucleic_acid   0 
# 
loop_
_refine_ls_restr.pdbx_refine_id 
_refine_ls_restr.criterion 
_refine_ls_restr.dev_ideal 
_refine_ls_restr.dev_ideal_target 
_refine_ls_restr.number 
_refine_ls_restr.rejects 
_refine_ls_restr.type 
_refine_ls_restr.weight 
_refine_ls_restr.pdbx_restraint_function 
'X-RAY DIFFRACTION' ? 0.010 ? ? ? c_bond_d  ? ? 
'X-RAY DIFFRACTION' ? 1.718 ? ? ? c_angle_d ? ? 
# 
loop_
_refine_ls_shell.pdbx_refine_id 
_refine_ls_shell.d_res_high 
_refine_ls_shell.d_res_low 
_refine_ls_shell.number_reflns_all 
_refine_ls_shell.number_reflns_obs 
_refine_ls_shell.number_reflns_R_free 
_refine_ls_shell.number_reflns_R_work 
_refine_ls_shell.percent_reflns_obs 
_refine_ls_shell.percent_reflns_R_free 
_refine_ls_shell.R_factor_all 
_refine_ls_shell.R_factor_obs 
_refine_ls_shell.R_factor_R_free 
_refine_ls_shell.R_factor_R_free_error 
_refine_ls_shell.R_factor_R_work 
_refine_ls_shell.redundancy_reflns_all 
_refine_ls_shell.redundancy_reflns_obs 
_refine_ls_shell.wR_factor_all 
_refine_ls_shell.wR_factor_obs 
_refine_ls_shell.wR_factor_R_free 
_refine_ls_shell.wR_factor_R_work 
_refine_ls_shell.pdbx_total_number_of_bins_used 
_refine_ls_shell.pdbx_phase_error 
_refine_ls_shell.pdbx_fsc_work 
_refine_ls_shell.pdbx_fsc_free 
'X-RAY DIFFRACTION' 2.3000 2.3800  1185 . 111 1074 88.6000 . . . 0.2907 . 0.2504 . . . . . . 10 . . . 
'X-RAY DIFFRACTION' 2.3800 2.4800  1269 . 138 1131 93.1000 . . . 0.3039 . 0.2532 . . . . . . 10 . . . 
'X-RAY DIFFRACTION' 2.4800 2.5900  1270 . 146 1124 94.0000 . . . 0.3032 . 0.2463 . . . . . . 10 . . . 
'X-RAY DIFFRACTION' 2.5900 2.7300  1329 . 122 1207 96.2000 . . . 0.2932 . 0.2520 . . . . . . 10 . . . 
'X-RAY DIFFRACTION' 2.7300 2.9000  1308 . 133 1175 96.8000 . . . 0.2771 . 0.2336 . . . . . . 10 . . . 
'X-RAY DIFFRACTION' 2.9000 3.1200  1365 . 127 1238 98.9000 . . . 0.2892 . 0.2360 . . . . . . 10 . . . 
'X-RAY DIFFRACTION' 3.1200 3.4300  1347 . 122 1225 98.2000 . . . 0.2740 . 0.2347 . . . . . . 10 . . . 
'X-RAY DIFFRACTION' 3.4300 3.9300  1367 . 137 1230 97.6000 . . . 0.2467 . 0.2245 . . . . . . 10 . . . 
'X-RAY DIFFRACTION' 3.9300 4.9300  1383 . 135 1248 98.2000 . . . 0.1759 . 0.1823 . . . . . . 10 . . . 
'X-RAY DIFFRACTION' 4.9300 20.0000 1475 . 166 1309 99.1000 . . . 0.2537 . 0.2418 . . . . . . 10 . . . 
# 
loop_
_pdbx_xplor_file.pdbx_refine_id 
_pdbx_xplor_file.serial_no 
_pdbx_xplor_file.param_file 
_pdbx_xplor_file.topol_file 
'X-RAY DIFFRACTION' 1 CNS_TOPPAR:protein_rep.param  CNS_TOPPAR:protein.top      
'X-RAY DIFFRACTION' 2 CNS_TOPPAR:dna-rna_rep.param  CNS_TOPPAR:dna-rna.top      
'X-RAY DIFFRACTION' 3 CNS_TOPPAR:water_rep.param    CNS_TOPPAR:water.top        
'X-RAY DIFFRACTION' 4 CNS_TOPPAR:ion.param          CNS_TOPPAR:ion.top          
'X-RAY DIFFRACTION' 5 CNS_TOPPAR:carbohydrate.param CNS_TOPPAR:carbohydrate.top 
# 
_struct.entry_id                     5TJA 
_struct.title                        'I-II linker of TRPML1 channel at pH 6' 
_struct.pdbx_model_details           ? 
_struct.pdbx_formula_weight          ? 
_struct.pdbx_formula_weight_method   ? 
_struct.pdbx_model_type_details      ? 
_struct.pdbx_CASP_flag               N 
# 
_struct_keywords.entry_id        5TJA 
_struct_keywords.text            'endolysosomal lumen, tetramer, calcium and pH regulation, TRANSPORT PROTEIN' 
_struct_keywords.pdbx_keywords   'TRANSPORT PROTEIN' 
# 
loop_
_struct_asym.id 
_struct_asym.pdbx_blank_PDB_chainid_flag 
_struct_asym.pdbx_modified 
_struct_asym.entity_id 
_struct_asym.details 
A N N 1 ? 
B N N 2 ? 
# 
_struct_ref.id                         1 
_struct_ref.db_name                    UNP 
_struct_ref.db_code                    MCLN1_HUMAN 
_struct_ref.pdbx_db_accession          Q9GZU1 
_struct_ref.pdbx_db_isoform            ? 
_struct_ref.entity_id                  1 
_struct_ref.pdbx_seq_one_letter_code   
;GLSNQLAVTFREENTIAFRHLFLLGYSDGADDTFAAYTREQLYQAIFHAVDQYLALPDVSLGRYAYVRGGGDPWTNGSGL
ALCQRYYHRGHVDPANDTFDIDPMVVTDCIQVDPPERPPPPPSDDLTLLESSSSYKNLTLKFHKLVNVTIHFRLKTINLQ
SLINNEIPDCYTFSVLITFDNKAHSGRIPISLETQAHIQECKHPSVFQHGDNS
;
_struct_ref.pdbx_align_begin           84 
# 
_struct_ref_seq.align_id                      1 
_struct_ref_seq.ref_id                        1 
_struct_ref_seq.pdbx_PDB_id_code              5TJA 
_struct_ref_seq.pdbx_strand_id                A 
_struct_ref_seq.seq_align_beg                 3 
_struct_ref_seq.pdbx_seq_align_beg_ins_code   ? 
_struct_ref_seq.seq_align_end                 215 
_struct_ref_seq.pdbx_seq_align_end_ins_code   ? 
_struct_ref_seq.pdbx_db_accession             Q9GZU1 
_struct_ref_seq.db_align_beg                  84 
_struct_ref_seq.pdbx_db_align_beg_ins_code    ? 
_struct_ref_seq.db_align_end                  296 
_struct_ref_seq.pdbx_db_align_end_ins_code    ? 
_struct_ref_seq.pdbx_auth_seq_align_beg       84 
_struct_ref_seq.pdbx_auth_seq_align_end       296 
# 
loop_
_struct_ref_seq_dif.align_id 
_struct_ref_seq_dif.pdbx_pdb_id_code 
_struct_ref_seq_dif.mon_id 
_struct_ref_seq_dif.pdbx_pdb_strand_id 
_struct_ref_seq_dif.seq_num 
_struct_ref_seq_dif.pdbx_pdb_ins_code 
_struct_ref_seq_dif.pdbx_seq_db_name 
_struct_ref_seq_dif.pdbx_seq_db_accession_code 
_struct_ref_seq_dif.db_mon_id 
_struct_ref_seq_dif.pdbx_seq_db_seq_num 
_struct_ref_seq_dif.details 
_struct_ref_seq_dif.pdbx_auth_seq_num 
_struct_ref_seq_dif.pdbx_ordinal 
1 5TJA GLY A 1   ? UNP Q9GZU1 ? ? 'expression tag' 82  1  
1 5TJA SER A 2   ? UNP Q9GZU1 ? ? 'expression tag' 83  2  
1 5TJA LEU A 216 ? UNP Q9GZU1 ? ? 'expression tag' 297 3  
1 5TJA GLU A 217 ? UNP Q9GZU1 ? ? 'expression tag' 298 4  
1 5TJA HIS A 218 ? UNP Q9GZU1 ? ? 'expression tag' 299 5  
1 5TJA HIS A 219 ? UNP Q9GZU1 ? ? 'expression tag' 300 6  
1 5TJA HIS A 220 ? UNP Q9GZU1 ? ? 'expression tag' 301 7  
1 5TJA HIS A 221 ? UNP Q9GZU1 ? ? 'expression tag' 302 8  
1 5TJA HIS A 222 ? UNP Q9GZU1 ? ? 'expression tag' 303 9  
1 5TJA HIS A 223 ? UNP Q9GZU1 ? ? 'expression tag' 304 10 
# 
loop_
_pdbx_struct_assembly.id 
_pdbx_struct_assembly.details 
_pdbx_struct_assembly.method_details 
_pdbx_struct_assembly.oligomeric_details 
_pdbx_struct_assembly.oligomeric_count 
1 author_and_software_defined_assembly PISA tetrameric 4 
2 software_defined_assembly            PISA octameric  8 
# 
loop_
_pdbx_struct_assembly_prop.biol_id 
_pdbx_struct_assembly_prop.type 
_pdbx_struct_assembly_prop.value 
_pdbx_struct_assembly_prop.details 
1 'ABSA (A^2)' 11680 ? 
1 MORE         -70   ? 
1 'SSA (A^2)'  33910 ? 
2 'ABSA (A^2)' 26450 ? 
2 MORE         -148  ? 
2 'SSA (A^2)'  64730 ? 
# 
loop_
_pdbx_struct_assembly_gen.assembly_id 
_pdbx_struct_assembly_gen.oper_expression 
_pdbx_struct_assembly_gen.asym_id_list 
1 1,2,3,4         A,B 
2 1,2,3,4,5,6,7,8 A,B 
# 
loop_
_pdbx_struct_oper_list.id 
_pdbx_struct_oper_list.type 
_pdbx_struct_oper_list.name 
_pdbx_struct_oper_list.symmetry_operation 
_pdbx_struct_oper_list.matrix[1][1] 
_pdbx_struct_oper_list.matrix[1][2] 
_pdbx_struct_oper_list.matrix[1][3] 
_pdbx_struct_oper_list.vector[1] 
_pdbx_struct_oper_list.matrix[2][1] 
_pdbx_struct_oper_list.matrix[2][2] 
_pdbx_struct_oper_list.matrix[2][3] 
_pdbx_struct_oper_list.vector[2] 
_pdbx_struct_oper_list.matrix[3][1] 
_pdbx_struct_oper_list.matrix[3][2] 
_pdbx_struct_oper_list.matrix[3][3] 
_pdbx_struct_oper_list.vector[3] 
1 'identity operation'         1_555 x,y,z          1.0000000000  0.0000000000  0.0000000000  0.0000000000   0.0000000000  1.0000000000  0.0000000000  0.0000000000   0.0000000000  0.0000000000  1.0000000000  0.0000000000  
2 'crystal symmetry operation' 2_665 -x+1,-y+1,z    -0.3566349553 0.9288611298  -0.1001424498 -1.4677499612  0.9288611298  0.3410473658  -0.1445811049 6.4415590099   -0.1001424498 -0.1445811049 -0.9844124105 50.3184690612 
3 'crystal symmetry operation' 3_655 -y+1,x,z       0.3216825223  0.5527130364  0.7687838801  -21.6199809870 0.3761480934  0.6705236829  -0.6394611814 17.4255700806  -0.8689263298 0.4948800765  0.0077937948  22.7315657188 
4 'crystal symmetry operation' 4_565 y,-x+1,z       0.3216825223  0.3761480934  -0.8689263298 20.1522310259  0.5527130364  0.6705236829  0.4948800765  -10.9840110708 0.7687838801  -0.6394611814 0.0077937948  27.5869033424 
5 'crystal symmetry operation' 5_656 -x+1,y,-z+1    -0.7483085862 -0.1036931216 0.6551961511  2.6043504494   -0.1036931216 -0.9572799751 -0.2699310760 41.9485764459  0.6551961511  -0.2699310760 0.7055885613  5.6384430591  
6 'crystal symmetry operation' 6_566 x,-y+1,-z+1    0.1049435415  -0.8251680082 -0.5550537013 36.0032022421  -0.8251680082 -0.3837673906 0.4145121809  22.3518780772  -0.5550537013 0.4145121809  -0.7211761509 38.4421381720 
7 'crystal symmetry operation' 7_556 y,x,-z+1       -0.8490389503 -0.1588850832 -0.5038733880 31.8694904652  -0.1588850832 -0.8327749461 0.5303219961  21.3733144763  -0.5038733880 0.5303219961  0.6818138964  2.8085446012  
8 'crystal symmetry operation' 8_666 -y+1,-x+1,-z+1 0.2056739056  -0.7699760465 0.6040158378  6.7380622263   -0.7699760465 -0.5082724197 -0.3857408912 42.9271400468  0.6040158378  -0.3857408912 -0.6974014859 41.2720366299 
# 
loop_
_struct_conf.conf_type_id 
_struct_conf.id 
_struct_conf.pdbx_PDB_helix_id 
_struct_conf.beg_label_comp_id 
_struct_conf.beg_label_asym_id 
_struct_conf.beg_label_seq_id 
_struct_conf.pdbx_beg_PDB_ins_code 
_struct_conf.end_label_comp_id 
_struct_conf.end_label_asym_id 
_struct_conf.end_label_seq_id 
_struct_conf.pdbx_end_PDB_ins_code 
_struct_conf.beg_auth_comp_id 
_struct_conf.beg_auth_asym_id 
_struct_conf.beg_auth_seq_id 
_struct_conf.end_auth_comp_id 
_struct_conf.end_auth_asym_id 
_struct_conf.end_auth_seq_id 
_struct_conf.pdbx_PDB_helix_class 
_struct_conf.details 
_struct_conf.pdbx_PDB_helix_length 
HELX_P HELX_P1 AA1 GLY A 1   ? LEU A 25  ? GLY A 82  LEU A 106 1 ? 25 
HELX_P HELX_P2 AA2 THR A 40  ? ALA A 57  ? THR A 121 ALA A 138 1 ? 18 
HELX_P HELX_P3 AA3 ALA A 57  ? SER A 62  ? ALA A 138 SER A 143 1 ? 6  
HELX_P HELX_P4 AA4 PRO A 96  ? ASP A 99  ? PRO A 177 ASP A 180 5 ? 4  
HELX_P HELX_P5 AA5 LYS A 143 ? HIS A 145 ? LYS A 224 HIS A 226 5 ? 3  
HELX_P HELX_P6 AA6 LEU A 161 ? ASN A 167 ? LEU A 242 ASN A 248 5 ? 7  
# 
_struct_conf_type.id          HELX_P 
_struct_conf_type.criteria    ? 
_struct_conf_type.reference   ? 
# 
loop_
_struct_conn.id 
_struct_conn.conn_type_id 
_struct_conn.pdbx_leaving_atom_flag 
_struct_conn.pdbx_PDB_id 
_struct_conn.ptnr1_label_asym_id 
_struct_conn.ptnr1_label_comp_id 
_struct_conn.ptnr1_label_seq_id 
_struct_conn.ptnr1_label_atom_id 
_struct_conn.pdbx_ptnr1_label_alt_id 
_struct_conn.pdbx_ptnr1_PDB_ins_code 
_struct_conn.pdbx_ptnr1_standard_comp_id 
_struct_conn.ptnr1_symmetry 
_struct_conn.ptnr2_label_asym_id 
_struct_conn.ptnr2_label_comp_id 
_struct_conn.ptnr2_label_seq_id 
_struct_conn.ptnr2_label_atom_id 
_struct_conn.pdbx_ptnr2_label_alt_id 
_struct_conn.pdbx_ptnr2_PDB_ins_code 
_struct_conn.ptnr1_auth_asym_id 
_struct_conn.ptnr1_auth_comp_id 
_struct_conn.ptnr1_auth_seq_id 
_struct_conn.ptnr2_auth_asym_id 
_struct_conn.ptnr2_auth_comp_id 
_struct_conn.ptnr2_auth_seq_id 
_struct_conn.ptnr2_symmetry 
_struct_conn.pdbx_ptnr3_label_atom_id 
_struct_conn.pdbx_ptnr3_label_seq_id 
_struct_conn.pdbx_ptnr3_label_comp_id 
_struct_conn.pdbx_ptnr3_label_asym_id 
_struct_conn.pdbx_ptnr3_label_alt_id 
_struct_conn.pdbx_ptnr3_PDB_ins_code 
_struct_conn.details 
_struct_conn.pdbx_dist_value 
_struct_conn.pdbx_value_order 
_struct_conn.pdbx_role 
disulf1 disulf ? ? A CYS 85  SG ? ? ? 1_555 A CYS 111 SG ? ? A CYS 166 A CYS 192 1_555 ? ? ? ? ? ? ? 2.009 ? ? 
disulf2 disulf ? ? A CYS 172 SG ? ? ? 1_555 A CYS 203 SG ? ? A CYS 253 A CYS 284 1_555 ? ? ? ? ? ? ? 2.003 ? ? 
# 
_struct_conn_type.id          disulf 
_struct_conn_type.criteria    ? 
_struct_conn_type.reference   ? 
# 
loop_
_pdbx_modification_feature.ordinal 
_pdbx_modification_feature.label_comp_id 
_pdbx_modification_feature.label_asym_id 
_pdbx_modification_feature.label_seq_id 
_pdbx_modification_feature.label_alt_id 
_pdbx_modification_feature.modified_residue_label_comp_id 
_pdbx_modification_feature.modified_residue_label_asym_id 
_pdbx_modification_feature.modified_residue_label_seq_id 
_pdbx_modification_feature.modified_residue_label_alt_id 
_pdbx_modification_feature.auth_comp_id 
_pdbx_modification_feature.auth_asym_id 
_pdbx_modification_feature.auth_seq_id 
_pdbx_modification_feature.PDB_ins_code 
_pdbx_modification_feature.symmetry 
_pdbx_modification_feature.modified_residue_auth_comp_id 
_pdbx_modification_feature.modified_residue_auth_asym_id 
_pdbx_modification_feature.modified_residue_auth_seq_id 
_pdbx_modification_feature.modified_residue_PDB_ins_code 
_pdbx_modification_feature.modified_residue_symmetry 
_pdbx_modification_feature.comp_id_linking_atom 
_pdbx_modification_feature.modified_residue_id_linking_atom 
_pdbx_modification_feature.modified_residue_id 
_pdbx_modification_feature.ref_pcm_id 
_pdbx_modification_feature.ref_comp_id 
_pdbx_modification_feature.type 
_pdbx_modification_feature.category 
1 CYS A 85  ? CYS A 111 ? CYS A 166 ? 1_555 CYS A 192 ? 1_555 SG SG . . . None 'Disulfide bridge' 
2 CYS A 172 ? CYS A 203 ? CYS A 253 ? 1_555 CYS A 284 ? 1_555 SG SG . . . None 'Disulfide bridge' 
# 
_struct_mon_prot_cis.pdbx_id                1 
_struct_mon_prot_cis.label_comp_id          ASP 
_struct_mon_prot_cis.label_seq_id           74 
_struct_mon_prot_cis.label_asym_id          A 
_struct_mon_prot_cis.label_alt_id           . 
_struct_mon_prot_cis.pdbx_PDB_ins_code      ? 
_struct_mon_prot_cis.auth_comp_id           ASP 
_struct_mon_prot_cis.auth_seq_id            155 
_struct_mon_prot_cis.auth_asym_id           A 
_struct_mon_prot_cis.pdbx_label_comp_id_2   PRO 
_struct_mon_prot_cis.pdbx_label_seq_id_2    75 
_struct_mon_prot_cis.pdbx_label_asym_id_2   A 
_struct_mon_prot_cis.pdbx_PDB_ins_code_2    ? 
_struct_mon_prot_cis.pdbx_auth_comp_id_2    PRO 
_struct_mon_prot_cis.pdbx_auth_seq_id_2     156 
_struct_mon_prot_cis.pdbx_auth_asym_id_2    A 
_struct_mon_prot_cis.pdbx_PDB_model_num     1 
_struct_mon_prot_cis.pdbx_omega_angle       -0.47 
# 
loop_
_struct_sheet.id 
_struct_sheet.type 
_struct_sheet.number_strands 
_struct_sheet.details 
AA1 ? 5 ? 
AA2 ? 6 ? 
# 
loop_
_struct_sheet_order.sheet_id 
_struct_sheet_order.range_id_1 
_struct_sheet_order.range_id_2 
_struct_sheet_order.offset 
_struct_sheet_order.sense 
AA1 1 2 ? anti-parallel 
AA1 2 3 ? anti-parallel 
AA1 3 4 ? anti-parallel 
AA1 4 5 ? anti-parallel 
AA2 1 2 ? anti-parallel 
AA2 2 3 ? anti-parallel 
AA2 3 4 ? anti-parallel 
AA2 4 5 ? anti-parallel 
AA2 5 6 ? anti-parallel 
# 
loop_
_struct_sheet_range.sheet_id 
_struct_sheet_range.id 
_struct_sheet_range.beg_label_comp_id 
_struct_sheet_range.beg_label_asym_id 
_struct_sheet_range.beg_label_seq_id 
_struct_sheet_range.pdbx_beg_PDB_ins_code 
_struct_sheet_range.end_label_comp_id 
_struct_sheet_range.end_label_asym_id 
_struct_sheet_range.end_label_seq_id 
_struct_sheet_range.pdbx_end_PDB_ins_code 
_struct_sheet_range.beg_auth_comp_id 
_struct_sheet_range.beg_auth_asym_id 
_struct_sheet_range.beg_auth_seq_id 
_struct_sheet_range.end_auth_comp_id 
_struct_sheet_range.end_auth_asym_id 
_struct_sheet_range.end_auth_seq_id 
AA1 1 ALA A 37  ? ALA A 38  ? ALA A 118 ALA A 119 
AA1 2 ILE A 190 ? GLN A 201 ? ILE A 271 GLN A 282 
AA1 3 ASP A 171 ? ASP A 182 ? ASP A 252 ASP A 263 
AA1 4 LEU A 147 ? ASN A 160 ? LEU A 228 ASN A 241 
AA1 5 ALA A 67  ? TYR A 68  ? ALA A 148 TYR A 149 
AA2 1 ALA A 37  ? ALA A 38  ? ALA A 118 ALA A 119 
AA2 2 ILE A 190 ? GLN A 201 ? ILE A 271 GLN A 282 
AA2 3 ASP A 171 ? ASP A 182 ? ASP A 252 ASP A 263 
AA2 4 LEU A 147 ? ASN A 160 ? LEU A 228 ASN A 241 
AA2 5 LEU A 82  ? ASP A 95  ? LEU A 163 ASP A 176 
AA2 6 THR A 100 ? VAL A 114 ? THR A 181 VAL A 195 
# 
loop_
_pdbx_struct_sheet_hbond.sheet_id 
_pdbx_struct_sheet_hbond.range_id_1 
_pdbx_struct_sheet_hbond.range_id_2 
_pdbx_struct_sheet_hbond.range_1_label_atom_id 
_pdbx_struct_sheet_hbond.range_1_label_comp_id 
_pdbx_struct_sheet_hbond.range_1_label_asym_id 
_pdbx_struct_sheet_hbond.range_1_label_seq_id 
_pdbx_struct_sheet_hbond.range_1_PDB_ins_code 
_pdbx_struct_sheet_hbond.range_1_auth_atom_id 
_pdbx_struct_sheet_hbond.range_1_auth_comp_id 
_pdbx_struct_sheet_hbond.range_1_auth_asym_id 
_pdbx_struct_sheet_hbond.range_1_auth_seq_id 
_pdbx_struct_sheet_hbond.range_2_label_atom_id 
_pdbx_struct_sheet_hbond.range_2_label_comp_id 
_pdbx_struct_sheet_hbond.range_2_label_asym_id 
_pdbx_struct_sheet_hbond.range_2_label_seq_id 
_pdbx_struct_sheet_hbond.range_2_PDB_ins_code 
_pdbx_struct_sheet_hbond.range_2_auth_atom_id 
_pdbx_struct_sheet_hbond.range_2_auth_comp_id 
_pdbx_struct_sheet_hbond.range_2_auth_asym_id 
_pdbx_struct_sheet_hbond.range_2_auth_seq_id 
AA1 1 2 N ALA A 38  ? N ALA A 119 O ILE A 190 ? O ILE A 271 
AA1 2 3 O GLN A 197 ? O GLN A 278 N SER A 176 ? N SER A 257 
AA1 3 4 O PHE A 175 ? O PHE A 256 N LEU A 156 ? N LEU A 237 
AA1 4 5 O LYS A 157 ? O LYS A 238 N ALA A 67  ? N ALA A 148 
AA2 1 2 N ALA A 38  ? N ALA A 119 O ILE A 190 ? O ILE A 271 
AA2 2 3 O GLN A 197 ? O GLN A 278 N SER A 176 ? N SER A 257 
AA2 3 4 O PHE A 175 ? O PHE A 256 N LEU A 156 ? N LEU A 237 
AA2 4 5 O VAL A 148 ? O VAL A 229 N ARG A 87  ? N ARG A 168 
AA2 5 6 N HIS A 90  ? N HIS A 171 O MET A 106 ? O MET A 187 
# 
_pdbx_entry_details.entry_id                   5TJA 
_pdbx_entry_details.compound_details           ? 
_pdbx_entry_details.source_details             ? 
_pdbx_entry_details.nonpolymer_details         ? 
_pdbx_entry_details.sequence_details           ? 
_pdbx_entry_details.has_ligand_of_interest     ? 
_pdbx_entry_details.has_protein_modification   Y 
# 
loop_
_pdbx_validate_torsion.id 
_pdbx_validate_torsion.PDB_model_num 
_pdbx_validate_torsion.auth_comp_id 
_pdbx_validate_torsion.auth_asym_id 
_pdbx_validate_torsion.auth_seq_id 
_pdbx_validate_torsion.PDB_ins_code 
_pdbx_validate_torsion.label_alt_id 
_pdbx_validate_torsion.phi 
_pdbx_validate_torsion.psi 
1 1 LYS A 224 ? ? -94.31  55.72  
2 1 GLN A 291 ? ? -154.70 62.59  
3 1 HIS A 292 ? ? -126.01 -66.66 
# 
_phasing.method   SIR 
# 
loop_
_pdbx_unobs_or_zero_occ_residues.id 
_pdbx_unobs_or_zero_occ_residues.PDB_model_num 
_pdbx_unobs_or_zero_occ_residues.polymer_flag 
_pdbx_unobs_or_zero_occ_residues.occupancy_flag 
_pdbx_unobs_or_zero_occ_residues.auth_asym_id 
_pdbx_unobs_or_zero_occ_residues.auth_comp_id 
_pdbx_unobs_or_zero_occ_residues.auth_seq_id 
_pdbx_unobs_or_zero_occ_residues.PDB_ins_code 
_pdbx_unobs_or_zero_occ_residues.label_asym_id 
_pdbx_unobs_or_zero_occ_residues.label_comp_id 
_pdbx_unobs_or_zero_occ_residues.label_seq_id 
1  1 Y 1 A GLU 199 ? A GLU 118 
2  1 Y 1 A ARG 200 ? A ARG 119 
3  1 Y 1 A PRO 201 ? A PRO 120 
4  1 Y 1 A PRO 202 ? A PRO 121 
5  1 Y 1 A PRO 203 ? A PRO 122 
6  1 Y 1 A PRO 204 ? A PRO 123 
7  1 Y 1 A PRO 205 ? A PRO 124 
8  1 Y 1 A SER 206 ? A SER 125 
9  1 Y 1 A ASP 207 ? A ASP 126 
10 1 Y 1 A ASP 208 ? A ASP 127 
11 1 Y 1 A LEU 209 ? A LEU 128 
12 1 Y 1 A THR 210 ? A THR 129 
13 1 Y 1 A LEU 211 ? A LEU 130 
14 1 Y 1 A LEU 212 ? A LEU 131 
15 1 Y 1 A GLU 213 ? A GLU 132 
16 1 Y 1 A SER 214 ? A SER 133 
17 1 Y 1 A SER 215 ? A SER 134 
18 1 Y 1 A SER 216 ? A SER 135 
19 1 Y 1 A SER 217 ? A SER 136 
20 1 Y 1 A TYR 218 ? A TYR 137 
21 1 Y 1 A LYS 219 ? A LYS 138 
22 1 Y 1 A ASP 294 ? A ASP 213 
23 1 Y 1 A ASN 295 ? A ASN 214 
24 1 Y 1 A SER 296 ? A SER 215 
25 1 Y 1 A LEU 297 ? A LEU 216 
26 1 Y 1 A GLU 298 ? A GLU 217 
27 1 Y 1 A HIS 299 ? A HIS 218 
28 1 Y 1 A HIS 300 ? A HIS 219 
29 1 Y 1 A HIS 301 ? A HIS 220 
30 1 Y 1 A HIS 302 ? A HIS 221 
31 1 Y 1 A HIS 303 ? A HIS 222 
32 1 Y 1 A HIS 304 ? A HIS 223 
# 
loop_
_chem_comp_atom.comp_id 
_chem_comp_atom.atom_id 
_chem_comp_atom.type_symbol 
_chem_comp_atom.pdbx_aromatic_flag 
_chem_comp_atom.pdbx_stereo_config 
_chem_comp_atom.pdbx_ordinal 
ALA N    N N N 1   
ALA CA   C N S 2   
ALA C    C N N 3   
ALA O    O N N 4   
ALA CB   C N N 5   
ALA OXT  O N N 6   
ALA H    H N N 7   
ALA H2   H N N 8   
ALA HA   H N N 9   
ALA HB1  H N N 10  
ALA HB2  H N N 11  
ALA HB3  H N N 12  
ALA HXT  H N N 13  
ARG N    N N N 14  
ARG CA   C N S 15  
ARG C    C N N 16  
ARG O    O N N 17  
ARG CB   C N N 18  
ARG CG   C N N 19  
ARG CD   C N N 20  
ARG NE   N N N 21  
ARG CZ   C N N 22  
ARG NH1  N N N 23  
ARG NH2  N N N 24  
ARG OXT  O N N 25  
ARG H    H N N 26  
ARG H2   H N N 27  
ARG HA   H N N 28  
ARG HB2  H N N 29  
ARG HB3  H N N 30  
ARG HG2  H N N 31  
ARG HG3  H N N 32  
ARG HD2  H N N 33  
ARG HD3  H N N 34  
ARG HE   H N N 35  
ARG HH11 H N N 36  
ARG HH12 H N N 37  
ARG HH21 H N N 38  
ARG HH22 H N N 39  
ARG HXT  H N N 40  
ASN N    N N N 41  
ASN CA   C N S 42  
ASN C    C N N 43  
ASN O    O N N 44  
ASN CB   C N N 45  
ASN CG   C N N 46  
ASN OD1  O N N 47  
ASN ND2  N N N 48  
ASN OXT  O N N 49  
ASN H    H N N 50  
ASN H2   H N N 51  
ASN HA   H N N 52  
ASN HB2  H N N 53  
ASN HB3  H N N 54  
ASN HD21 H N N 55  
ASN HD22 H N N 56  
ASN HXT  H N N 57  
ASP N    N N N 58  
ASP CA   C N S 59  
ASP C    C N N 60  
ASP O    O N N 61  
ASP CB   C N N 62  
ASP CG   C N N 63  
ASP OD1  O N N 64  
ASP OD2  O N N 65  
ASP OXT  O N N 66  
ASP H    H N N 67  
ASP H2   H N N 68  
ASP HA   H N N 69  
ASP HB2  H N N 70  
ASP HB3  H N N 71  
ASP HD2  H N N 72  
ASP HXT  H N N 73  
CYS N    N N N 74  
CYS CA   C N R 75  
CYS C    C N N 76  
CYS O    O N N 77  
CYS CB   C N N 78  
CYS SG   S N N 79  
CYS OXT  O N N 80  
CYS H    H N N 81  
CYS H2   H N N 82  
CYS HA   H N N 83  
CYS HB2  H N N 84  
CYS HB3  H N N 85  
CYS HG   H N N 86  
CYS HXT  H N N 87  
GLN N    N N N 88  
GLN CA   C N S 89  
GLN C    C N N 90  
GLN O    O N N 91  
GLN CB   C N N 92  
GLN CG   C N N 93  
GLN CD   C N N 94  
GLN OE1  O N N 95  
GLN NE2  N N N 96  
GLN OXT  O N N 97  
GLN H    H N N 98  
GLN H2   H N N 99  
GLN HA   H N N 100 
GLN HB2  H N N 101 
GLN HB3  H N N 102 
GLN HG2  H N N 103 
GLN HG3  H N N 104 
GLN HE21 H N N 105 
GLN HE22 H N N 106 
GLN HXT  H N N 107 
GLU N    N N N 108 
GLU CA   C N S 109 
GLU C    C N N 110 
GLU O    O N N 111 
GLU CB   C N N 112 
GLU CG   C N N 113 
GLU CD   C N N 114 
GLU OE1  O N N 115 
GLU OE2  O N N 116 
GLU OXT  O N N 117 
GLU H    H N N 118 
GLU H2   H N N 119 
GLU HA   H N N 120 
GLU HB2  H N N 121 
GLU HB3  H N N 122 
GLU HG2  H N N 123 
GLU HG3  H N N 124 
GLU HE2  H N N 125 
GLU HXT  H N N 126 
GLY N    N N N 127 
GLY CA   C N N 128 
GLY C    C N N 129 
GLY O    O N N 130 
GLY OXT  O N N 131 
GLY H    H N N 132 
GLY H2   H N N 133 
GLY HA2  H N N 134 
GLY HA3  H N N 135 
GLY HXT  H N N 136 
HIS N    N N N 137 
HIS CA   C N S 138 
HIS C    C N N 139 
HIS O    O N N 140 
HIS CB   C N N 141 
HIS CG   C Y N 142 
HIS ND1  N Y N 143 
HIS CD2  C Y N 144 
HIS CE1  C Y N 145 
HIS NE2  N Y N 146 
HIS OXT  O N N 147 
HIS H    H N N 148 
HIS H2   H N N 149 
HIS HA   H N N 150 
HIS HB2  H N N 151 
HIS HB3  H N N 152 
HIS HD1  H N N 153 
HIS HD2  H N N 154 
HIS HE1  H N N 155 
HIS HE2  H N N 156 
HIS HXT  H N N 157 
HOH O    O N N 158 
HOH H1   H N N 159 
HOH H2   H N N 160 
ILE N    N N N 161 
ILE CA   C N S 162 
ILE C    C N N 163 
ILE O    O N N 164 
ILE CB   C N S 165 
ILE CG1  C N N 166 
ILE CG2  C N N 167 
ILE CD1  C N N 168 
ILE OXT  O N N 169 
ILE H    H N N 170 
ILE H2   H N N 171 
ILE HA   H N N 172 
ILE HB   H N N 173 
ILE HG12 H N N 174 
ILE HG13 H N N 175 
ILE HG21 H N N 176 
ILE HG22 H N N 177 
ILE HG23 H N N 178 
ILE HD11 H N N 179 
ILE HD12 H N N 180 
ILE HD13 H N N 181 
ILE HXT  H N N 182 
LEU N    N N N 183 
LEU CA   C N S 184 
LEU C    C N N 185 
LEU O    O N N 186 
LEU CB   C N N 187 
LEU CG   C N N 188 
LEU CD1  C N N 189 
LEU CD2  C N N 190 
LEU OXT  O N N 191 
LEU H    H N N 192 
LEU H2   H N N 193 
LEU HA   H N N 194 
LEU HB2  H N N 195 
LEU HB3  H N N 196 
LEU HG   H N N 197 
LEU HD11 H N N 198 
LEU HD12 H N N 199 
LEU HD13 H N N 200 
LEU HD21 H N N 201 
LEU HD22 H N N 202 
LEU HD23 H N N 203 
LEU HXT  H N N 204 
LYS N    N N N 205 
LYS CA   C N S 206 
LYS C    C N N 207 
LYS O    O N N 208 
LYS CB   C N N 209 
LYS CG   C N N 210 
LYS CD   C N N 211 
LYS CE   C N N 212 
LYS NZ   N N N 213 
LYS OXT  O N N 214 
LYS H    H N N 215 
LYS H2   H N N 216 
LYS HA   H N N 217 
LYS HB2  H N N 218 
LYS HB3  H N N 219 
LYS HG2  H N N 220 
LYS HG3  H N N 221 
LYS HD2  H N N 222 
LYS HD3  H N N 223 
LYS HE2  H N N 224 
LYS HE3  H N N 225 
LYS HZ1  H N N 226 
LYS HZ2  H N N 227 
LYS HZ3  H N N 228 
LYS HXT  H N N 229 
MET N    N N N 230 
MET CA   C N S 231 
MET C    C N N 232 
MET O    O N N 233 
MET CB   C N N 234 
MET CG   C N N 235 
MET SD   S N N 236 
MET CE   C N N 237 
MET OXT  O N N 238 
MET H    H N N 239 
MET H2   H N N 240 
MET HA   H N N 241 
MET HB2  H N N 242 
MET HB3  H N N 243 
MET HG2  H N N 244 
MET HG3  H N N 245 
MET HE1  H N N 246 
MET HE2  H N N 247 
MET HE3  H N N 248 
MET HXT  H N N 249 
PHE N    N N N 250 
PHE CA   C N S 251 
PHE C    C N N 252 
PHE O    O N N 253 
PHE CB   C N N 254 
PHE CG   C Y N 255 
PHE CD1  C Y N 256 
PHE CD2  C Y N 257 
PHE CE1  C Y N 258 
PHE CE2  C Y N 259 
PHE CZ   C Y N 260 
PHE OXT  O N N 261 
PHE H    H N N 262 
PHE H2   H N N 263 
PHE HA   H N N 264 
PHE HB2  H N N 265 
PHE HB3  H N N 266 
PHE HD1  H N N 267 
PHE HD2  H N N 268 
PHE HE1  H N N 269 
PHE HE2  H N N 270 
PHE HZ   H N N 271 
PHE HXT  H N N 272 
PRO N    N N N 273 
PRO CA   C N S 274 
PRO C    C N N 275 
PRO O    O N N 276 
PRO CB   C N N 277 
PRO CG   C N N 278 
PRO CD   C N N 279 
PRO OXT  O N N 280 
PRO H    H N N 281 
PRO HA   H N N 282 
PRO HB2  H N N 283 
PRO HB3  H N N 284 
PRO HG2  H N N 285 
PRO HG3  H N N 286 
PRO HD2  H N N 287 
PRO HD3  H N N 288 
PRO HXT  H N N 289 
SER N    N N N 290 
SER CA   C N S 291 
SER C    C N N 292 
SER O    O N N 293 
SER CB   C N N 294 
SER OG   O N N 295 
SER OXT  O N N 296 
SER H    H N N 297 
SER H2   H N N 298 
SER HA   H N N 299 
SER HB2  H N N 300 
SER HB3  H N N 301 
SER HG   H N N 302 
SER HXT  H N N 303 
THR N    N N N 304 
THR CA   C N S 305 
THR C    C N N 306 
THR O    O N N 307 
THR CB   C N R 308 
THR OG1  O N N 309 
THR CG2  C N N 310 
THR OXT  O N N 311 
THR H    H N N 312 
THR H2   H N N 313 
THR HA   H N N 314 
THR HB   H N N 315 
THR HG1  H N N 316 
THR HG21 H N N 317 
THR HG22 H N N 318 
THR HG23 H N N 319 
THR HXT  H N N 320 
TRP N    N N N 321 
TRP CA   C N S 322 
TRP C    C N N 323 
TRP O    O N N 324 
TRP CB   C N N 325 
TRP CG   C Y N 326 
TRP CD1  C Y N 327 
TRP CD2  C Y N 328 
TRP NE1  N Y N 329 
TRP CE2  C Y N 330 
TRP CE3  C Y N 331 
TRP CZ2  C Y N 332 
TRP CZ3  C Y N 333 
TRP CH2  C Y N 334 
TRP OXT  O N N 335 
TRP H    H N N 336 
TRP H2   H N N 337 
TRP HA   H N N 338 
TRP HB2  H N N 339 
TRP HB3  H N N 340 
TRP HD1  H N N 341 
TRP HE1  H N N 342 
TRP HE3  H N N 343 
TRP HZ2  H N N 344 
TRP HZ3  H N N 345 
TRP HH2  H N N 346 
TRP HXT  H N N 347 
TYR N    N N N 348 
TYR CA   C N S 349 
TYR C    C N N 350 
TYR O    O N N 351 
TYR CB   C N N 352 
TYR CG   C Y N 353 
TYR CD1  C Y N 354 
TYR CD2  C Y N 355 
TYR CE1  C Y N 356 
TYR CE2  C Y N 357 
TYR CZ   C Y N 358 
TYR OH   O N N 359 
TYR OXT  O N N 360 
TYR H    H N N 361 
TYR H2   H N N 362 
TYR HA   H N N 363 
TYR HB2  H N N 364 
TYR HB3  H N N 365 
TYR HD1  H N N 366 
TYR HD2  H N N 367 
TYR HE1  H N N 368 
TYR HE2  H N N 369 
TYR HH   H N N 370 
TYR HXT  H N N 371 
VAL N    N N N 372 
VAL CA   C N S 373 
VAL C    C N N 374 
VAL O    O N N 375 
VAL CB   C N N 376 
VAL CG1  C N N 377 
VAL CG2  C N N 378 
VAL OXT  O N N 379 
VAL H    H N N 380 
VAL H2   H N N 381 
VAL HA   H N N 382 
VAL HB   H N N 383 
VAL HG11 H N N 384 
VAL HG12 H N N 385 
VAL HG13 H N N 386 
VAL HG21 H N N 387 
VAL HG22 H N N 388 
VAL HG23 H N N 389 
VAL HXT  H N N 390 
# 
loop_
_chem_comp_bond.comp_id 
_chem_comp_bond.atom_id_1 
_chem_comp_bond.atom_id_2 
_chem_comp_bond.value_order 
_chem_comp_bond.pdbx_aromatic_flag 
_chem_comp_bond.pdbx_stereo_config 
_chem_comp_bond.pdbx_ordinal 
ALA N   CA   sing N N 1   
ALA N   H    sing N N 2   
ALA N   H2   sing N N 3   
ALA CA  C    sing N N 4   
ALA CA  CB   sing N N 5   
ALA CA  HA   sing N N 6   
ALA C   O    doub N N 7   
ALA C   OXT  sing N N 8   
ALA CB  HB1  sing N N 9   
ALA CB  HB2  sing N N 10  
ALA CB  HB3  sing N N 11  
ALA OXT HXT  sing N N 12  
ARG N   CA   sing N N 13  
ARG N   H    sing N N 14  
ARG N   H2   sing N N 15  
ARG CA  C    sing N N 16  
ARG CA  CB   sing N N 17  
ARG CA  HA   sing N N 18  
ARG C   O    doub N N 19  
ARG C   OXT  sing N N 20  
ARG CB  CG   sing N N 21  
ARG CB  HB2  sing N N 22  
ARG CB  HB3  sing N N 23  
ARG CG  CD   sing N N 24  
ARG CG  HG2  sing N N 25  
ARG CG  HG3  sing N N 26  
ARG CD  NE   sing N N 27  
ARG CD  HD2  sing N N 28  
ARG CD  HD3  sing N N 29  
ARG NE  CZ   sing N N 30  
ARG NE  HE   sing N N 31  
ARG CZ  NH1  sing N N 32  
ARG CZ  NH2  doub N N 33  
ARG NH1 HH11 sing N N 34  
ARG NH1 HH12 sing N N 35  
ARG NH2 HH21 sing N N 36  
ARG NH2 HH22 sing N N 37  
ARG OXT HXT  sing N N 38  
ASN N   CA   sing N N 39  
ASN N   H    sing N N 40  
ASN N   H2   sing N N 41  
ASN CA  C    sing N N 42  
ASN CA  CB   sing N N 43  
ASN CA  HA   sing N N 44  
ASN C   O    doub N N 45  
ASN C   OXT  sing N N 46  
ASN CB  CG   sing N N 47  
ASN CB  HB2  sing N N 48  
ASN CB  HB3  sing N N 49  
ASN CG  OD1  doub N N 50  
ASN CG  ND2  sing N N 51  
ASN ND2 HD21 sing N N 52  
ASN ND2 HD22 sing N N 53  
ASN OXT HXT  sing N N 54  
ASP N   CA   sing N N 55  
ASP N   H    sing N N 56  
ASP N   H2   sing N N 57  
ASP CA  C    sing N N 58  
ASP CA  CB   sing N N 59  
ASP CA  HA   sing N N 60  
ASP C   O    doub N N 61  
ASP C   OXT  sing N N 62  
ASP CB  CG   sing N N 63  
ASP CB  HB2  sing N N 64  
ASP CB  HB3  sing N N 65  
ASP CG  OD1  doub N N 66  
ASP CG  OD2  sing N N 67  
ASP OD2 HD2  sing N N 68  
ASP OXT HXT  sing N N 69  
CYS N   CA   sing N N 70  
CYS N   H    sing N N 71  
CYS N   H2   sing N N 72  
CYS CA  C    sing N N 73  
CYS CA  CB   sing N N 74  
CYS CA  HA   sing N N 75  
CYS C   O    doub N N 76  
CYS C   OXT  sing N N 77  
CYS CB  SG   sing N N 78  
CYS CB  HB2  sing N N 79  
CYS CB  HB3  sing N N 80  
CYS SG  HG   sing N N 81  
CYS OXT HXT  sing N N 82  
GLN N   CA   sing N N 83  
GLN N   H    sing N N 84  
GLN N   H2   sing N N 85  
GLN CA  C    sing N N 86  
GLN CA  CB   sing N N 87  
GLN CA  HA   sing N N 88  
GLN C   O    doub N N 89  
GLN C   OXT  sing N N 90  
GLN CB  CG   sing N N 91  
GLN CB  HB2  sing N N 92  
GLN CB  HB3  sing N N 93  
GLN CG  CD   sing N N 94  
GLN CG  HG2  sing N N 95  
GLN CG  HG3  sing N N 96  
GLN CD  OE1  doub N N 97  
GLN CD  NE2  sing N N 98  
GLN NE2 HE21 sing N N 99  
GLN NE2 HE22 sing N N 100 
GLN OXT HXT  sing N N 101 
GLU N   CA   sing N N 102 
GLU N   H    sing N N 103 
GLU N   H2   sing N N 104 
GLU CA  C    sing N N 105 
GLU CA  CB   sing N N 106 
GLU CA  HA   sing N N 107 
GLU C   O    doub N N 108 
GLU C   OXT  sing N N 109 
GLU CB  CG   sing N N 110 
GLU CB  HB2  sing N N 111 
GLU CB  HB3  sing N N 112 
GLU CG  CD   sing N N 113 
GLU CG  HG2  sing N N 114 
GLU CG  HG3  sing N N 115 
GLU CD  OE1  doub N N 116 
GLU CD  OE2  sing N N 117 
GLU OE2 HE2  sing N N 118 
GLU OXT HXT  sing N N 119 
GLY N   CA   sing N N 120 
GLY N   H    sing N N 121 
GLY N   H2   sing N N 122 
GLY CA  C    sing N N 123 
GLY CA  HA2  sing N N 124 
GLY CA  HA3  sing N N 125 
GLY C   O    doub N N 126 
GLY C   OXT  sing N N 127 
GLY OXT HXT  sing N N 128 
HIS N   CA   sing N N 129 
HIS N   H    sing N N 130 
HIS N   H2   sing N N 131 
HIS CA  C    sing N N 132 
HIS CA  CB   sing N N 133 
HIS CA  HA   sing N N 134 
HIS C   O    doub N N 135 
HIS C   OXT  sing N N 136 
HIS CB  CG   sing N N 137 
HIS CB  HB2  sing N N 138 
HIS CB  HB3  sing N N 139 
HIS CG  ND1  sing Y N 140 
HIS CG  CD2  doub Y N 141 
HIS ND1 CE1  doub Y N 142 
HIS ND1 HD1  sing N N 143 
HIS CD2 NE2  sing Y N 144 
HIS CD2 HD2  sing N N 145 
HIS CE1 NE2  sing Y N 146 
HIS CE1 HE1  sing N N 147 
HIS NE2 HE2  sing N N 148 
HIS OXT HXT  sing N N 149 
HOH O   H1   sing N N 150 
HOH O   H2   sing N N 151 
ILE N   CA   sing N N 152 
ILE N   H    sing N N 153 
ILE N   H2   sing N N 154 
ILE CA  C    sing N N 155 
ILE CA  CB   sing N N 156 
ILE CA  HA   sing N N 157 
ILE C   O    doub N N 158 
ILE C   OXT  sing N N 159 
ILE CB  CG1  sing N N 160 
ILE CB  CG2  sing N N 161 
ILE CB  HB   sing N N 162 
ILE CG1 CD1  sing N N 163 
ILE CG1 HG12 sing N N 164 
ILE CG1 HG13 sing N N 165 
ILE CG2 HG21 sing N N 166 
ILE CG2 HG22 sing N N 167 
ILE CG2 HG23 sing N N 168 
ILE CD1 HD11 sing N N 169 
ILE CD1 HD12 sing N N 170 
ILE CD1 HD13 sing N N 171 
ILE OXT HXT  sing N N 172 
LEU N   CA   sing N N 173 
LEU N   H    sing N N 174 
LEU N   H2   sing N N 175 
LEU CA  C    sing N N 176 
LEU CA  CB   sing N N 177 
LEU CA  HA   sing N N 178 
LEU C   O    doub N N 179 
LEU C   OXT  sing N N 180 
LEU CB  CG   sing N N 181 
LEU CB  HB2  sing N N 182 
LEU CB  HB3  sing N N 183 
LEU CG  CD1  sing N N 184 
LEU CG  CD2  sing N N 185 
LEU CG  HG   sing N N 186 
LEU CD1 HD11 sing N N 187 
LEU CD1 HD12 sing N N 188 
LEU CD1 HD13 sing N N 189 
LEU CD2 HD21 sing N N 190 
LEU CD2 HD22 sing N N 191 
LEU CD2 HD23 sing N N 192 
LEU OXT HXT  sing N N 193 
LYS N   CA   sing N N 194 
LYS N   H    sing N N 195 
LYS N   H2   sing N N 196 
LYS CA  C    sing N N 197 
LYS CA  CB   sing N N 198 
LYS CA  HA   sing N N 199 
LYS C   O    doub N N 200 
LYS C   OXT  sing N N 201 
LYS CB  CG   sing N N 202 
LYS CB  HB2  sing N N 203 
LYS CB  HB3  sing N N 204 
LYS CG  CD   sing N N 205 
LYS CG  HG2  sing N N 206 
LYS CG  HG3  sing N N 207 
LYS CD  CE   sing N N 208 
LYS CD  HD2  sing N N 209 
LYS CD  HD3  sing N N 210 
LYS CE  NZ   sing N N 211 
LYS CE  HE2  sing N N 212 
LYS CE  HE3  sing N N 213 
LYS NZ  HZ1  sing N N 214 
LYS NZ  HZ2  sing N N 215 
LYS NZ  HZ3  sing N N 216 
LYS OXT HXT  sing N N 217 
MET N   CA   sing N N 218 
MET N   H    sing N N 219 
MET N   H2   sing N N 220 
MET CA  C    sing N N 221 
MET CA  CB   sing N N 222 
MET CA  HA   sing N N 223 
MET C   O    doub N N 224 
MET C   OXT  sing N N 225 
MET CB  CG   sing N N 226 
MET CB  HB2  sing N N 227 
MET CB  HB3  sing N N 228 
MET CG  SD   sing N N 229 
MET CG  HG2  sing N N 230 
MET CG  HG3  sing N N 231 
MET SD  CE   sing N N 232 
MET CE  HE1  sing N N 233 
MET CE  HE2  sing N N 234 
MET CE  HE3  sing N N 235 
MET OXT HXT  sing N N 236 
PHE N   CA   sing N N 237 
PHE N   H    sing N N 238 
PHE N   H2   sing N N 239 
PHE CA  C    sing N N 240 
PHE CA  CB   sing N N 241 
PHE CA  HA   sing N N 242 
PHE C   O    doub N N 243 
PHE C   OXT  sing N N 244 
PHE CB  CG   sing N N 245 
PHE CB  HB2  sing N N 246 
PHE CB  HB3  sing N N 247 
PHE CG  CD1  doub Y N 248 
PHE CG  CD2  sing Y N 249 
PHE CD1 CE1  sing Y N 250 
PHE CD1 HD1  sing N N 251 
PHE CD2 CE2  doub Y N 252 
PHE CD2 HD2  sing N N 253 
PHE CE1 CZ   doub Y N 254 
PHE CE1 HE1  sing N N 255 
PHE CE2 CZ   sing Y N 256 
PHE CE2 HE2  sing N N 257 
PHE CZ  HZ   sing N N 258 
PHE OXT HXT  sing N N 259 
PRO N   CA   sing N N 260 
PRO N   CD   sing N N 261 
PRO N   H    sing N N 262 
PRO CA  C    sing N N 263 
PRO CA  CB   sing N N 264 
PRO CA  HA   sing N N 265 
PRO C   O    doub N N 266 
PRO C   OXT  sing N N 267 
PRO CB  CG   sing N N 268 
PRO CB  HB2  sing N N 269 
PRO CB  HB3  sing N N 270 
PRO CG  CD   sing N N 271 
PRO CG  HG2  sing N N 272 
PRO CG  HG3  sing N N 273 
PRO CD  HD2  sing N N 274 
PRO CD  HD3  sing N N 275 
PRO OXT HXT  sing N N 276 
SER N   CA   sing N N 277 
SER N   H    sing N N 278 
SER N   H2   sing N N 279 
SER CA  C    sing N N 280 
SER CA  CB   sing N N 281 
SER CA  HA   sing N N 282 
SER C   O    doub N N 283 
SER C   OXT  sing N N 284 
SER CB  OG   sing N N 285 
SER CB  HB2  sing N N 286 
SER CB  HB3  sing N N 287 
SER OG  HG   sing N N 288 
SER OXT HXT  sing N N 289 
THR N   CA   sing N N 290 
THR N   H    sing N N 291 
THR N   H2   sing N N 292 
THR CA  C    sing N N 293 
THR CA  CB   sing N N 294 
THR CA  HA   sing N N 295 
THR C   O    doub N N 296 
THR C   OXT  sing N N 297 
THR CB  OG1  sing N N 298 
THR CB  CG2  sing N N 299 
THR CB  HB   sing N N 300 
THR OG1 HG1  sing N N 301 
THR CG2 HG21 sing N N 302 
THR CG2 HG22 sing N N 303 
THR CG2 HG23 sing N N 304 
THR OXT HXT  sing N N 305 
TRP N   CA   sing N N 306 
TRP N   H    sing N N 307 
TRP N   H2   sing N N 308 
TRP CA  C    sing N N 309 
TRP CA  CB   sing N N 310 
TRP CA  HA   sing N N 311 
TRP C   O    doub N N 312 
TRP C   OXT  sing N N 313 
TRP CB  CG   sing N N 314 
TRP CB  HB2  sing N N 315 
TRP CB  HB3  sing N N 316 
TRP CG  CD1  doub Y N 317 
TRP CG  CD2  sing Y N 318 
TRP CD1 NE1  sing Y N 319 
TRP CD1 HD1  sing N N 320 
TRP CD2 CE2  doub Y N 321 
TRP CD2 CE3  sing Y N 322 
TRP NE1 CE2  sing Y N 323 
TRP NE1 HE1  sing N N 324 
TRP CE2 CZ2  sing Y N 325 
TRP CE3 CZ3  doub Y N 326 
TRP CE3 HE3  sing N N 327 
TRP CZ2 CH2  doub Y N 328 
TRP CZ2 HZ2  sing N N 329 
TRP CZ3 CH2  sing Y N 330 
TRP CZ3 HZ3  sing N N 331 
TRP CH2 HH2  sing N N 332 
TRP OXT HXT  sing N N 333 
TYR N   CA   sing N N 334 
TYR N   H    sing N N 335 
TYR N   H2   sing N N 336 
TYR CA  C    sing N N 337 
TYR CA  CB   sing N N 338 
TYR CA  HA   sing N N 339 
TYR C   O    doub N N 340 
TYR C   OXT  sing N N 341 
TYR CB  CG   sing N N 342 
TYR CB  HB2  sing N N 343 
TYR CB  HB3  sing N N 344 
TYR CG  CD1  doub Y N 345 
TYR CG  CD2  sing Y N 346 
TYR CD1 CE1  sing Y N 347 
TYR CD1 HD1  sing N N 348 
TYR CD2 CE2  doub Y N 349 
TYR CD2 HD2  sing N N 350 
TYR CE1 CZ   doub Y N 351 
TYR CE1 HE1  sing N N 352 
TYR CE2 CZ   sing Y N 353 
TYR CE2 HE2  sing N N 354 
TYR CZ  OH   sing N N 355 
TYR OH  HH   sing N N 356 
TYR OXT HXT  sing N N 357 
VAL N   CA   sing N N 358 
VAL N   H    sing N N 359 
VAL N   H2   sing N N 360 
VAL CA  C    sing N N 361 
VAL CA  CB   sing N N 362 
VAL CA  HA   sing N N 363 
VAL C   O    doub N N 364 
VAL C   OXT  sing N N 365 
VAL CB  CG1  sing N N 366 
VAL CB  CG2  sing N N 367 
VAL CB  HB   sing N N 368 
VAL CG1 HG11 sing N N 369 
VAL CG1 HG12 sing N N 370 
VAL CG1 HG13 sing N N 371 
VAL CG2 HG21 sing N N 372 
VAL CG2 HG22 sing N N 373 
VAL CG2 HG23 sing N N 374 
VAL OXT HXT  sing N N 375 
# 
loop_
_pdbx_audit_support.funding_organization 
_pdbx_audit_support.country 
_pdbx_audit_support.grant_number 
_pdbx_audit_support.ordinal 
'National Institutes of Health/National Institute of General Medical Sciences (NIH/NIGMS)'          'United States' R01GM085234  1 
'National Institutes of Health/National Institute of Neurological Disorders and Stroke (NIH/NINDS)' 'United States' RO1NS053494  2 
'National Basic Research Program of China (973 Program)'                                            China           2014CB910301 3 
'National Natural Science Foundation of China (NSFC)'                                               China           31370821     4 
'Top Talents Program of Yunnan Province'                                                            China           2011HA012    5 
'High-level Overseas Talents of Yunnan Province'                                                    China           ?            6 
'China Youth 1000-Talent Program of the State Council of China'                                     China           ?            7 
'Beijing Advanced Innovation Center for Structural Biology'                                         China           ?            8 
# 
_atom_sites.entry_id                    5TJA 
_atom_sites.fract_transf_matrix[1][1]   -0.00593141 
_atom_sites.fract_transf_matrix[1][2]   0.00442956 
_atom_sites.fract_transf_matrix[1][3]   0.00297956 
_atom_sites.fract_transf_matrix[2][1]   0.00283088 
_atom_sites.fract_transf_matrix[2][2]   -0.00116628 
_atom_sites.fract_transf_matrix[2][3]   0.00736928 
_atom_sites.fract_transf_matrix[3][1]   0.00739647 
_atom_sites.fract_transf_matrix[3][2]   0.01067869 
_atom_sites.fract_transf_matrix[3][3]   -0.00115129 
_atom_sites.fract_transf_vector[1]      0.406448 
_atom_sites.fract_transf_vector[2]      0.320459 
_atom_sites.fract_transf_vector[3]      0.269628 
# 
loop_
_atom_type.symbol 
C 
N 
O 
S 
# 
loop_
_atom_site.group_PDB 
_atom_site.id 
_atom_site.type_symbol 
_atom_site.label_atom_id 
_atom_site.label_alt_id 
_atom_site.label_comp_id 
_atom_site.label_asym_id 
_atom_site.label_entity_id 
_atom_site.label_seq_id 
_atom_site.pdbx_PDB_ins_code 
_atom_site.Cartn_x 
_atom_site.Cartn_y 
_atom_site.Cartn_z 
_atom_site.occupancy 
_atom_site.B_iso_or_equiv 
_atom_site.pdbx_formal_charge 
_atom_site.auth_seq_id 
_atom_site.auth_comp_id 
_atom_site.auth_asym_id 
_atom_site.auth_atom_id 
_atom_site.pdbx_PDB_model_num 
ATOM   1    N N   . GLY A 1 1   ? -9.528  30.514  -2.798  1.00 53.40 ? 82  GLY A N   1 
ATOM   2    C CA  . GLY A 1 1   ? -9.286  30.225  -4.234  1.00 52.66 ? 82  GLY A CA  1 
ATOM   3    C C   . GLY A 1 1   ? -8.140  29.270  -4.532  1.00 52.95 ? 82  GLY A C   1 
ATOM   4    O O   . GLY A 1 1   ? -8.235  28.070  -4.272  1.00 54.37 ? 82  GLY A O   1 
ATOM   5    N N   . SER A 1 2   ? -7.045  29.810  -5.066  1.00 51.68 ? 83  SER A N   1 
ATOM   6    C CA  . SER A 1 2   ? -5.897  28.992  -5.452  1.00 45.38 ? 83  SER A CA  1 
ATOM   7    C C   . SER A 1 2   ? -4.887  28.583  -4.384  1.00 43.25 ? 83  SER A C   1 
ATOM   8    O O   . SER A 1 2   ? -4.419  27.449  -4.390  1.00 44.58 ? 83  SER A O   1 
ATOM   9    C CB  . SER A 1 2   ? -5.180  29.643  -6.643  1.00 42.43 ? 83  SER A CB  1 
ATOM   10   O OG  . SER A 1 2   ? -5.216  31.057  -6.576  1.00 38.38 ? 83  SER A OG  1 
ATOM   11   N N   . GLY A 1 3   ? -4.531  29.477  -3.475  1.00 41.82 ? 84  GLY A N   1 
ATOM   12   C CA  . GLY A 1 3   ? -3.586  29.080  -2.448  1.00 40.59 ? 84  GLY A CA  1 
ATOM   13   C C   . GLY A 1 3   ? -4.243  28.022  -1.579  1.00 42.27 ? 84  GLY A C   1 
ATOM   14   O O   . GLY A 1 3   ? -3.608  27.074  -1.110  1.00 43.13 ? 84  GLY A O   1 
ATOM   15   N N   . LEU A 1 4   ? -5.545  28.194  -1.382  1.00 39.38 ? 85  LEU A N   1 
ATOM   16   C CA  . LEU A 1 4   ? -6.349  27.292  -0.570  1.00 39.10 ? 85  LEU A CA  1 
ATOM   17   C C   . LEU A 1 4   ? -6.532  25.970  -1.291  1.00 35.37 ? 85  LEU A C   1 
ATOM   18   O O   . LEU A 1 4   ? -6.463  24.903  -0.684  1.00 35.34 ? 85  LEU A O   1 
ATOM   19   C CB  . LEU A 1 4   ? -7.717  27.923  -0.310  1.00 41.86 ? 85  LEU A CB  1 
ATOM   20   C CG  . LEU A 1 4   ? -8.252  27.916  1.123   1.00 44.49 ? 85  LEU A CG  1 
ATOM   21   C CD1 . LEU A 1 4   ? -9.603  28.625  1.145   1.00 45.24 ? 85  LEU A CD1 1 
ATOM   22   C CD2 . LEU A 1 4   ? -8.382  26.488  1.632   1.00 40.16 ? 85  LEU A CD2 1 
ATOM   23   N N   . SER A 1 5   ? -6.774  26.054  -2.591  1.00 33.00 ? 86  SER A N   1 
ATOM   24   C CA  . SER A 1 5   ? -6.965  24.875  -3.413  1.00 33.14 ? 86  SER A CA  1 
ATOM   25   C C   . SER A 1 5   ? -5.771  23.924  -3.263  1.00 34.43 ? 86  SER A C   1 
ATOM   26   O O   . SER A 1 5   ? -5.945  22.707  -3.154  1.00 34.42 ? 86  SER A O   1 
ATOM   27   C CB  . SER A 1 5   ? -7.154  25.299  -4.874  1.00 32.42 ? 86  SER A CB  1 
ATOM   28   O OG  . SER A 1 5   ? -7.201  24.185  -5.749  1.00 30.70 ? 86  SER A OG  1 
ATOM   29   N N   . ASN A 1 6   ? -4.561  24.480  -3.243  1.00 32.24 ? 87  ASN A N   1 
ATOM   30   C CA  . ASN A 1 6   ? -3.364  23.656  -3.106  1.00 31.35 ? 87  ASN A CA  1 
ATOM   31   C C   . ASN A 1 6   ? -3.239  23.022  -1.723  1.00 27.77 ? 87  ASN A C   1 
ATOM   32   O O   . ASN A 1 6   ? -2.914  21.844  -1.609  1.00 26.80 ? 87  ASN A O   1 
ATOM   33   C CB  . ASN A 1 6   ? -2.098  24.469  -3.415  1.00 30.24 ? 87  ASN A CB  1 
ATOM   34   C CG  . ASN A 1 6   ? -2.004  24.867  -4.877  1.00 32.37 ? 87  ASN A CG  1 
ATOM   35   O OD1 . ASN A 1 6   ? -2.279  24.068  -5.771  1.00 33.02 ? 87  ASN A OD1 1 
ATOM   36   N ND2 . ASN A 1 6   ? -1.593  26.102  -5.125  1.00 31.83 ? 87  ASN A ND2 1 
ATOM   37   N N   . GLN A 1 7   ? -3.491  23.797  -0.675  1.00 26.96 ? 88  GLN A N   1 
ATOM   38   C CA  . GLN A 1 7   ? -3.393  23.263  0.680   1.00 32.27 ? 88  GLN A CA  1 
ATOM   39   C C   . GLN A 1 7   ? -4.460  22.185  0.921   1.00 32.14 ? 88  GLN A C   1 
ATOM   40   O O   . GLN A 1 7   ? -4.205  21.169  1.570   1.00 30.08 ? 88  GLN A O   1 
ATOM   41   C CB  . GLN A 1 7   ? -3.551  24.390  1.698   1.00 33.46 ? 88  GLN A CB  1 
ATOM   42   C CG  . GLN A 1 7   ? -3.449  23.938  3.150   1.00 39.36 ? 88  GLN A CG  1 
ATOM   43   C CD  . GLN A 1 7   ? -2.139  23.236  3.456   1.00 39.18 ? 88  GLN A CD  1 
ATOM   44   O OE1 . GLN A 1 7   ? -2.071  22.008  3.478   1.00 43.25 ? 88  GLN A OE1 1 
ATOM   45   N NE2 . GLN A 1 7   ? -1.088  24.015  3.685   1.00 40.24 ? 88  GLN A NE2 1 
ATOM   46   N N   . LEU A 1 8   ? -5.653  22.430  0.392   1.00 30.22 ? 89  LEU A N   1 
ATOM   47   C CA  . LEU A 1 8   ? -6.765  21.500  0.509   1.00 30.25 ? 89  LEU A CA  1 
ATOM   48   C C   . LEU A 1 8   ? -6.373  20.189  -0.183  1.00 28.65 ? 89  LEU A C   1 
ATOM   49   O O   . LEU A 1 8   ? -6.605  19.102  0.346   1.00 26.90 ? 89  LEU A O   1 
ATOM   50   C CB  . LEU A 1 8   ? -8.010  22.108  -0.151  1.00 31.40 ? 89  LEU A CB  1 
ATOM   51   C CG  . LEU A 1 8   ? -9.254  22.319  0.720   1.00 36.17 ? 89  LEU A CG  1 
ATOM   52   C CD1 . LEU A 1 8   ? -8.874  22.929  2.062   1.00 32.84 ? 89  LEU A CD1 1 
ATOM   53   C CD2 . LEU A 1 8   ? -10.242 23.213  -0.026  1.00 33.92 ? 89  LEU A CD2 1 
ATOM   54   N N   . ALA A 1 9   ? -5.759  20.299  -1.358  1.00 24.94 ? 90  ALA A N   1 
ATOM   55   C CA  . ALA A 1 9   ? -5.330  19.118  -2.095  1.00 25.30 ? 90  ALA A CA  1 
ATOM   56   C C   . ALA A 1 9   ? -4.254  18.329  -1.342  1.00 24.91 ? 90  ALA A C   1 
ATOM   57   O O   . ALA A 1 9   ? -4.311  17.098  -1.287  1.00 20.48 ? 90  ALA A O   1 
ATOM   58   C CB  . ALA A 1 9   ? -4.823  19.515  -3.472  1.00 25.52 ? 90  ALA A CB  1 
ATOM   59   N N   . VAL A 1 10  ? -3.275  19.028  -0.770  1.00 22.26 ? 91  VAL A N   1 
ATOM   60   C CA  . VAL A 1 10  ? -2.218  18.353  -0.020  1.00 23.77 ? 91  VAL A CA  1 
ATOM   61   C C   . VAL A 1 10  ? -2.833  17.677  1.195   1.00 22.59 ? 91  VAL A C   1 
ATOM   62   O O   . VAL A 1 10  ? -2.541  16.520  1.497   1.00 22.45 ? 91  VAL A O   1 
ATOM   63   C CB  . VAL A 1 10  ? -1.120  19.341  0.458   1.00 23.79 ? 91  VAL A CB  1 
ATOM   64   C CG1 . VAL A 1 10  ? -0.236  18.681  1.521   1.00 20.29 ? 91  VAL A CG1 1 
ATOM   65   C CG2 . VAL A 1 10  ? -0.267  19.765  -0.719  1.00 22.72 ? 91  VAL A CG2 1 
ATOM   66   N N   . THR A 1 11  ? -3.690  18.414  1.885   1.00 23.08 ? 92  THR A N   1 
ATOM   67   C CA  . THR A 1 11  ? -4.369  17.904  3.067   1.00 22.35 ? 92  THR A CA  1 
ATOM   68   C C   . THR A 1 11  ? -5.218  16.676  2.718   1.00 21.89 ? 92  THR A C   1 
ATOM   69   O O   . THR A 1 11  ? -5.268  15.705  3.478   1.00 22.07 ? 92  THR A O   1 
ATOM   70   C CB  . THR A 1 11  ? -5.247  19.010  3.683   1.00 23.80 ? 92  THR A CB  1 
ATOM   71   O OG1 . THR A 1 11  ? -4.399  19.967  4.327   1.00 31.34 ? 92  THR A OG1 1 
ATOM   72   C CG2 . THR A 1 11  ? -6.229  18.440  4.698   1.00 28.63 ? 92  THR A CG2 1 
ATOM   73   N N   . PHE A 1 12  ? -5.868  16.715  1.559   1.00 17.31 ? 93  PHE A N   1 
ATOM   74   C CA  . PHE A 1 12  ? -6.708  15.611  1.126   1.00 19.45 ? 93  PHE A CA  1 
ATOM   75   C C   . PHE A 1 12  ? -5.850  14.370  0.946   1.00 21.00 ? 93  PHE A C   1 
ATOM   76   O O   . PHE A 1 12  ? -6.257  13.258  1.302   1.00 19.50 ? 93  PHE A O   1 
ATOM   77   C CB  . PHE A 1 12  ? -7.412  15.954  -0.196  1.00 18.61 ? 93  PHE A CB  1 
ATOM   78   C CG  . PHE A 1 12  ? -8.344  14.866  -0.696  1.00 19.89 ? 93  PHE A CG  1 
ATOM   79   C CD1 . PHE A 1 12  ? -9.509  14.557  -0.005  1.00 16.67 ? 93  PHE A CD1 1 
ATOM   80   C CD2 . PHE A 1 12  ? -8.050  14.157  -1.858  1.00 16.53 ? 93  PHE A CD2 1 
ATOM   81   C CE1 . PHE A 1 12  ? -10.374 13.556  -0.465  1.00 18.27 ? 93  PHE A CE1 1 
ATOM   82   C CE2 . PHE A 1 12  ? -8.906  13.155  -2.322  1.00 17.78 ? 93  PHE A CE2 1 
ATOM   83   C CZ  . PHE A 1 12  ? -10.071 12.856  -1.622  1.00 12.97 ? 93  PHE A CZ  1 
ATOM   84   N N   . ARG A 1 13  ? -4.655  14.566  0.397   1.00 18.05 ? 94  ARG A N   1 
ATOM   85   C CA  . ARG A 1 13  ? -3.756  13.455  0.169   1.00 17.43 ? 94  ARG A CA  1 
ATOM   86   C C   . ARG A 1 13  ? -3.239  12.885  1.487   1.00 17.98 ? 94  ARG A C   1 
ATOM   87   O O   . ARG A 1 13  ? -3.137  11.671  1.652   1.00 19.33 ? 94  ARG A O   1 
ATOM   88   C CB  . ARG A 1 13  ? -2.582  13.882  -0.718  1.00 17.84 ? 94  ARG A CB  1 
ATOM   89   C CG  . ARG A 1 13  ? -1.634  12.739  -0.970  1.00 22.17 ? 94  ARG A CG  1 
ATOM   90   C CD  . ARG A 1 13  ? -0.339  13.148  -1.608  1.00 25.55 ? 94  ARG A CD  1 
ATOM   91   N NE  . ARG A 1 13  ? 0.652   12.107  -1.367  1.00 34.41 ? 94  ARG A NE  1 
ATOM   92   C CZ  . ARG A 1 13  ? 1.009   11.696  -0.152  1.00 42.65 ? 94  ARG A CZ  1 
ATOM   93   N NH1 . ARG A 1 13  ? 0.460   12.244  0.931   1.00 46.64 ? 94  ARG A NH1 1 
ATOM   94   N NH2 . ARG A 1 13  ? 1.899   10.724  -0.010  1.00 42.12 ? 94  ARG A NH2 1 
ATOM   95   N N   . GLU A 1 14  ? -2.923  13.757  2.432   1.00 20.43 ? 95  GLU A N   1 
ATOM   96   C CA  . GLU A 1 14  ? -2.418  13.301  3.721   1.00 22.30 ? 95  GLU A CA  1 
ATOM   97   C C   . GLU A 1 14  ? -3.487  12.575  4.544   1.00 19.66 ? 95  GLU A C   1 
ATOM   98   O O   . GLU A 1 14  ? -3.207  11.540  5.142   1.00 18.41 ? 95  GLU A O   1 
ATOM   99   C CB  . GLU A 1 14  ? -1.859  14.482  4.519   1.00 25.18 ? 95  GLU A CB  1 
ATOM   100  C CG  . GLU A 1 14  ? -1.365  14.112  5.910   1.00 34.82 ? 95  GLU A CG  1 
ATOM   101  C CD  . GLU A 1 14  ? -0.136  13.202  5.897   1.00 44.94 ? 95  GLU A CD  1 
ATOM   102  O OE1 . GLU A 1 14  ? 0.266   12.730  4.808   1.00 47.68 ? 95  GLU A OE1 1 
ATOM   103  O OE2 . GLU A 1 14  ? 0.427   12.957  6.990   1.00 47.09 ? 95  GLU A OE2 1 
ATOM   104  N N   . GLU A 1 15  ? -4.708  13.111  4.564   1.00 17.99 ? 96  GLU A N   1 
ATOM   105  C CA  . GLU A 1 15  ? -5.800  12.497  5.328   1.00 20.32 ? 96  GLU A CA  1 
ATOM   106  C C   . GLU A 1 15  ? -6.112  11.083  4.823   1.00 17.73 ? 96  GLU A C   1 
ATOM   107  O O   . GLU A 1 15  ? -6.275  10.160  5.620   1.00 14.29 ? 96  GLU A O   1 
ATOM   108  C CB  . GLU A 1 15  ? -7.065  13.366  5.260   1.00 21.71 ? 96  GLU A CB  1 
ATOM   109  C CG  . GLU A 1 15  ? -6.993  14.683  6.021   1.00 27.43 ? 96  GLU A CG  1 
ATOM   110  C CD  . GLU A 1 15  ? -6.864  14.486  7.514   1.00 37.45 ? 96  GLU A CD  1 
ATOM   111  O OE1 . GLU A 1 15  ? -7.821  13.978  8.137   1.00 42.74 ? 96  GLU A OE1 1 
ATOM   112  O OE2 . GLU A 1 15  ? -5.802  14.831  8.072   1.00 40.34 ? 96  GLU A OE2 1 
ATOM   113  N N   . ASN A 1 16  ? -6.206  10.927  3.504   1.00 14.80 ? 97  ASN A N   1 
ATOM   114  C CA  . ASN A 1 16  ? -6.464  9.628   2.882   1.00 17.80 ? 97  ASN A CA  1 
ATOM   115  C C   . ASN A 1 16  ? -5.347  8.664   3.268   1.00 18.99 ? 97  ASN A C   1 
ATOM   116  O O   . ASN A 1 16  ? -5.597  7.499   3.594   1.00 17.85 ? 97  ASN A O   1 
ATOM   117  C CB  . ASN A 1 16  ? -6.481  9.749   1.350   1.00 15.94 ? 97  ASN A CB  1 
ATOM   118  C CG  . ASN A 1 16  ? -7.856  10.039  0.798   1.00 20.36 ? 97  ASN A CG  1 
ATOM   119  O OD1 . ASN A 1 16  ? -8.688  9.140   0.671   1.00 23.09 ? 97  ASN A OD1 1 
ATOM   120  N ND2 . ASN A 1 16  ? -8.107  11.300  0.466   1.00 17.16 ? 97  ASN A ND2 1 
ATOM   121  N N   . THR A 1 17  ? -4.113  9.166   3.223   1.00 17.32 ? 98  THR A N   1 
ATOM   122  C CA  . THR A 1 17  ? -2.950  8.355   3.544   1.00 18.11 ? 98  THR A CA  1 
ATOM   123  C C   . THR A 1 17  ? -2.993  7.903   4.991   1.00 16.09 ? 98  THR A C   1 
ATOM   124  O O   . THR A 1 17  ? -2.671  6.757   5.294   1.00 16.40 ? 98  THR A O   1 
ATOM   125  C CB  . THR A 1 17  ? -1.632  9.123   3.275   1.00 17.28 ? 98  THR A CB  1 
ATOM   126  O OG1 . THR A 1 17  ? -1.589  9.520   1.901   1.00 17.88 ? 98  THR A OG1 1 
ATOM   127  C CG2 . THR A 1 17  ? -0.435  8.237   3.558   1.00 16.59 ? 98  THR A CG2 1 
ATOM   128  N N   . ILE A 1 18  ? -3.386  8.801   5.886   1.00 15.99 ? 99  ILE A N   1 
ATOM   129  C CA  . ILE A 1 18  ? -3.482  8.443   7.294   1.00 17.19 ? 99  ILE A CA  1 
ATOM   130  C C   . ILE A 1 18  ? -4.593  7.394   7.458   1.00 17.29 ? 99  ILE A C   1 
ATOM   131  O O   . ILE A 1 18  ? -4.472  6.453   8.258   1.00 9.88  ? 99  ILE A O   1 
ATOM   132  C CB  . ILE A 1 18  ? -3.775  9.685   8.171   1.00 16.12 ? 99  ILE A CB  1 
ATOM   133  C CG1 . ILE A 1 18  ? -2.523  10.575  8.225   1.00 17.78 ? 99  ILE A CG1 1 
ATOM   134  C CG2 . ILE A 1 18  ? -4.190  9.259   9.578   1.00 10.56 ? 99  ILE A CG2 1 
ATOM   135  C CD1 . ILE A 1 18  ? -2.721  11.878  8.994   1.00 16.60 ? 99  ILE A CD1 1 
ATOM   136  N N   . ALA A 1 19  ? -5.664  7.549   6.686   1.00 16.21 ? 100 ALA A N   1 
ATOM   137  C CA  . ALA A 1 19  ? -6.765  6.598   6.754   1.00 19.29 ? 100 ALA A CA  1 
ATOM   138  C C   . ALA A 1 19  ? -6.252  5.231   6.304   1.00 17.22 ? 100 ALA A C   1 
ATOM   139  O O   . ALA A 1 19  ? -6.523  4.217   6.948   1.00 20.26 ? 100 ALA A O   1 
ATOM   140  C CB  . ALA A 1 19  ? -7.935  7.062   5.877   1.00 16.72 ? 100 ALA A CB  1 
ATOM   141  N N   . PHE A 1 20  ? -5.490  5.207   5.215   1.00 17.12 ? 101 PHE A N   1 
ATOM   142  C CA  . PHE A 1 20  ? -4.945  3.951   4.719   1.00 16.43 ? 101 PHE A CA  1 
ATOM   143  C C   . PHE A 1 20  ? -4.102  3.242   5.781   1.00 19.76 ? 101 PHE A C   1 
ATOM   144  O O   . PHE A 1 20  ? -4.144  2.014   5.891   1.00 22.09 ? 101 PHE A O   1 
ATOM   145  C CB  . PHE A 1 20  ? -4.105  4.178   3.457   1.00 17.33 ? 101 PHE A CB  1 
ATOM   146  C CG  . PHE A 1 20  ? -4.887  4.721   2.286   1.00 17.53 ? 101 PHE A CG  1 
ATOM   147  C CD1 . PHE A 1 20  ? -6.275  4.562   2.210   1.00 16.68 ? 101 PHE A CD1 1 
ATOM   148  C CD2 . PHE A 1 20  ? -4.234  5.378   1.250   1.00 15.12 ? 101 PHE A CD2 1 
ATOM   149  C CE1 . PHE A 1 20  ? -6.993  5.053   1.120   1.00 18.78 ? 101 PHE A CE1 1 
ATOM   150  C CE2 . PHE A 1 20  ? -4.942  5.874   0.152   1.00 13.01 ? 101 PHE A CE2 1 
ATOM   151  C CZ  . PHE A 1 20  ? -6.325  5.713   0.086   1.00 16.67 ? 101 PHE A CZ  1 
ATOM   152  N N   . ARG A 1 21  ? -3.332  3.994   6.568   1.00 18.35 ? 102 ARG A N   1 
ATOM   153  C CA  . ARG A 1 21  ? -2.516  3.361   7.605   1.00 17.03 ? 102 ARG A CA  1 
ATOM   154  C C   . ARG A 1 21  ? -3.386  2.683   8.677   1.00 14.78 ? 102 ARG A C   1 
ATOM   155  O O   . ARG A 1 21  ? -3.069  1.584   9.127   1.00 13.32 ? 102 ARG A O   1 
ATOM   156  C CB  . ARG A 1 21  ? -1.571  4.376   8.270   1.00 15.83 ? 102 ARG A CB  1 
ATOM   157  C CG  . ARG A 1 21  ? -0.568  5.014   7.309   1.00 17.45 ? 102 ARG A CG  1 
ATOM   158  C CD  . ARG A 1 21  ? 0.598   5.682   8.035   1.00 17.67 ? 102 ARG A CD  1 
ATOM   159  N NE  . ARG A 1 21  ? 1.591   6.134   7.068   1.00 24.48 ? 102 ARG A NE  1 
ATOM   160  C CZ  . ARG A 1 21  ? 1.628   7.350   6.530   1.00 23.20 ? 102 ARG A CZ  1 
ATOM   161  N NH1 . ARG A 1 21  ? 0.735   8.273   6.875   1.00 21.16 ? 102 ARG A NH1 1 
ATOM   162  N NH2 . ARG A 1 21  ? 2.524   7.621   5.596   1.00 18.88 ? 102 ARG A NH2 1 
ATOM   163  N N   . HIS A 1 22  ? -4.471  3.337   9.090   1.00 14.97 ? 103 HIS A N   1 
ATOM   164  C CA  . HIS A 1 22  ? -5.356  2.759   10.104  1.00 16.98 ? 103 HIS A CA  1 
ATOM   165  C C   . HIS A 1 22  ? -6.113  1.533   9.564   1.00 18.06 ? 103 HIS A C   1 
ATOM   166  O O   . HIS A 1 22  ? -6.325  0.569   10.288  1.00 20.26 ? 103 HIS A O   1 
ATOM   167  C CB  . HIS A 1 22  ? -6.354  3.815   10.614  1.00 18.55 ? 103 HIS A CB  1 
ATOM   168  C CG  . HIS A 1 22  ? -5.745  4.835   11.532  1.00 20.25 ? 103 HIS A CG  1 
ATOM   169  N ND1 . HIS A 1 22  ? -5.718  4.684   12.904  1.00 16.32 ? 103 HIS A ND1 1 
ATOM   170  C CD2 . HIS A 1 22  ? -5.080  5.987   11.269  1.00 16.85 ? 103 HIS A CD2 1 
ATOM   171  C CE1 . HIS A 1 22  ? -5.058  5.695   13.443  1.00 16.04 ? 103 HIS A CE1 1 
ATOM   172  N NE2 . HIS A 1 22  ? -4.661  6.498   12.473  1.00 15.12 ? 103 HIS A NE2 1 
ATOM   173  N N   . LEU A 1 23  ? -6.493  1.563   8.288   1.00 17.82 ? 104 LEU A N   1 
ATOM   174  C CA  . LEU A 1 23  ? -7.230  0.459   7.673   1.00 19.54 ? 104 LEU A CA  1 
ATOM   175  C C   . LEU A 1 23  ? -6.389  -0.762  7.311   1.00 18.09 ? 104 LEU A C   1 
ATOM   176  O O   . LEU A 1 23  ? -6.796  -1.889  7.557   1.00 20.79 ? 104 LEU A O   1 
ATOM   177  C CB  . LEU A 1 23  ? -7.940  0.936   6.395   1.00 21.20 ? 104 LEU A CB  1 
ATOM   178  C CG  . LEU A 1 23  ? -9.092  1.946   6.496   1.00 25.58 ? 104 LEU A CG  1 
ATOM   179  C CD1 . LEU A 1 23  ? -9.235  2.712   5.180   1.00 16.44 ? 104 LEU A CD1 1 
ATOM   180  C CD2 . LEU A 1 23  ? -10.382 1.222   6.862   1.00 22.20 ? 104 LEU A CD2 1 
ATOM   181  N N   . PHE A 1 24  ? -5.213  -0.534  6.745   1.00 19.57 ? 105 PHE A N   1 
ATOM   182  C CA  . PHE A 1 24  ? -4.367  -1.622  6.282   1.00 19.46 ? 105 PHE A CA  1 
ATOM   183  C C   . PHE A 1 24  ? -3.229  -2.110  7.170   1.00 22.63 ? 105 PHE A C   1 
ATOM   184  O O   . PHE A 1 24  ? -2.755  -3.232  6.989   1.00 23.04 ? 105 PHE A O   1 
ATOM   185  C CB  . PHE A 1 24  ? -3.816  -1.264  4.899   1.00 19.00 ? 105 PHE A CB  1 
ATOM   186  C CG  . PHE A 1 24  ? -4.887  -0.935  3.885   1.00 21.27 ? 105 PHE A CG  1 
ATOM   187  C CD1 . PHE A 1 24  ? -5.802  -1.905  3.476   1.00 24.98 ? 105 PHE A CD1 1 
ATOM   188  C CD2 . PHE A 1 24  ? -4.989  0.345   3.354   1.00 20.52 ? 105 PHE A CD2 1 
ATOM   189  C CE1 . PHE A 1 24  ? -6.807  -1.601  2.552   1.00 20.55 ? 105 PHE A CE1 1 
ATOM   190  C CE2 . PHE A 1 24  ? -5.988  0.660   2.430   1.00 23.61 ? 105 PHE A CE2 1 
ATOM   191  C CZ  . PHE A 1 24  ? -6.897  -0.313  2.030   1.00 21.80 ? 105 PHE A CZ  1 
ATOM   192  N N   . LEU A 1 25  ? -2.786  -1.295  8.119   1.00 21.11 ? 106 LEU A N   1 
ATOM   193  C CA  . LEU A 1 25  ? -1.692  -1.709  8.993   1.00 22.73 ? 106 LEU A CA  1 
ATOM   194  C C   . LEU A 1 25  ? -2.211  -2.269  10.329  1.00 23.51 ? 106 LEU A C   1 
ATOM   195  O O   . LEU A 1 25  ? -2.804  -1.549  11.145  1.00 24.41 ? 106 LEU A O   1 
ATOM   196  C CB  . LEU A 1 25  ? -0.742  -0.531  9.215   1.00 19.71 ? 106 LEU A CB  1 
ATOM   197  C CG  . LEU A 1 25  ? -0.191  0.096   7.921   1.00 23.17 ? 106 LEU A CG  1 
ATOM   198  C CD1 . LEU A 1 25  ? 0.816   1.203   8.252   1.00 14.10 ? 106 LEU A CD1 1 
ATOM   199  C CD2 . LEU A 1 25  ? 0.470   -0.988  7.071   1.00 16.53 ? 106 LEU A CD2 1 
ATOM   200  N N   . LEU A 1 26  ? -1.996  -3.563  10.544  1.00 22.88 ? 107 LEU A N   1 
ATOM   201  C CA  . LEU A 1 26  ? -2.466  -4.213  11.764  1.00 23.84 ? 107 LEU A CA  1 
ATOM   202  C C   . LEU A 1 26  ? -1.820  -3.675  13.043  1.00 24.06 ? 107 LEU A C   1 
ATOM   203  O O   . LEU A 1 26  ? -0.604  -3.776  13.229  1.00 20.19 ? 107 LEU A O   1 
ATOM   204  C CB  . LEU A 1 26  ? -2.245  -5.729  11.682  1.00 25.42 ? 107 LEU A CB  1 
ATOM   205  C CG  . LEU A 1 26  ? -2.768  -6.535  12.883  1.00 25.20 ? 107 LEU A CG  1 
ATOM   206  C CD1 . LEU A 1 26  ? -4.277  -6.360  13.000  1.00 23.00 ? 107 LEU A CD1 1 
ATOM   207  C CD2 . LEU A 1 26  ? -2.429  -8.001  12.716  1.00 23.25 ? 107 LEU A CD2 1 
ATOM   208  N N   . GLY A 1 27  ? -2.652  -3.111  13.916  1.00 22.14 ? 108 GLY A N   1 
ATOM   209  C CA  . GLY A 1 27  ? -2.183  -2.579  15.185  1.00 22.39 ? 108 GLY A CA  1 
ATOM   210  C C   . GLY A 1 27  ? -1.607  -1.176  15.119  1.00 26.32 ? 108 GLY A C   1 
ATOM   211  O O   . GLY A 1 27  ? -0.983  -0.705  16.071  1.00 27.69 ? 108 GLY A O   1 
ATOM   212  N N   . TYR A 1 28  ? -1.816  -0.501  13.999  1.00 20.97 ? 109 TYR A N   1 
ATOM   213  C CA  . TYR A 1 28  ? -1.297  0.839   13.834  1.00 21.40 ? 109 TYR A CA  1 
ATOM   214  C C   . TYR A 1 28  ? -1.976  1.898   14.707  1.00 21.89 ? 109 TYR A C   1 
ATOM   215  O O   . TYR A 1 28  ? -3.187  1.868   14.924  1.00 23.82 ? 109 TYR A O   1 
ATOM   216  C CB  . TYR A 1 28  ? -1.428  1.263   12.374  1.00 21.90 ? 109 TYR A CB  1 
ATOM   217  C CG  . TYR A 1 28  ? -0.969  2.675   12.125  1.00 21.07 ? 109 TYR A CG  1 
ATOM   218  C CD1 . TYR A 1 28  ? 0.378   2.966   11.919  1.00 18.31 ? 109 TYR A CD1 1 
ATOM   219  C CD2 . TYR A 1 28  ? -1.876  3.725   12.131  1.00 17.63 ? 109 TYR A CD2 1 
ATOM   220  C CE1 . TYR A 1 28  ? 0.805   4.277   11.723  1.00 16.79 ? 109 TYR A CE1 1 
ATOM   221  C CE2 . TYR A 1 28  ? -1.463  5.031   11.941  1.00 20.10 ? 109 TYR A CE2 1 
ATOM   222  C CZ  . TYR A 1 28  ? -0.121  5.304   11.739  1.00 17.06 ? 109 TYR A CZ  1 
ATOM   223  O OH  . TYR A 1 28  ? 0.279   6.606   11.570  1.00 15.32 ? 109 TYR A OH  1 
ATOM   224  N N   . SER A 1 29  ? -1.182  2.838   15.206  1.00 20.48 ? 110 SER A N   1 
ATOM   225  C CA  . SER A 1 29  ? -1.717  3.950   15.986  1.00 24.91 ? 110 SER A CA  1 
ATOM   226  C C   . SER A 1 29  ? -0.879  5.159   15.579  1.00 23.54 ? 110 SER A C   1 
ATOM   227  O O   . SER A 1 29  ? 0.280   5.016   15.188  1.00 24.40 ? 110 SER A O   1 
ATOM   228  C CB  . SER A 1 29  ? -1.608  3.690   17.493  1.00 22.91 ? 110 SER A CB  1 
ATOM   229  O OG  . SER A 1 29  ? -0.262  3.738   17.920  1.00 33.50 ? 110 SER A OG  1 
ATOM   230  N N   . ASP A 1 30  ? -1.468  6.343   15.652  1.00 24.05 ? 111 ASP A N   1 
ATOM   231  C CA  . ASP A 1 30  ? -0.767  7.565   15.270  1.00 23.99 ? 111 ASP A CA  1 
ATOM   232  C C   . ASP A 1 30  ? 0.503   7.820   16.066  1.00 22.50 ? 111 ASP A C   1 
ATOM   233  O O   . ASP A 1 30  ? 0.588   7.476   17.238  1.00 20.07 ? 111 ASP A O   1 
ATOM   234  C CB  . ASP A 1 30  ? -1.709  8.752   15.406  1.00 25.45 ? 111 ASP A CB  1 
ATOM   235  C CG  . ASP A 1 30  ? -2.963  8.581   14.578  1.00 26.38 ? 111 ASP A CG  1 
ATOM   236  O OD1 . ASP A 1 30  ? -2.839  8.363   13.352  1.00 24.55 ? 111 ASP A OD1 1 
ATOM   237  O OD2 . ASP A 1 30  ? -4.063  8.660   15.153  1.00 29.44 ? 111 ASP A OD2 1 
ATOM   238  N N   . GLY A 1 31  ? 1.487   8.428   15.413  1.00 24.41 ? 112 GLY A N   1 
ATOM   239  C CA  . GLY A 1 31  ? 2.748   8.722   16.066  1.00 27.44 ? 112 GLY A CA  1 
ATOM   240  C C   . GLY A 1 31  ? 3.694   7.536   16.125  1.00 31.24 ? 112 GLY A C   1 
ATOM   241  O O   . GLY A 1 31  ? 4.789   7.650   16.662  1.00 31.43 ? 112 GLY A O   1 
ATOM   242  N N   . ALA A 1 32  ? 3.287   6.400   15.566  1.00 34.74 ? 113 ALA A N   1 
ATOM   243  C CA  . ALA A 1 32  ? 4.127   5.199   15.591  1.00 37.80 ? 113 ALA A CA  1 
ATOM   244  C C   . ALA A 1 32  ? 4.847   4.908   14.273  1.00 35.70 ? 113 ALA A C   1 
ATOM   245  O O   . ALA A 1 32  ? 5.555   3.909   14.159  1.00 37.17 ? 113 ALA A O   1 
ATOM   246  C CB  . ALA A 1 32  ? 3.277   3.984   15.988  1.00 33.99 ? 113 ALA A CB  1 
ATOM   247  N N   . ASP A 1 33  ? 4.688   5.793   13.297  1.00 34.38 ? 114 ASP A N   1 
ATOM   248  C CA  . ASP A 1 33  ? 5.262   5.602   11.973  1.00 32.83 ? 114 ASP A CA  1 
ATOM   249  C C   . ASP A 1 33  ? 6.678   5.054   11.788  1.00 34.16 ? 114 ASP A C   1 
ATOM   250  O O   . ASP A 1 33  ? 6.842   4.041   11.111  1.00 30.19 ? 114 ASP A O   1 
ATOM   251  C CB  . ASP A 1 33  ? 5.084   6.876   11.150  1.00 29.04 ? 114 ASP A CB  1 
ATOM   252  C CG  . ASP A 1 33  ? 3.617   7.200   10.903  1.00 29.28 ? 114 ASP A CG  1 
ATOM   253  O OD1 . ASP A 1 33  ? 3.286   7.697   9.810   1.00 29.94 ? 114 ASP A OD1 1 
ATOM   254  O OD2 . ASP A 1 33  ? 2.788   6.968   11.807  1.00 28.93 ? 114 ASP A OD2 1 
ATOM   255  N N   . ASP A 1 34  ? 7.706   5.680   12.350  1.00 34.56 ? 115 ASP A N   1 
ATOM   256  C CA  . ASP A 1 34  ? 9.035   5.117   12.131  1.00 38.23 ? 115 ASP A CA  1 
ATOM   257  C C   . ASP A 1 34  ? 9.523   4.058   13.123  1.00 35.11 ? 115 ASP A C   1 
ATOM   258  O O   . ASP A 1 34  ? 10.691  3.686   13.091  1.00 36.30 ? 115 ASP A O   1 
ATOM   259  C CB  . ASP A 1 34  ? 10.091  6.218   11.958  1.00 45.47 ? 115 ASP A CB  1 
ATOM   260  C CG  . ASP A 1 34  ? 9.850   7.407   12.848  1.00 51.13 ? 115 ASP A CG  1 
ATOM   261  O OD1 . ASP A 1 34  ? 9.676   7.202   14.067  1.00 56.06 ? 115 ASP A OD1 1 
ATOM   262  O OD2 . ASP A 1 34  ? 9.842   8.544   12.325  1.00 50.66 ? 115 ASP A OD2 1 
ATOM   263  N N   . THR A 1 35  ? 8.653   3.575   14.008  1.00 29.65 ? 116 THR A N   1 
ATOM   264  C CA  . THR A 1 35  ? 9.053   2.494   14.907  1.00 27.68 ? 116 THR A CA  1 
ATOM   265  C C   . THR A 1 35  ? 8.198   1.271   14.585  1.00 27.28 ? 116 THR A C   1 
ATOM   266  O O   . THR A 1 35  ? 8.571   0.147   14.905  1.00 26.39 ? 116 THR A O   1 
ATOM   267  C CB  . THR A 1 35  ? 8.861   2.812   16.412  1.00 28.67 ? 116 THR A CB  1 
ATOM   268  O OG1 . THR A 1 35  ? 7.510   3.220   16.655  1.00 29.64 ? 116 THR A OG1 1 
ATOM   269  C CG2 . THR A 1 35  ? 9.838   3.891   16.870  1.00 32.33 ? 116 THR A CG2 1 
ATOM   270  N N   . PHE A 1 36  ? 7.048   1.498   13.948  1.00 22.99 ? 117 PHE A N   1 
ATOM   271  C CA  . PHE A 1 36  ? 6.131   0.416   13.592  1.00 21.65 ? 117 PHE A CA  1 
ATOM   272  C C   . PHE A 1 36  ? 6.888   -0.711  12.880  1.00 21.39 ? 117 PHE A C   1 
ATOM   273  O O   . PHE A 1 36  ? 7.476   -0.499  11.820  1.00 20.01 ? 117 PHE A O   1 
ATOM   274  C CB  . PHE A 1 36  ? 5.015   0.955   12.694  1.00 19.79 ? 117 PHE A CB  1 
ATOM   275  C CG  . PHE A 1 36  ? 3.869   -0.005  12.505  1.00 19.49 ? 117 PHE A CG  1 
ATOM   276  C CD1 . PHE A 1 36  ? 3.048   -0.348  13.574  1.00 14.43 ? 117 PHE A CD1 1 
ATOM   277  C CD2 . PHE A 1 36  ? 3.608   -0.562  11.253  1.00 15.57 ? 117 PHE A CD2 1 
ATOM   278  C CE1 . PHE A 1 36  ? 1.978   -1.234  13.407  1.00 19.38 ? 117 PHE A CE1 1 
ATOM   279  C CE2 . PHE A 1 36  ? 2.539   -1.450  11.072  1.00 20.10 ? 117 PHE A CE2 1 
ATOM   280  C CZ  . PHE A 1 36  ? 1.721   -1.787  12.150  1.00 16.77 ? 117 PHE A CZ  1 
ATOM   281  N N   . ALA A 1 37  ? 6.863   -1.909  13.460  1.00 21.64 ? 118 ALA A N   1 
ATOM   282  C CA  . ALA A 1 37  ? 7.583   -3.040  12.878  1.00 24.11 ? 118 ALA A CA  1 
ATOM   283  C C   . ALA A 1 37  ? 7.101   -4.400  13.391  1.00 23.84 ? 118 ALA A C   1 
ATOM   284  O O   . ALA A 1 37  ? 6.405   -4.478  14.402  1.00 24.63 ? 118 ALA A O   1 
ATOM   285  C CB  . ALA A 1 37  ? 9.071   -2.887  13.170  1.00 20.01 ? 118 ALA A CB  1 
ATOM   286  N N   . ALA A 1 38  ? 7.471   -5.466  12.681  1.00 22.69 ? 119 ALA A N   1 
ATOM   287  C CA  . ALA A 1 38  ? 7.116   -6.826  13.081  1.00 19.85 ? 119 ALA A CA  1 
ATOM   288  C C   . ALA A 1 38  ? 8.366   -7.481  13.677  1.00 21.50 ? 119 ALA A C   1 
ATOM   289  O O   . ALA A 1 38  ? 9.478   -7.240  13.202  1.00 18.66 ? 119 ALA A O   1 
ATOM   290  C CB  . ALA A 1 38  ? 6.637   -7.628  11.877  1.00 19.04 ? 119 ALA A CB  1 
ATOM   291  N N   . TYR A 1 39  ? 8.186   -8.316  14.696  1.00 19.21 ? 120 TYR A N   1 
ATOM   292  C CA  . TYR A 1 39  ? 9.314   -8.982  15.337  1.00 23.47 ? 120 TYR A CA  1 
ATOM   293  C C   . TYR A 1 39  ? 9.247   -10.505 15.342  1.00 27.64 ? 120 TYR A C   1 
ATOM   294  O O   . TYR A 1 39  ? 10.229  -11.170 15.680  1.00 27.47 ? 120 TYR A O   1 
ATOM   295  C CB  . TYR A 1 39  ? 9.458   -8.467  16.762  1.00 20.34 ? 120 TYR A CB  1 
ATOM   296  C CG  . TYR A 1 39  ? 9.842   -7.018  16.785  1.00 20.20 ? 120 TYR A CG  1 
ATOM   297  C CD1 . TYR A 1 39  ? 11.175  -6.631  16.628  1.00 17.60 ? 120 TYR A CD1 1 
ATOM   298  C CD2 . TYR A 1 39  ? 8.870   -6.025  16.894  1.00 15.54 ? 120 TYR A CD2 1 
ATOM   299  C CE1 . TYR A 1 39  ? 11.531  -5.283  16.580  1.00 17.83 ? 120 TYR A CE1 1 
ATOM   300  C CE2 . TYR A 1 39  ? 9.212   -4.679  16.843  1.00 18.07 ? 120 TYR A CE2 1 
ATOM   301  C CZ  . TYR A 1 39  ? 10.545  -4.316  16.689  1.00 18.36 ? 120 TYR A CZ  1 
ATOM   302  O OH  . TYR A 1 39  ? 10.886  -2.988  16.658  1.00 17.91 ? 120 TYR A OH  1 
ATOM   303  N N   . THR A 1 40  ? 8.092   -11.051 14.981  1.00 27.15 ? 121 THR A N   1 
ATOM   304  C CA  . THR A 1 40  ? 7.925   -12.495 14.927  1.00 29.66 ? 121 THR A CA  1 
ATOM   305  C C   . THR A 1 40  ? 7.264   -12.840 13.601  1.00 31.56 ? 121 THR A C   1 
ATOM   306  O O   . THR A 1 40  ? 6.783   -11.963 12.887  1.00 29.99 ? 121 THR A O   1 
ATOM   307  C CB  . THR A 1 40  ? 7.044   -13.038 16.078  1.00 31.05 ? 121 THR A CB  1 
ATOM   308  O OG1 . THR A 1 40  ? 5.673   -12.703 15.834  1.00 28.30 ? 121 THR A OG1 1 
ATOM   309  C CG2 . THR A 1 40  ? 7.489   -12.452 17.424  1.00 25.88 ? 121 THR A CG2 1 
ATOM   310  N N   . ARG A 1 41  ? 7.246   -14.122 13.272  1.00 30.67 ? 122 ARG A N   1 
ATOM   311  C CA  . ARG A 1 41  ? 6.664   -14.561 12.018  1.00 32.18 ? 122 ARG A CA  1 
ATOM   312  C C   . ARG A 1 41  ? 5.171   -14.463 11.995  1.00 31.95 ? 122 ARG A C   1 
ATOM   313  O O   . ARG A 1 41  ? 4.575   -14.123 10.977  1.00 30.79 ? 122 ARG A O   1 
ATOM   314  C CB  . ARG A 1 41  ? 7.068   -15.979 11.743  1.00 35.54 ? 122 ARG A CB  1 
ATOM   315  C CG  . ARG A 1 41  ? 8.508   -16.074 11.448  1.00 36.23 ? 122 ARG A CG  1 
ATOM   316  C CD  . ARG A 1 41  ? 8.795   -17.469 11.102  1.00 41.89 ? 122 ARG A CD  1 
ATOM   317  N NE  . ARG A 1 41  ? 9.725   -18.031 12.051  1.00 43.66 ? 122 ARG A NE  1 
ATOM   318  C CZ  . ARG A 1 41  ? 10.852  -18.613 11.684  1.00 48.47 ? 122 ARG A CZ  1 
ATOM   319  N NH1 . ARG A 1 41  ? 11.158  -18.696 10.396  1.00 48.78 ? 122 ARG A NH1 1 
ATOM   320  N NH2 . ARG A 1 41  ? 11.673  -19.100 12.598  1.00 49.56 ? 122 ARG A NH2 1 
ATOM   321  N N   . GLU A 1 42  ? 4.571   -14.787 13.125  1.00 33.77 ? 123 GLU A N   1 
ATOM   322  C CA  . GLU A 1 42  ? 3.137   -14.711 13.257  1.00 36.19 ? 123 GLU A CA  1 
ATOM   323  C C   . GLU A 1 42  ? 2.711   -13.258 13.028  1.00 35.44 ? 123 GLU A C   1 
ATOM   324  O O   . GLU A 1 42  ? 1.787   -12.992 12.259  1.00 34.61 ? 123 GLU A O   1 
ATOM   325  C CB  . GLU A 1 42  ? 2.750   -15.172 14.651  1.00 39.06 ? 123 GLU A CB  1 
ATOM   326  C CG  . GLU A 1 42  ? 1.292   -15.060 14.977  1.00 46.31 ? 123 GLU A CG  1 
ATOM   327  C CD  . GLU A 1 42  ? 1.058   -15.299 16.446  1.00 52.40 ? 123 GLU A CD  1 
ATOM   328  O OE1 . GLU A 1 42  ? 1.593   -16.304 16.963  1.00 55.06 ? 123 GLU A OE1 1 
ATOM   329  O OE2 . GLU A 1 42  ? 0.351   -14.492 17.088  1.00 55.78 ? 123 GLU A OE2 1 
ATOM   330  N N   . GLN A 1 43  ? 3.396   -12.323 13.688  1.00 32.99 ? 124 GLN A N   1 
ATOM   331  C CA  . GLN A 1 43  ? 3.085   -10.899 13.541  1.00 31.00 ? 124 GLN A CA  1 
ATOM   332  C C   . GLN A 1 43  ? 3.147   -10.506 12.085  1.00 28.46 ? 124 GLN A C   1 
ATOM   333  O O   . GLN A 1 43  ? 2.263   -9.826  11.576  1.00 28.20 ? 124 GLN A O   1 
ATOM   334  C CB  . GLN A 1 43  ? 4.090   -10.031 14.287  1.00 30.21 ? 124 GLN A CB  1 
ATOM   335  C CG  . GLN A 1 43  ? 3.848   -9.855  15.756  1.00 33.01 ? 124 GLN A CG  1 
ATOM   336  C CD  . GLN A 1 43  ? 5.022   -9.173  16.432  1.00 33.13 ? 124 GLN A CD  1 
ATOM   337  O OE1 . GLN A 1 43  ? 5.711   -8.351  15.825  1.00 30.69 ? 124 GLN A OE1 1 
ATOM   338  N NE2 . GLN A 1 43  ? 5.253   -9.504  17.697  1.00 35.35 ? 124 GLN A NE2 1 
ATOM   339  N N   . LEU A 1 44  ? 4.216   -10.934 11.425  1.00 27.04 ? 125 LEU A N   1 
ATOM   340  C CA  . LEU A 1 44  ? 4.427   -10.617 10.021  1.00 27.00 ? 125 LEU A CA  1 
ATOM   341  C C   . LEU A 1 44  ? 3.349   -11.200 9.112   1.00 28.91 ? 125 LEU A C   1 
ATOM   342  O O   . LEU A 1 44  ? 2.848   -10.524 8.211   1.00 27.77 ? 125 LEU A O   1 
ATOM   343  C CB  . LEU A 1 44  ? 5.802   -11.108 9.573   1.00 23.70 ? 125 LEU A CB  1 
ATOM   344  C CG  . LEU A 1 44  ? 6.073   -10.888 8.086   1.00 27.15 ? 125 LEU A CG  1 
ATOM   345  C CD1 . LEU A 1 44  ? 5.907   -9.407  7.764   1.00 26.83 ? 125 LEU A CD1 1 
ATOM   346  C CD2 . LEU A 1 44  ? 7.465   -11.376 7.728   1.00 23.70 ? 125 LEU A CD2 1 
ATOM   347  N N   . TYR A 1 45  ? 2.999   -12.461 9.331   1.00 28.23 ? 126 TYR A N   1 
ATOM   348  C CA  . TYR A 1 45  ? 1.972   -13.066 8.512   1.00 31.60 ? 126 TYR A CA  1 
ATOM   349  C C   . TYR A 1 45  ? 0.637   -12.394 8.823   1.00 29.97 ? 126 TYR A C   1 
ATOM   350  O O   . TYR A 1 45  ? -0.137  -12.086 7.916   1.00 29.05 ? 126 TYR A O   1 
ATOM   351  C CB  . TYR A 1 45  ? 1.926   -14.583 8.736   1.00 34.58 ? 126 TYR A CB  1 
ATOM   352  C CG  . TYR A 1 45  ? 2.995   -15.321 7.944   1.00 43.31 ? 126 TYR A CG  1 
ATOM   353  C CD1 . TYR A 1 45  ? 3.201   -15.035 6.591   1.00 45.64 ? 126 TYR A CD1 1 
ATOM   354  C CD2 . TYR A 1 45  ? 3.770   -16.330 8.525   1.00 43.20 ? 126 TYR A CD2 1 
ATOM   355  C CE1 . TYR A 1 45  ? 4.140   -15.733 5.837   1.00 46.50 ? 126 TYR A CE1 1 
ATOM   356  C CE2 . TYR A 1 45  ? 4.715   -17.037 7.776   1.00 44.52 ? 126 TYR A CE2 1 
ATOM   357  C CZ  . TYR A 1 45  ? 4.893   -16.734 6.432   1.00 48.19 ? 126 TYR A CZ  1 
ATOM   358  O OH  . TYR A 1 45  ? 5.800   -17.447 5.668   1.00 48.34 ? 126 TYR A OH  1 
ATOM   359  N N   . GLN A 1 46  ? 0.385   -12.128 10.099  1.00 27.95 ? 127 GLN A N   1 
ATOM   360  C CA  . GLN A 1 46  ? -0.846  -11.458 10.490  1.00 28.91 ? 127 GLN A CA  1 
ATOM   361  C C   . GLN A 1 46  ? -0.927  -10.048 9.915   1.00 28.30 ? 127 GLN A C   1 
ATOM   362  O O   . GLN A 1 46  ? -2.008  -9.563  9.595   1.00 29.27 ? 127 GLN A O   1 
ATOM   363  C CB  . GLN A 1 46  ? -0.957  -11.381 12.003  1.00 34.16 ? 127 GLN A CB  1 
ATOM   364  C CG  . GLN A 1 46  ? -1.388  -12.671 12.649  1.00 42.95 ? 127 GLN A CG  1 
ATOM   365  C CD  . GLN A 1 46  ? -1.665  -12.491 14.116  1.00 47.55 ? 127 GLN A CD  1 
ATOM   366  O OE1 . GLN A 1 46  ? -2.289  -11.508 14.520  1.00 54.26 ? 127 GLN A OE1 1 
ATOM   367  N NE2 . GLN A 1 46  ? -1.218  -13.440 14.928  1.00 53.56 ? 127 GLN A NE2 1 
ATOM   368  N N   . ALA A 1 47  ? 0.212   -9.381  9.796   1.00 23.67 ? 128 ALA A N   1 
ATOM   369  C CA  . ALA A 1 47  ? 0.206   -8.041  9.241   1.00 24.72 ? 128 ALA A CA  1 
ATOM   370  C C   . ALA A 1 47  ? -0.075  -8.136  7.743   1.00 20.88 ? 128 ALA A C   1 
ATOM   371  O O   . ALA A 1 47  ? -0.932  -7.432  7.228   1.00 24.68 ? 128 ALA A O   1 
ATOM   372  C CB  . ALA A 1 47  ? 1.551   -7.346  9.495   1.00 19.19 ? 128 ALA A CB  1 
ATOM   373  N N   . ILE A 1 48  ? 0.633   -9.024  7.056   1.00 22.32 ? 129 ILE A N   1 
ATOM   374  C CA  . ILE A 1 48  ? 0.453   -9.186  5.612   1.00 23.99 ? 129 ILE A CA  1 
ATOM   375  C C   . ILE A 1 48  ? -0.972  -9.547  5.215   1.00 26.28 ? 129 ILE A C   1 
ATOM   376  O O   . ILE A 1 48  ? -1.525  -8.937  4.304   1.00 25.17 ? 129 ILE A O   1 
ATOM   377  C CB  . ILE A 1 48  ? 1.411   -10.258 5.021   1.00 22.76 ? 129 ILE A CB  1 
ATOM   378  C CG1 . ILE A 1 48  ? 2.864   -9.783  5.119   1.00 20.71 ? 129 ILE A CG1 1 
ATOM   379  C CG2 . ILE A 1 48  ? 1.066   -10.519 3.560   1.00 20.61 ? 129 ILE A CG2 1 
ATOM   380  C CD1 . ILE A 1 48  ? 3.893   -10.836 4.700   1.00 19.45 ? 129 ILE A CD1 1 
ATOM   381  N N   . PHE A 1 49  ? -1.567  -10.527 5.893   1.00 26.29 ? 130 PHE A N   1 
ATOM   382  C CA  . PHE A 1 49  ? -2.926  -10.939 5.559   1.00 28.92 ? 130 PHE A CA  1 
ATOM   383  C C   . PHE A 1 49  ? -3.988  -9.909  5.913   1.00 28.03 ? 130 PHE A C   1 
ATOM   384  O O   . PHE A 1 49  ? -4.947  -9.721  5.166   1.00 28.36 ? 130 PHE A O   1 
ATOM   385  C CB  . PHE A 1 49  ? -3.260  -12.283 6.214   1.00 30.11 ? 130 PHE A CB  1 
ATOM   386  C CG  . PHE A 1 49  ? -2.434  -13.421 5.695   1.00 33.82 ? 130 PHE A CG  1 
ATOM   387  C CD1 . PHE A 1 49  ? -2.241  -13.583 4.326   1.00 35.73 ? 130 PHE A CD1 1 
ATOM   388  C CD2 . PHE A 1 49  ? -1.847  -14.334 6.565   1.00 33.83 ? 130 PHE A CD2 1 
ATOM   389  C CE1 . PHE A 1 49  ? -1.473  -14.638 3.828   1.00 32.87 ? 130 PHE A CE1 1 
ATOM   390  C CE2 . PHE A 1 49  ? -1.076  -15.394 6.074   1.00 34.93 ? 130 PHE A CE2 1 
ATOM   391  C CZ  . PHE A 1 49  ? -0.891  -15.543 4.706   1.00 32.64 ? 130 PHE A CZ  1 
ATOM   392  N N   . HIS A 1 50  ? -3.825  -9.243  7.049   1.00 23.60 ? 131 HIS A N   1 
ATOM   393  C CA  . HIS A 1 50  ? -4.787  -8.227  7.454   1.00 23.54 ? 131 HIS A CA  1 
ATOM   394  C C   . HIS A 1 50  ? -4.901  -7.132  6.383   1.00 24.78 ? 131 HIS A C   1 
ATOM   395  O O   . HIS A 1 50  ? -5.989  -6.621  6.116   1.00 23.75 ? 131 HIS A O   1 
ATOM   396  C CB  . HIS A 1 50  ? -4.352  -7.609  8.781   1.00 23.79 ? 131 HIS A CB  1 
ATOM   397  C CG  . HIS A 1 50  ? -5.182  -6.443  9.201   1.00 23.59 ? 131 HIS A CG  1 
ATOM   398  N ND1 . HIS A 1 50  ? -6.463  -6.578  9.689   1.00 25.41 ? 131 HIS A ND1 1 
ATOM   399  C CD2 . HIS A 1 50  ? -4.923  -5.114  9.182   1.00 24.07 ? 131 HIS A CD2 1 
ATOM   400  C CE1 . HIS A 1 50  ? -6.957  -5.381  9.954   1.00 22.40 ? 131 HIS A CE1 1 
ATOM   401  N NE2 . HIS A 1 50  ? -6.043  -4.476  9.655   1.00 21.61 ? 131 HIS A NE2 1 
ATOM   402  N N   . ALA A 1 51  ? -3.771  -6.788  5.773   1.00 25.85 ? 132 ALA A N   1 
ATOM   403  C CA  . ALA A 1 51  ? -3.726  -5.756  4.749   1.00 25.04 ? 132 ALA A CA  1 
ATOM   404  C C   . ALA A 1 51  ? -4.464  -6.184  3.494   1.00 24.91 ? 132 ALA A C   1 
ATOM   405  O O   . ALA A 1 51  ? -5.184  -5.390  2.892   1.00 23.84 ? 132 ALA A O   1 
ATOM   406  C CB  . ALA A 1 51  ? -2.278  -5.413  4.410   1.00 20.50 ? 132 ALA A CB  1 
ATOM   407  N N   . VAL A 1 52  ? -4.271  -7.436  3.088   1.00 26.37 ? 133 VAL A N   1 
ATOM   408  C CA  . VAL A 1 52  ? -4.943  -7.941  1.896   1.00 24.40 ? 133 VAL A CA  1 
ATOM   409  C C   . VAL A 1 52  ? -6.431  -8.066  2.185   1.00 23.09 ? 133 VAL A C   1 
ATOM   410  O O   . VAL A 1 52  ? -7.261  -7.672  1.368   1.00 23.03 ? 133 VAL A O   1 
ATOM   411  C CB  . VAL A 1 52  ? -4.399  -9.321  1.468   1.00 27.56 ? 133 VAL A CB  1 
ATOM   412  C CG1 . VAL A 1 52  ? -5.180  -9.839  0.248   1.00 24.89 ? 133 VAL A CG1 1 
ATOM   413  C CG2 . VAL A 1 52  ? -2.918  -9.212  1.141   1.00 21.10 ? 133 VAL A CG2 1 
ATOM   414  N N   . ASP A 1 53  ? -6.767  -8.596  3.356   1.00 22.63 ? 134 ASP A N   1 
ATOM   415  C CA  . ASP A 1 53  ? -8.169  -8.761  3.725   1.00 24.58 ? 134 ASP A CA  1 
ATOM   416  C C   . ASP A 1 53  ? -8.900  -7.431  3.825   1.00 26.03 ? 134 ASP A C   1 
ATOM   417  O O   . ASP A 1 53  ? -10.044 -7.323  3.400   1.00 27.68 ? 134 ASP A O   1 
ATOM   418  C CB  . ASP A 1 53  ? -8.302  -9.526  5.047   1.00 28.19 ? 134 ASP A CB  1 
ATOM   419  C CG  . ASP A 1 53  ? -7.850  -10.977 4.931   1.00 32.48 ? 134 ASP A CG  1 
ATOM   420  O OD1 . ASP A 1 53  ? -7.832  -11.503 3.798   1.00 34.73 ? 134 ASP A OD1 1 
ATOM   421  O OD2 . ASP A 1 53  ? -7.524  -11.597 5.967   1.00 37.42 ? 134 ASP A OD2 1 
ATOM   422  N N   . GLN A 1 54  ? -8.246  -6.415  4.380   1.00 25.95 ? 135 GLN A N   1 
ATOM   423  C CA  . GLN A 1 54  ? -8.880  -5.107  4.503   1.00 25.07 ? 135 GLN A CA  1 
ATOM   424  C C   . GLN A 1 54  ? -9.081  -4.483  3.131   1.00 23.06 ? 135 GLN A C   1 
ATOM   425  O O   . GLN A 1 54  ? -9.951  -3.638  2.939   1.00 20.85 ? 135 GLN A O   1 
ATOM   426  C CB  . GLN A 1 54  ? -8.037  -4.191  5.383   1.00 27.10 ? 135 GLN A CB  1 
ATOM   427  C CG  . GLN A 1 54  ? -8.140  -4.505  6.853   1.00 26.48 ? 135 GLN A CG  1 
ATOM   428  C CD  . GLN A 1 54  ? -9.486  -4.117  7.419   1.00 34.47 ? 135 GLN A CD  1 
ATOM   429  O OE1 . GLN A 1 54  ? -10.482 -4.821  7.231   1.00 37.46 ? 135 GLN A OE1 1 
ATOM   430  N NE2 . GLN A 1 54  ? -9.532  -2.976  8.099   1.00 29.55 ? 135 GLN A NE2 1 
ATOM   431  N N   . TYR A 1 55  ? -8.255  -4.900  2.182   1.00 24.27 ? 136 TYR A N   1 
ATOM   432  C CA  . TYR A 1 55  ? -8.350  -4.419  0.815   1.00 25.20 ? 136 TYR A CA  1 
ATOM   433  C C   . TYR A 1 55  ? -9.619  -5.040  0.210   1.00 27.12 ? 136 TYR A C   1 
ATOM   434  O O   . TYR A 1 55  ? -10.407 -4.366  -0.447  1.00 26.77 ? 136 TYR A O   1 
ATOM   435  C CB  . TYR A 1 55  ? -7.102  -4.856  0.028   1.00 25.02 ? 136 TYR A CB  1 
ATOM   436  C CG  . TYR A 1 55  ? -7.181  -4.655  -1.477  1.00 24.27 ? 136 TYR A CG  1 
ATOM   437  C CD1 . TYR A 1 55  ? -6.898  -3.420  -2.058  1.00 22.73 ? 136 TYR A CD1 1 
ATOM   438  C CD2 . TYR A 1 55  ? -7.571  -5.703  -2.316  1.00 24.19 ? 136 TYR A CD2 1 
ATOM   439  C CE1 . TYR A 1 55  ? -7.001  -3.232  -3.439  1.00 20.75 ? 136 TYR A CE1 1 
ATOM   440  C CE2 . TYR A 1 55  ? -7.679  -5.525  -3.693  1.00 22.12 ? 136 TYR A CE2 1 
ATOM   441  C CZ  . TYR A 1 55  ? -7.393  -4.293  -4.248  1.00 24.63 ? 136 TYR A CZ  1 
ATOM   442  O OH  . TYR A 1 55  ? -7.496  -4.128  -5.615  1.00 28.03 ? 136 TYR A OH  1 
ATOM   443  N N   . LEU A 1 56  ? -9.821  -6.327  0.458   1.00 28.67 ? 137 LEU A N   1 
ATOM   444  C CA  . LEU A 1 56  ? -10.985 -7.024  -0.073  1.00 33.28 ? 137 LEU A CA  1 
ATOM   445  C C   . LEU A 1 56  ? -12.302 -6.549  0.551   1.00 36.21 ? 137 LEU A C   1 
ATOM   446  O O   . LEU A 1 56  ? -13.299 -6.403  -0.153  1.00 39.03 ? 137 LEU A O   1 
ATOM   447  C CB  . LEU A 1 56  ? -10.814 -8.534  0.117   1.00 29.22 ? 137 LEU A CB  1 
ATOM   448  C CG  . LEU A 1 56  ? -9.614  -9.103  -0.651  1.00 30.36 ? 137 LEU A CG  1 
ATOM   449  C CD1 . LEU A 1 56  ? -9.460  -10.584 -0.353  1.00 27.88 ? 137 LEU A CD1 1 
ATOM   450  C CD2 . LEU A 1 56  ? -9.800  -8.869  -2.143  1.00 22.89 ? 137 LEU A CD2 1 
ATOM   451  N N   . ALA A 1 57  ? -12.292 -6.279  1.856   1.00 34.58 ? 138 ALA A N   1 
ATOM   452  C CA  . ALA A 1 57  ? -13.484 -5.823  2.575   1.00 32.69 ? 138 ALA A CA  1 
ATOM   453  C C   . ALA A 1 57  ? -13.694 -4.303  2.575   1.00 30.72 ? 138 ALA A C   1 
ATOM   454  O O   . ALA A 1 57  ? -14.639 -3.801  3.187   1.00 31.13 ? 138 ALA A O   1 
ATOM   455  C CB  . ALA A 1 57  ? -13.435 -6.327  4.015   1.00 30.08 ? 138 ALA A CB  1 
ATOM   456  N N   . LEU A 1 58  ? -12.827 -3.576  1.883   1.00 31.38 ? 139 LEU A N   1 
ATOM   457  C CA  . LEU A 1 58  ? -12.899 -2.114  1.839   1.00 31.82 ? 139 LEU A CA  1 
ATOM   458  C C   . LEU A 1 58  ? -14.281 -1.471  1.610   1.00 31.51 ? 139 LEU A C   1 
ATOM   459  O O   . LEU A 1 58  ? -14.694 -0.594  2.366   1.00 31.75 ? 139 LEU A O   1 
ATOM   460  C CB  . LEU A 1 58  ? -11.905 -1.592  0.795   1.00 30.22 ? 139 LEU A CB  1 
ATOM   461  C CG  . LEU A 1 58  ? -11.515 -0.114  0.850   1.00 33.10 ? 139 LEU A CG  1 
ATOM   462  C CD1 . LEU A 1 58  ? -10.954 0.237   2.227   1.00 32.47 ? 139 LEU A CD1 1 
ATOM   463  C CD2 . LEU A 1 58  ? -10.475 0.160   -0.226  1.00 35.36 ? 139 LEU A CD2 1 
ATOM   464  N N   . PRO A 1 59  ? -15.016 -1.899  0.569   1.00 31.77 ? 140 PRO A N   1 
ATOM   465  C CA  . PRO A 1 59  ? -16.334 -1.308  0.310   1.00 31.86 ? 140 PRO A CA  1 
ATOM   466  C C   . PRO A 1 59  ? -17.302 -1.437  1.478   1.00 31.47 ? 140 PRO A C   1 
ATOM   467  O O   . PRO A 1 59  ? -18.209 -0.625  1.624   1.00 30.63 ? 140 PRO A O   1 
ATOM   468  C CB  . PRO A 1 59  ? -16.829 -2.078  -0.916  1.00 33.04 ? 140 PRO A CB  1 
ATOM   469  C CG  . PRO A 1 59  ? -15.571 -2.542  -1.575  1.00 33.14 ? 140 PRO A CG  1 
ATOM   470  C CD  . PRO A 1 59  ? -14.726 -2.963  -0.405  1.00 31.09 ? 140 PRO A CD  1 
ATOM   471  N N   . ASP A 1 60  ? -17.102 -2.456  2.309   1.00 29.61 ? 141 ASP A N   1 
ATOM   472  C CA  . ASP A 1 60  ? -17.974 -2.698  3.453   1.00 30.09 ? 141 ASP A CA  1 
ATOM   473  C C   . ASP A 1 60  ? -17.542 -2.059  4.775   1.00 30.98 ? 141 ASP A C   1 
ATOM   474  O O   . ASP A 1 60  ? -18.322 -2.048  5.727   1.00 32.18 ? 141 ASP A O   1 
ATOM   475  C CB  . ASP A 1 60  ? -18.123 -4.205  3.674   1.00 32.99 ? 141 ASP A CB  1 
ATOM   476  C CG  . ASP A 1 60  ? -18.669 -4.927  2.453   1.00 33.82 ? 141 ASP A CG  1 
ATOM   477  O OD1 . ASP A 1 60  ? -18.138 -6.003  2.112   1.00 34.25 ? 141 ASP A OD1 1 
ATOM   478  O OD2 . ASP A 1 60  ? -19.633 -4.422  1.841   1.00 36.84 ? 141 ASP A OD2 1 
ATOM   479  N N   . VAL A 1 61  ? -16.323 -1.530  4.858   1.00 28.34 ? 142 VAL A N   1 
ATOM   480  C CA  . VAL A 1 61  ? -15.883 -0.946  6.125   1.00 26.61 ? 142 VAL A CA  1 
ATOM   481  C C   . VAL A 1 61  ? -15.378 0.489   6.106   1.00 27.18 ? 142 VAL A C   1 
ATOM   482  O O   . VAL A 1 61  ? -15.459 1.180   7.114   1.00 28.85 ? 142 VAL A O   1 
ATOM   483  C CB  . VAL A 1 61  ? -14.783 -1.811  6.789   1.00 27.79 ? 142 VAL A CB  1 
ATOM   484  C CG1 . VAL A 1 61  ? -15.299 -3.235  7.016   1.00 21.05 ? 142 VAL A CG1 1 
ATOM   485  C CG2 . VAL A 1 61  ? -13.528 -1.809  5.930   1.00 22.02 ? 142 VAL A CG2 1 
ATOM   486  N N   . SER A 1 62  ? -14.860 0.940   4.972   1.00 28.98 ? 143 SER A N   1 
ATOM   487  C CA  . SER A 1 62  ? -14.318 2.289   4.873   1.00 29.87 ? 143 SER A CA  1 
ATOM   488  C C   . SER A 1 62  ? -15.350 3.414   4.922   1.00 27.92 ? 143 SER A C   1 
ATOM   489  O O   . SER A 1 62  ? -16.481 3.258   4.479   1.00 24.55 ? 143 SER A O   1 
ATOM   490  C CB  . SER A 1 62  ? -13.498 2.418   3.593   1.00 32.59 ? 143 SER A CB  1 
ATOM   491  O OG  . SER A 1 62  ? -14.310 2.145   2.464   1.00 41.24 ? 143 SER A OG  1 
ATOM   492  N N   . LEU A 1 63  ? -14.936 4.554   5.470   1.00 27.65 ? 144 LEU A N   1 
ATOM   493  C CA  . LEU A 1 63  ? -15.796 5.729   5.578   1.00 29.50 ? 144 LEU A CA  1 
ATOM   494  C C   . LEU A 1 63  ? -15.678 6.555   4.309   1.00 28.90 ? 144 LEU A C   1 
ATOM   495  O O   . LEU A 1 63  ? -16.255 7.630   4.195   1.00 28.05 ? 144 LEU A O   1 
ATOM   496  C CB  . LEU A 1 63  ? -15.382 6.584   6.776   1.00 27.98 ? 144 LEU A CB  1 
ATOM   497  C CG  . LEU A 1 63  ? -15.597 5.983   8.165   1.00 30.81 ? 144 LEU A CG  1 
ATOM   498  C CD1 . LEU A 1 63  ? -14.879 6.843   9.207   1.00 24.34 ? 144 LEU A CD1 1 
ATOM   499  C CD2 . LEU A 1 63  ? -17.098 5.887   8.458   1.00 24.43 ? 144 LEU A CD2 1 
ATOM   500  N N   . GLY A 1 64  ? -14.900 6.054   3.363   1.00 32.07 ? 145 GLY A N   1 
ATOM   501  C CA  . GLY A 1 64  ? -14.732 6.751   2.104   1.00 31.27 ? 145 GLY A CA  1 
ATOM   502  C C   . GLY A 1 64  ? -15.318 5.907   0.993   1.00 31.15 ? 145 GLY A C   1 
ATOM   503  O O   . GLY A 1 64  ? -15.796 4.793   1.229   1.00 30.44 ? 145 GLY A O   1 
ATOM   504  N N   . ARG A 1 65  ? -15.314 6.441   -0.221  1.00 30.12 ? 146 ARG A N   1 
ATOM   505  C CA  . ARG A 1 65  ? -15.824 5.690   -1.352  1.00 29.94 ? 146 ARG A CA  1 
ATOM   506  C C   . ARG A 1 65  ? -14.699 5.525   -2.356  1.00 27.23 ? 146 ARG A C   1 
ATOM   507  O O   . ARG A 1 65  ? -14.390 6.440   -3.120  1.00 27.31 ? 146 ARG A O   1 
ATOM   508  C CB  . ARG A 1 65  ? -17.003 6.395   -2.007  1.00 29.49 ? 146 ARG A CB  1 
ATOM   509  C CG  . ARG A 1 65  ? -17.438 5.683   -3.274  1.00 35.66 ? 146 ARG A CG  1 
ATOM   510  C CD  . ARG A 1 65  ? -18.845 6.028   -3.684  1.00 41.43 ? 146 ARG A CD  1 
ATOM   511  N NE  . ARG A 1 65  ? -19.838 5.208   -2.995  1.00 43.74 ? 146 ARG A NE  1 
ATOM   512  C CZ  . ARG A 1 65  ? -21.126 5.187   -3.319  1.00 43.03 ? 146 ARG A CZ  1 
ATOM   513  N NH1 . ARG A 1 65  ? -21.565 5.944   -4.317  1.00 42.80 ? 146 ARG A NH1 1 
ATOM   514  N NH2 . ARG A 1 65  ? -21.970 4.412   -2.655  1.00 44.07 ? 146 ARG A NH2 1 
ATOM   515  N N   . TYR A 1 66  ? -14.088 4.351   -2.356  1.00 26.94 ? 147 TYR A N   1 
ATOM   516  C CA  . TYR A 1 66  ? -12.975 4.091   -3.256  1.00 27.18 ? 147 TYR A CA  1 
ATOM   517  C C   . TYR A 1 66  ? -13.313 3.067   -4.315  1.00 27.98 ? 147 TYR A C   1 
ATOM   518  O O   . TYR A 1 66  ? -14.002 2.081   -4.045  1.00 29.14 ? 147 TYR A O   1 
ATOM   519  C CB  . TYR A 1 66  ? -11.770 3.584   -2.465  1.00 25.18 ? 147 TYR A CB  1 
ATOM   520  C CG  . TYR A 1 66  ? -11.326 4.504   -1.358  1.00 22.71 ? 147 TYR A CG  1 
ATOM   521  C CD1 . TYR A 1 66  ? -10.548 5.625   -1.632  1.00 21.26 ? 147 TYR A CD1 1 
ATOM   522  C CD2 . TYR A 1 66  ? -11.678 4.247   -0.034  1.00 22.34 ? 147 TYR A CD2 1 
ATOM   523  C CE1 . TYR A 1 66  ? -10.126 6.468   -0.613  1.00 23.54 ? 147 TYR A CE1 1 
ATOM   524  C CE2 . TYR A 1 66  ? -11.257 5.087   1.001   1.00 23.21 ? 147 TYR A CE2 1 
ATOM   525  C CZ  . TYR A 1 66  ? -10.481 6.194   0.703   1.00 23.54 ? 147 TYR A CZ  1 
ATOM   526  O OH  . TYR A 1 66  ? -10.048 7.019   1.710   1.00 23.98 ? 147 TYR A OH  1 
ATOM   527  N N   . ALA A 1 67  ? -12.824 3.303   -5.524  1.00 27.42 ? 148 ALA A N   1 
ATOM   528  C CA  . ALA A 1 67  ? -13.041 2.359   -6.606  1.00 29.15 ? 148 ALA A CA  1 
ATOM   529  C C   . ALA A 1 67  ? -11.708 1.656   -6.811  1.00 29.71 ? 148 ALA A C   1 
ATOM   530  O O   . ALA A 1 67  ? -10.641 2.264   -6.648  1.00 30.02 ? 148 ALA A O   1 
ATOM   531  C CB  . ALA A 1 67  ? -13.467 3.084   -7.884  1.00 25.76 ? 148 ALA A CB  1 
ATOM   532  N N   . TYR A 1 68  ? -11.779 0.372   -7.139  1.00 28.75 ? 149 TYR A N   1 
ATOM   533  C CA  . TYR A 1 68  ? -10.598 -0.435  -7.379  1.00 28.33 ? 149 TYR A CA  1 
ATOM   534  C C   . TYR A 1 68  ? -10.119 -0.128  -8.792  1.00 31.48 ? 149 TYR A C   1 
ATOM   535  O O   . TYR A 1 68  ? -10.883 0.285   -9.643  1.00 34.35 ? 149 TYR A O   1 
ATOM   536  C CB  . TYR A 1 68  ? -10.938 -1.916  -7.269  1.00 25.64 ? 149 TYR A CB  1 
ATOM   537  C CG  . TYR A 1 68  ? -11.309 -2.377  -5.875  1.00 28.96 ? 149 TYR A CG  1 
ATOM   538  C CD1 . TYR A 1 68  ? -10.361 -2.409  -4.848  1.00 26.86 ? 149 TYR A CD1 1 
ATOM   539  C CD2 . TYR A 1 68  ? -12.597 -2.830  -5.594  1.00 31.25 ? 149 TYR A CD2 1 
ATOM   540  C CE1 . TYR A 1 68  ? -10.688 -2.890  -3.579  1.00 27.52 ? 149 TYR A CE1 1 
ATOM   541  C CE2 . TYR A 1 68  ? -12.936 -3.314  -4.328  1.00 31.63 ? 149 TYR A CE2 1 
ATOM   542  C CZ  . TYR A 1 68  ? -11.976 -3.342  -3.328  1.00 32.19 ? 149 TYR A CZ  1 
ATOM   543  O OH  . TYR A 1 68  ? -12.306 -3.841  -2.092  1.00 32.55 ? 149 TYR A OH  1 
ATOM   544  N N   . VAL A 1 69  ? -8.837  -0.348  -9.020  1.00 36.14 ? 150 VAL A N   1 
ATOM   545  C CA  . VAL A 1 69  ? -8.246  -0.099  -10.318 1.00 38.47 ? 150 VAL A CA  1 
ATOM   546  C C   . VAL A 1 69  ? -7.620  -1.395  -10.738 1.00 42.61 ? 150 VAL A C   1 
ATOM   547  O O   . VAL A 1 69  ? -7.006  -2.065  -9.922  1.00 44.03 ? 150 VAL A O   1 
ATOM   548  C CB  . VAL A 1 69  ? -7.137  0.931   -10.195 1.00 38.02 ? 150 VAL A CB  1 
ATOM   549  C CG1 . VAL A 1 69  ? -6.463  1.121   -11.535 1.00 35.48 ? 150 VAL A CG1 1 
ATOM   550  C CG2 . VAL A 1 69  ? -7.685  2.218   -9.660  1.00 37.84 ? 150 VAL A CG2 1 
ATOM   551  N N   . ARG A 1 70  ? -7.771  -1.768  -11.996 1.00 48.48 ? 151 ARG A N   1 
ATOM   552  C CA  . ARG A 1 70  ? -7.178  -3.014  -12.463 1.00 53.94 ? 151 ARG A CA  1 
ATOM   553  C C   . ARG A 1 70  ? -6.204  -2.783  -13.609 1.00 55.83 ? 151 ARG A C   1 
ATOM   554  O O   . ARG A 1 70  ? -6.337  -1.819  -14.361 1.00 53.97 ? 151 ARG A O   1 
ATOM   555  C CB  . ARG A 1 70  ? -8.268  -4.006  -12.893 1.00 56.06 ? 151 ARG A CB  1 
ATOM   556  C CG  . ARG A 1 70  ? -9.243  -4.373  -11.784 1.00 60.50 ? 151 ARG A CG  1 
ATOM   557  C CD  . ARG A 1 70  ? -10.281 -5.374  -12.274 1.00 62.69 ? 151 ARG A CD  1 
ATOM   558  N NE  . ARG A 1 70  ? -11.220 -5.759  -11.222 1.00 65.53 ? 151 ARG A NE  1 
ATOM   559  C CZ  . ARG A 1 70  ? -12.341 -5.104  -10.933 1.00 66.68 ? 151 ARG A CZ  1 
ATOM   560  N NH1 . ARG A 1 70  ? -12.681 -4.022  -11.624 1.00 64.57 ? 151 ARG A NH1 1 
ATOM   561  N NH2 . ARG A 1 70  ? -13.126 -5.527  -9.949  1.00 66.45 ? 151 ARG A NH2 1 
ATOM   562  N N   . GLY A 1 71  ? -5.207  -3.656  -13.730 1.00 58.94 ? 152 GLY A N   1 
ATOM   563  C CA  . GLY A 1 71  ? -4.245  -3.515  -14.810 1.00 63.07 ? 152 GLY A CA  1 
ATOM   564  C C   . GLY A 1 71  ? -2.973  -2.753  -14.484 1.00 65.48 ? 152 GLY A C   1 
ATOM   565  O O   . GLY A 1 71  ? -2.713  -2.415  -13.330 1.00 67.81 ? 152 GLY A O   1 
ATOM   566  N N   . GLY A 1 72  ? -2.181  -2.482  -15.519 1.00 66.82 ? 153 GLY A N   1 
ATOM   567  C CA  . GLY A 1 72  ? -0.923  -1.776  -15.339 1.00 66.98 ? 153 GLY A CA  1 
ATOM   568  C C   . GLY A 1 72  ? 0.238   -2.740  -15.501 1.00 68.28 ? 153 GLY A C   1 
ATOM   569  O O   . GLY A 1 72  ? 0.110   -3.916  -15.176 1.00 68.50 ? 153 GLY A O   1 
ATOM   570  N N   . GLY A 1 73  ? 1.372   -2.248  -15.989 1.00 68.88 ? 154 GLY A N   1 
ATOM   571  C CA  . GLY A 1 73  ? 2.532   -3.103  -16.203 1.00 70.45 ? 154 GLY A CA  1 
ATOM   572  C C   . GLY A 1 73  ? 3.199   -3.755  -15.001 1.00 71.56 ? 154 GLY A C   1 
ATOM   573  O O   . GLY A 1 73  ? 3.502   -4.949  -15.040 1.00 71.90 ? 154 GLY A O   1 
ATOM   574  N N   . ASP A 1 74  ? 3.444   -2.990  -13.942 1.00 72.38 ? 155 ASP A N   1 
ATOM   575  C CA  . ASP A 1 74  ? 4.101   -3.544  -12.763 1.00 72.57 ? 155 ASP A CA  1 
ATOM   576  C C   . ASP A 1 74  ? 3.479   -3.137  -11.433 1.00 71.03 ? 155 ASP A C   1 
ATOM   577  O O   . ASP A 1 74  ? 3.392   -1.954  -11.105 1.00 73.13 ? 155 ASP A O   1 
ATOM   578  C CB  . ASP A 1 74  ? 5.590   -3.177  -12.750 1.00 74.45 ? 155 ASP A CB  1 
ATOM   579  C CG  . ASP A 1 74  ? 6.490   -4.353  -13.113 1.00 78.15 ? 155 ASP A CG  1 
ATOM   580  O OD1 . ASP A 1 74  ? 6.010   -5.509  -13.068 1.00 79.82 ? 155 ASP A OD1 1 
ATOM   581  O OD2 . ASP A 1 74  ? 7.680   -4.124  -13.428 1.00 78.23 ? 155 ASP A OD2 1 
ATOM   582  N N   . PRO A 1 75  ? 3.071   -4.139  -10.634 1.00 68.12 ? 156 PRO A N   1 
ATOM   583  C CA  . PRO A 1 75  ? 3.222   -5.536  -11.056 1.00 66.25 ? 156 PRO A CA  1 
ATOM   584  C C   . PRO A 1 75  ? 1.854   -6.150  -11.166 1.00 65.05 ? 156 PRO A C   1 
ATOM   585  O O   . PRO A 1 75  ? 1.640   -7.274  -10.735 1.00 64.88 ? 156 PRO A O   1 
ATOM   586  C CB  . PRO A 1 75  ? 3.999   -6.168  -9.907  1.00 66.37 ? 156 PRO A CB  1 
ATOM   587  C CG  . PRO A 1 75  ? 3.787   -5.181  -8.698  1.00 65.07 ? 156 PRO A CG  1 
ATOM   588  C CD  . PRO A 1 75  ? 2.842   -4.085  -9.190  1.00 67.38 ? 156 PRO A CD  1 
ATOM   589  N N   . TRP A 1 76  ? 0.907   -5.411  -11.711 1.00 62.05 ? 157 TRP A N   1 
ATOM   590  C CA  . TRP A 1 76  ? -0.405  -5.991  -11.804 1.00 61.02 ? 157 TRP A CA  1 
ATOM   591  C C   . TRP A 1 76  ? -0.594  -6.634  -13.148 1.00 62.12 ? 157 TRP A C   1 
ATOM   592  O O   . TRP A 1 76  ? -0.381  -6.011  -14.176 1.00 62.12 ? 157 TRP A O   1 
ATOM   593  C CB  . TRP A 1 76  ? -1.477  -4.934  -11.571 1.00 58.19 ? 157 TRP A CB  1 
ATOM   594  C CG  . TRP A 1 76  ? -1.341  -4.246  -10.238 1.00 54.55 ? 157 TRP A CG  1 
ATOM   595  C CD1 . TRP A 1 76  ? -1.742  -4.704  -9.004  1.00 51.40 ? 157 TRP A CD1 1 
ATOM   596  C CD2 . TRP A 1 76  ? -0.812  -2.930  -10.041 1.00 52.37 ? 157 TRP A CD2 1 
ATOM   597  N NE1 . TRP A 1 76  ? -1.496  -3.738  -8.057  1.00 49.53 ? 157 TRP A NE1 1 
ATOM   598  C CE2 . TRP A 1 76  ? -0.931  -2.655  -8.650  1.00 50.88 ? 157 TRP A CE2 1 
ATOM   599  C CE3 . TRP A 1 76  ? -0.247  -1.978  -10.895 1.00 50.37 ? 157 TRP A CE3 1 
ATOM   600  C CZ2 . TRP A 1 76  ? -0.507  -1.407  -8.111  1.00 50.02 ? 157 TRP A CZ2 1 
ATOM   601  C CZ3 . TRP A 1 76  ? 0.175   -0.748  -10.359 1.00 50.73 ? 157 TRP A CZ3 1 
ATOM   602  C CH2 . TRP A 1 76  ? 0.047   -0.479  -8.969  1.00 50.69 ? 157 TRP A CH2 1 
ATOM   603  N N   . THR A 1 77  ? -0.929  -7.917  -13.129 1.00 63.54 ? 158 THR A N   1 
ATOM   604  C CA  . THR A 1 77  ? -1.223  -8.603  -14.360 1.00 64.25 ? 158 THR A CA  1 
ATOM   605  C C   . THR A 1 77  ? -2.588  -8.051  -14.601 1.00 64.52 ? 158 THR A C   1 
ATOM   606  O O   . THR A 1 77  ? -3.174  -7.390  -13.743 1.00 65.41 ? 158 THR A O   1 
ATOM   607  C CB  . THR A 1 77  ? -1.415  -10.095 -14.190 1.00 63.97 ? 158 THR A CB  1 
ATOM   608  O OG1 . THR A 1 77  ? -2.360  -10.333 -13.139 1.00 65.41 ? 158 THR A OG1 1 
ATOM   609  C CG2 . THR A 1 77  ? -0.114  -10.762 -13.890 1.00 62.87 ? 158 THR A CG2 1 
ATOM   610  N N   . ASN A 1 78  ? -3.115  -8.350  -15.763 1.00 64.30 ? 159 ASN A N   1 
ATOM   611  C CA  . ASN A 1 78  ? -4.423  -7.865  -16.066 1.00 63.39 ? 159 ASN A CA  1 
ATOM   612  C C   . ASN A 1 78  ? -5.447  -8.563  -15.228 1.00 62.23 ? 159 ASN A C   1 
ATOM   613  O O   . ASN A 1 78  ? -5.352  -9.752  -14.944 1.00 62.41 ? 159 ASN A O   1 
ATOM   614  C CB  . ASN A 1 78  ? -4.656  -8.012  -17.542 1.00 65.36 ? 159 ASN A CB  1 
ATOM   615  C CG  . ASN A 1 78  ? -3.748  -7.113  -18.292 1.00 67.77 ? 159 ASN A CG  1 
ATOM   616  O OD1 . ASN A 1 78  ? -3.941  -5.898  -18.274 1.00 68.81 ? 159 ASN A OD1 1 
ATOM   617  N ND2 . ASN A 1 78  ? -2.698  -7.673  -18.894 1.00 68.41 ? 159 ASN A ND2 1 
ATOM   618  N N   . GLY A 1 79  ? -6.422  -7.778  -14.801 1.00 60.32 ? 160 GLY A N   1 
ATOM   619  C CA  . GLY A 1 79  ? -7.462  -8.296  -13.948 1.00 57.79 ? 160 GLY A CA  1 
ATOM   620  C C   . GLY A 1 79  ? -7.022  -8.089  -12.515 1.00 56.28 ? 160 GLY A C   1 
ATOM   621  O O   . GLY A 1 79  ? -7.837  -8.169  -11.596 1.00 57.14 ? 160 GLY A O   1 
ATOM   622  N N   . SER A 1 80  ? -5.746  -7.757  -12.319 1.00 52.65 ? 161 SER A N   1 
ATOM   623  C CA  . SER A 1 80  ? -5.226  -7.585  -10.958 1.00 50.08 ? 161 SER A CA  1 
ATOM   624  C C   . SER A 1 80  ? -5.372  -6.247  -10.239 1.00 45.57 ? 161 SER A C   1 
ATOM   625  O O   . SER A 1 80  ? -5.055  -5.187  -10.764 1.00 45.45 ? 161 SER A O   1 
ATOM   626  C CB  . SER A 1 80  ? -3.748  -7.985  -10.899 1.00 49.80 ? 161 SER A CB  1 
ATOM   627  O OG  . SER A 1 80  ? -3.488  -8.649  -9.687  1.00 52.34 ? 161 SER A OG  1 
ATOM   628  N N   . GLY A 1 81  ? -5.827  -6.327  -8.996  1.00 40.37 ? 162 GLY A N   1 
ATOM   629  C CA  . GLY A 1 81  ? -5.982  -5.135  -8.186  1.00 37.93 ? 162 GLY A CA  1 
ATOM   630  C C   . GLY A 1 81  ? -4.849  -5.006  -7.182  1.00 32.56 ? 162 GLY A C   1 
ATOM   631  O O   . GLY A 1 81  ? -4.281  -3.948  -6.985  1.00 32.43 ? 162 GLY A O   1 
ATOM   632  N N   . LEU A 1 82  ? -4.478  -6.119  -6.572  1.00 31.33 ? 163 LEU A N   1 
ATOM   633  C CA  . LEU A 1 82  ? -3.420  -6.104  -5.577  1.00 30.86 ? 163 LEU A CA  1 
ATOM   634  C C   . LEU A 1 82  ? -2.303  -7.056  -5.876  1.00 30.88 ? 163 LEU A C   1 
ATOM   635  O O   . LEU A 1 82  ? -2.537  -8.207  -6.204  1.00 30.79 ? 163 LEU A O   1 
ATOM   636  C CB  . LEU A 1 82  ? -3.999  -6.429  -4.202  1.00 27.39 ? 163 LEU A CB  1 
ATOM   637  C CG  . LEU A 1 82  ? -3.048  -6.357  -3.013  1.00 28.84 ? 163 LEU A CG  1 
ATOM   638  C CD1 . LEU A 1 82  ? -3.889  -5.936  -1.821  1.00 26.31 ? 163 LEU A CD1 1 
ATOM   639  C CD2 . LEU A 1 82  ? -2.363  -7.709  -2.743  1.00 21.08 ? 163 LEU A CD2 1 
ATOM   640  N N   . ALA A 1 83  ? -1.076  -6.571  -5.770  1.00 29.05 ? 164 ALA A N   1 
ATOM   641  C CA  . ALA A 1 83  ? 0.069   -7.423  -6.013  1.00 26.32 ? 164 ALA A CA  1 
ATOM   642  C C   . ALA A 1 83  ? 0.812   -7.621  -4.697  1.00 27.38 ? 164 ALA A C   1 
ATOM   643  O O   . ALA A 1 83  ? 1.206   -6.657  -4.040  1.00 27.19 ? 164 ALA A O   1 
ATOM   644  C CB  . ALA A 1 83  ? 0.982   -6.806  -7.062  1.00 27.05 ? 164 ALA A CB  1 
ATOM   645  N N   . LEU A 1 84  ? 0.940   -8.877  -4.284  1.00 27.00 ? 165 LEU A N   1 
ATOM   646  C CA  . LEU A 1 84  ? 1.655   -9.223  -3.060  1.00 29.54 ? 165 LEU A CA  1 
ATOM   647  C C   . LEU A 1 84  ? 2.982   -9.814  -3.529  1.00 31.07 ? 165 LEU A C   1 
ATOM   648  O O   . LEU A 1 84  ? 3.043   -10.974 -3.931  1.00 30.95 ? 165 LEU A O   1 
ATOM   649  C CB  . LEU A 1 84  ? 0.865   -10.255 -2.250  1.00 26.64 ? 165 LEU A CB  1 
ATOM   650  C CG  . LEU A 1 84  ? 1.551   -10.901 -1.041  1.00 24.87 ? 165 LEU A CG  1 
ATOM   651  C CD1 . LEU A 1 84  ? 2.007   -9.840  -0.067  1.00 23.83 ? 165 LEU A CD1 1 
ATOM   652  C CD2 . LEU A 1 84  ? 0.574   -11.867 -0.371  1.00 26.04 ? 165 LEU A CD2 1 
ATOM   653  N N   . CYS A 1 85  ? 4.039   -9.011  -3.483  1.00 31.70 ? 166 CYS A N   1 
ATOM   654  C CA  . CYS A 1 85  ? 5.344   -9.457  -3.959  1.00 29.76 ? 166 CYS A CA  1 
ATOM   655  C C   . CYS A 1 85  ? 6.362   -9.865  -2.905  1.00 29.96 ? 166 CYS A C   1 
ATOM   656  O O   . CYS A 1 85  ? 6.403   -9.329  -1.796  1.00 30.18 ? 166 CYS A O   1 
ATOM   657  C CB  . CYS A 1 85  ? 5.964   -8.378  -4.834  1.00 30.70 ? 166 CYS A CB  1 
ATOM   658  S SG  . CYS A 1 85  ? 5.053   -7.959  -6.378  1.00 36.14 ? 166 CYS A SG  1 
ATOM   659  N N   . GLN A 1 86  ? 7.213   -10.805 -3.293  1.00 27.08 ? 167 GLN A N   1 
ATOM   660  C CA  . GLN A 1 86  ? 8.242   -11.343 -2.417  1.00 28.56 ? 167 GLN A CA  1 
ATOM   661  C C   . GLN A 1 86  ? 9.602   -11.269 -3.106  1.00 28.02 ? 167 GLN A C   1 
ATOM   662  O O   . GLN A 1 86  ? 9.755   -11.768 -4.213  1.00 24.85 ? 167 GLN A O   1 
ATOM   663  C CB  . GLN A 1 86  ? 7.913   -12.801 -2.097  1.00 30.43 ? 167 GLN A CB  1 
ATOM   664  C CG  . GLN A 1 86  ? 8.854   -13.440 -1.117  1.00 33.91 ? 167 GLN A CG  1 
ATOM   665  C CD  . GLN A 1 86  ? 8.434   -14.827 -0.740  1.00 31.74 ? 167 GLN A CD  1 
ATOM   666  O OE1 . GLN A 1 86  ? 8.958   -15.392 0.210   1.00 38.30 ? 167 GLN A OE1 1 
ATOM   667  N NE2 . GLN A 1 86  ? 7.482   -15.389 -1.480  1.00 28.16 ? 167 GLN A NE2 1 
ATOM   668  N N   . ARG A 1 87  ? 10.581  -10.644 -2.457  1.00 27.43 ? 168 ARG A N   1 
ATOM   669  C CA  . ARG A 1 87  ? 11.928  -10.558 -3.018  1.00 25.69 ? 168 ARG A CA  1 
ATOM   670  C C   . ARG A 1 87  ? 12.911  -11.272 -2.103  1.00 25.05 ? 168 ARG A C   1 
ATOM   671  O O   . ARG A 1 87  ? 12.945  -11.027 -0.895  1.00 25.13 ? 168 ARG A O   1 
ATOM   672  C CB  . ARG A 1 87  ? 12.346  -9.098  -3.201  1.00 27.40 ? 168 ARG A CB  1 
ATOM   673  C CG  . ARG A 1 87  ? 11.409  -8.366  -4.129  1.00 29.03 ? 168 ARG A CG  1 
ATOM   674  C CD  . ARG A 1 87  ? 11.793  -6.923  -4.394  1.00 28.45 ? 168 ARG A CD  1 
ATOM   675  N NE  . ARG A 1 87  ? 10.761  -6.337  -5.242  1.00 28.17 ? 168 ARG A NE  1 
ATOM   676  C CZ  . ARG A 1 87  ? 9.533   -6.057  -4.825  1.00 29.68 ? 168 ARG A CZ  1 
ATOM   677  N NH1 . ARG A 1 87  ? 9.190   -6.293  -3.562  1.00 29.94 ? 168 ARG A NH1 1 
ATOM   678  N NH2 . ARG A 1 87  ? 8.632   -5.591  -5.680  1.00 26.28 ? 168 ARG A NH2 1 
ATOM   679  N N   . TYR A 1 88  ? 13.698  -12.169 -2.688  1.00 23.81 ? 169 TYR A N   1 
ATOM   680  C CA  . TYR A 1 88  ? 14.679  -12.939 -1.941  1.00 23.09 ? 169 TYR A CA  1 
ATOM   681  C C   . TYR A 1 88  ? 15.871  -13.296 -2.814  1.00 22.61 ? 169 TYR A C   1 
ATOM   682  O O   . TYR A 1 88  ? 15.791  -13.248 -4.043  1.00 21.83 ? 169 TYR A O   1 
ATOM   683  C CB  . TYR A 1 88  ? 14.039  -14.216 -1.393  1.00 24.12 ? 169 TYR A CB  1 
ATOM   684  C CG  . TYR A 1 88  ? 13.351  -15.051 -2.447  1.00 27.73 ? 169 TYR A CG  1 
ATOM   685  C CD1 . TYR A 1 88  ? 11.984  -14.912 -2.692  1.00 27.35 ? 169 TYR A CD1 1 
ATOM   686  C CD2 . TYR A 1 88  ? 14.072  -15.967 -3.216  1.00 27.51 ? 169 TYR A CD2 1 
ATOM   687  C CE1 . TYR A 1 88  ? 11.348  -15.668 -3.676  1.00 29.90 ? 169 TYR A CE1 1 
ATOM   688  C CE2 . TYR A 1 88  ? 13.450  -16.721 -4.198  1.00 30.64 ? 169 TYR A CE2 1 
ATOM   689  C CZ  . TYR A 1 88  ? 12.089  -16.570 -4.427  1.00 30.72 ? 169 TYR A CZ  1 
ATOM   690  O OH  . TYR A 1 88  ? 11.477  -17.316 -5.408  1.00 32.12 ? 169 TYR A OH  1 
ATOM   691  N N   . TYR A 1 89  ? 16.978  -13.653 -2.174  1.00 21.91 ? 170 TYR A N   1 
ATOM   692  C CA  . TYR A 1 89  ? 18.193  -14.016 -2.898  1.00 25.54 ? 170 TYR A CA  1 
ATOM   693  C C   . TYR A 1 89  ? 17.982  -15.305 -3.683  1.00 22.31 ? 170 TYR A C   1 
ATOM   694  O O   . TYR A 1 89  ? 17.469  -16.286 -3.138  1.00 22.01 ? 170 TYR A O   1 
ATOM   695  C CB  . TYR A 1 89  ? 19.360  -14.188 -1.916  1.00 26.06 ? 170 TYR A CB  1 
ATOM   696  C CG  . TYR A 1 89  ? 19.680  -12.935 -1.131  1.00 30.73 ? 170 TYR A CG  1 
ATOM   697  C CD1 . TYR A 1 89  ? 19.862  -11.716 -1.779  1.00 34.51 ? 170 TYR A CD1 1 
ATOM   698  C CD2 . TYR A 1 89  ? 19.785  -12.965 0.257   1.00 33.28 ? 170 TYR A CD2 1 
ATOM   699  C CE1 . TYR A 1 89  ? 20.134  -10.557 -1.068  1.00 37.16 ? 170 TYR A CE1 1 
ATOM   700  C CE2 . TYR A 1 89  ? 20.058  -11.811 0.982   1.00 36.44 ? 170 TYR A CE2 1 
ATOM   701  C CZ  . TYR A 1 89  ? 20.230  -10.610 0.312   1.00 39.84 ? 170 TYR A CZ  1 
ATOM   702  O OH  . TYR A 1 89  ? 20.488  -9.460  1.019   1.00 43.51 ? 170 TYR A OH  1 
ATOM   703  N N   . HIS A 1 90  ? 18.359  -15.299 -4.961  1.00 23.90 ? 171 HIS A N   1 
ATOM   704  C CA  . HIS A 1 90  ? 18.215  -16.494 -5.800  1.00 26.23 ? 171 HIS A CA  1 
ATOM   705  C C   . HIS A 1 90  ? 18.760  -17.705 -5.042  1.00 28.44 ? 171 HIS A C   1 
ATOM   706  O O   . HIS A 1 90  ? 18.167  -18.783 -5.062  1.00 29.38 ? 171 HIS A O   1 
ATOM   707  C CB  . HIS A 1 90  ? 18.969  -16.324 -7.125  1.00 26.56 ? 171 HIS A CB  1 
ATOM   708  C CG  . HIS A 1 90  ? 19.157  -17.602 -7.880  1.00 29.13 ? 171 HIS A CG  1 
ATOM   709  N ND1 . HIS A 1 90  ? 18.120  -18.472 -8.143  1.00 28.60 ? 171 HIS A ND1 1 
ATOM   710  C CD2 . HIS A 1 90  ? 20.265  -18.167 -8.415  1.00 27.70 ? 171 HIS A CD2 1 
ATOM   711  C CE1 . HIS A 1 90  ? 18.581  -19.517 -8.807  1.00 27.88 ? 171 HIS A CE1 1 
ATOM   712  N NE2 . HIS A 1 90  ? 19.879  -19.356 -8.986  1.00 30.73 ? 171 HIS A NE2 1 
ATOM   713  N N   . ARG A 1 91  ? 19.889  -17.512 -4.367  1.00 26.99 ? 172 ARG A N   1 
ATOM   714  C CA  . ARG A 1 91  ? 20.498  -18.567 -3.572  1.00 27.99 ? 172 ARG A CA  1 
ATOM   715  C C   . ARG A 1 91  ? 20.938  -17.971 -2.238  1.00 27.60 ? 172 ARG A C   1 
ATOM   716  O O   . ARG A 1 91  ? 21.694  -16.998 -2.196  1.00 24.23 ? 172 ARG A O   1 
ATOM   717  C CB  . ARG A 1 91  ? 21.703  -19.155 -4.294  1.00 33.65 ? 172 ARG A CB  1 
ATOM   718  C CG  . ARG A 1 91  ? 22.103  -20.521 -3.783  1.00 42.26 ? 172 ARG A CG  1 
ATOM   719  C CD  . ARG A 1 91  ? 23.401  -20.489 -3.001  1.00 50.54 ? 172 ARG A CD  1 
ATOM   720  N NE  . ARG A 1 91  ? 24.274  -21.588 -3.406  1.00 54.32 ? 172 ARG A NE  1 
ATOM   721  C CZ  . ARG A 1 91  ? 24.757  -21.736 -4.638  1.00 57.90 ? 172 ARG A CZ  1 
ATOM   722  N NH1 . ARG A 1 91  ? 24.453  -20.852 -5.582  1.00 52.71 ? 172 ARG A NH1 1 
ATOM   723  N NH2 . ARG A 1 91  ? 25.536  -22.772 -4.930  1.00 58.01 ? 172 ARG A NH2 1 
ATOM   724  N N   . GLY A 1 92  ? 20.462  -18.559 -1.149  1.00 29.67 ? 173 GLY A N   1 
ATOM   725  C CA  . GLY A 1 92  ? 20.813  -18.040 0.155   1.00 29.64 ? 173 GLY A CA  1 
ATOM   726  C C   . GLY A 1 92  ? 21.035  -19.074 1.234   1.00 31.48 ? 173 GLY A C   1 
ATOM   727  O O   . GLY A 1 92  ? 20.210  -19.217 2.136   1.00 32.17 ? 173 GLY A O   1 
ATOM   728  N N   . HIS A 1 93  ? 22.141  -19.809 1.136   1.00 29.63 ? 174 HIS A N   1 
ATOM   729  C CA  . HIS A 1 93  ? 22.471  -20.788 2.153   1.00 28.86 ? 174 HIS A CA  1 
ATOM   730  C C   . HIS A 1 93  ? 23.113  -19.947 3.255   1.00 29.81 ? 174 HIS A C   1 
ATOM   731  O O   . HIS A 1 93  ? 24.169  -19.343 3.046   1.00 27.34 ? 174 HIS A O   1 
ATOM   732  C CB  . HIS A 1 93  ? 23.469  -21.819 1.624   1.00 31.78 ? 174 HIS A CB  1 
ATOM   733  C CG  . HIS A 1 93  ? 23.891  -22.824 2.650   1.00 33.92 ? 174 HIS A CG  1 
ATOM   734  N ND1 . HIS A 1 93  ? 23.007  -23.709 3.231   1.00 34.71 ? 174 HIS A ND1 1 
ATOM   735  C CD2 . HIS A 1 93  ? 25.093  -23.057 3.230   1.00 34.75 ? 174 HIS A CD2 1 
ATOM   736  C CE1 . HIS A 1 93  ? 23.647  -24.442 4.125   1.00 36.83 ? 174 HIS A CE1 1 
ATOM   737  N NE2 . HIS A 1 93  ? 24.913  -24.066 4.144   1.00 36.93 ? 174 HIS A NE2 1 
ATOM   738  N N   . VAL A 1 94  ? 22.458  -19.893 4.413   1.00 28.55 ? 175 VAL A N   1 
ATOM   739  C CA  . VAL A 1 94  ? 22.931  -19.090 5.537   1.00 26.79 ? 175 VAL A CA  1 
ATOM   740  C C   . VAL A 1 94  ? 23.008  -19.966 6.782   1.00 25.50 ? 175 VAL A C   1 
ATOM   741  O O   . VAL A 1 94  ? 21.990  -20.393 7.329   1.00 24.24 ? 175 VAL A O   1 
ATOM   742  C CB  . VAL A 1 94  ? 21.972  -17.891 5.755   1.00 27.23 ? 175 VAL A CB  1 
ATOM   743  C CG1 . VAL A 1 94  ? 22.398  -17.064 6.954   1.00 23.52 ? 175 VAL A CG1 1 
ATOM   744  C CG2 . VAL A 1 94  ? 21.944  -17.031 4.494   1.00 22.65 ? 175 VAL A CG2 1 
ATOM   745  N N   . ASP A 1 95  ? 24.230  -20.231 7.227   1.00 25.49 ? 176 ASP A N   1 
ATOM   746  C CA  . ASP A 1 95  ? 24.434  -21.100 8.370   1.00 28.61 ? 176 ASP A CA  1 
ATOM   747  C C   . ASP A 1 95  ? 25.367  -20.515 9.431   1.00 27.06 ? 176 ASP A C   1 
ATOM   748  O O   . ASP A 1 95  ? 26.546  -20.857 9.508   1.00 28.26 ? 176 ASP A O   1 
ATOM   749  C CB  . ASP A 1 95  ? 24.951  -22.449 7.855   1.00 31.94 ? 176 ASP A CB  1 
ATOM   750  C CG  . ASP A 1 95  ? 25.218  -23.438 8.961   1.00 35.91 ? 176 ASP A CG  1 
ATOM   751  O OD1 . ASP A 1 95  ? 24.473  -23.441 9.959   1.00 41.43 ? 176 ASP A OD1 1 
ATOM   752  O OD2 . ASP A 1 95  ? 26.171  -24.228 8.818   1.00 42.49 ? 176 ASP A OD2 1 
ATOM   753  N N   . PRO A 1 96  ? 24.837  -19.622 10.275  1.00 24.60 ? 177 PRO A N   1 
ATOM   754  C CA  . PRO A 1 96  ? 25.639  -18.996 11.329  1.00 26.43 ? 177 PRO A CA  1 
ATOM   755  C C   . PRO A 1 96  ? 26.237  -19.997 12.317  1.00 26.55 ? 177 PRO A C   1 
ATOM   756  O O   . PRO A 1 96  ? 27.312  -19.767 12.861  1.00 26.09 ? 177 PRO A O   1 
ATOM   757  C CB  . PRO A 1 96  ? 24.651  -18.022 11.982  1.00 24.66 ? 177 PRO A CB  1 
ATOM   758  C CG  . PRO A 1 96  ? 23.326  -18.706 11.790  1.00 24.25 ? 177 PRO A CG  1 
ATOM   759  C CD  . PRO A 1 96  ? 23.425  -19.208 10.363  1.00 24.28 ? 177 PRO A CD  1 
ATOM   760  N N   . ALA A 1 97  ? 25.546  -21.109 12.545  1.00 29.27 ? 178 ALA A N   1 
ATOM   761  C CA  . ALA A 1 97  ? 26.060  -22.110 13.468  1.00 31.38 ? 178 ALA A CA  1 
ATOM   762  C C   . ALA A 1 97  ? 27.470  -22.577 13.056  1.00 34.71 ? 178 ALA A C   1 
ATOM   763  O O   . ALA A 1 97  ? 28.300  -22.855 13.910  1.00 37.30 ? 178 ALA A O   1 
ATOM   764  C CB  . ALA A 1 97  ? 25.099  -23.301 13.557  1.00 30.76 ? 178 ALA A CB  1 
ATOM   765  N N   . ASN A 1 98  ? 27.741  -22.650 11.751  1.00 34.50 ? 179 ASN A N   1 
ATOM   766  C CA  . ASN A 1 98  ? 29.074  -23.063 11.282  1.00 34.08 ? 179 ASN A CA  1 
ATOM   767  C C   . ASN A 1 98  ? 29.852  -21.945 10.639  1.00 33.75 ? 179 ASN A C   1 
ATOM   768  O O   . ASN A 1 98  ? 30.799  -22.181 9.894   1.00 31.24 ? 179 ASN A O   1 
ATOM   769  C CB  . ASN A 1 98  ? 28.972  -24.204 10.281  1.00 35.00 ? 179 ASN A CB  1 
ATOM   770  C CG  . ASN A 1 98  ? 28.411  -25.437 10.900  1.00 34.58 ? 179 ASN A CG  1 
ATOM   771  O OD1 . ASN A 1 98  ? 28.875  -25.856 11.964  1.00 33.08 ? 179 ASN A OD1 1 
ATOM   772  N ND2 . ASN A 1 98  ? 27.403  -26.035 10.258  1.00 36.25 ? 179 ASN A ND2 1 
ATOM   773  N N   . ASP A 1 99  ? 29.411  -20.733 10.938  1.00 35.03 ? 180 ASP A N   1 
ATOM   774  C CA  . ASP A 1 99  ? 29.989  -19.498 10.451  1.00 35.69 ? 180 ASP A CA  1 
ATOM   775  C C   . ASP A 1 99  ? 30.120  -19.404 8.933   1.00 38.44 ? 180 ASP A C   1 
ATOM   776  O O   . ASP A 1 99  ? 31.072  -18.808 8.422   1.00 40.33 ? 180 ASP A O   1 
ATOM   777  C CB  . ASP A 1 99  ? 31.369  -19.264 11.069  1.00 35.80 ? 180 ASP A CB  1 
ATOM   778  C CG  . ASP A 1 99  ? 31.392  -19.452 12.583  1.00 37.08 ? 180 ASP A CG  1 
ATOM   779  O OD1 . ASP A 1 99  ? 30.466  -18.942 13.262  1.00 36.50 ? 180 ASP A OD1 1 
ATOM   780  O OD2 . ASP A 1 99  ? 32.360  -20.105 13.062  1.00 41.99 ? 180 ASP A OD2 1 
ATOM   781  N N   . THR A 1 100 ? 29.210  -20.035 8.206   1.00 35.93 ? 181 THR A N   1 
ATOM   782  C CA  . THR A 1 100 ? 29.263  -19.923 6.768   1.00 37.31 ? 181 THR A CA  1 
ATOM   783  C C   . THR A 1 100 ? 27.994  -19.629 6.063   1.00 36.40 ? 181 THR A C   1 
ATOM   784  O O   . THR A 1 100 ? 26.889  -19.826 6.557   1.00 35.18 ? 181 THR A O   1 
ATOM   785  C CB  . THR A 1 100 ? 29.736  -21.156 6.046   1.00 20.21 ? 181 THR A CB  1 
ATOM   786  O OG1 . THR A 1 100 ? 29.019  -22.310 6.514   1.00 20.21 ? 181 THR A OG1 1 
ATOM   787  C CG2 . THR A 1 100 ? 31.198  -21.333 6.204   1.00 20.21 ? 181 THR A CG2 1 
ATOM   788  N N   . PHE A 1 101 ? 28.184  -19.196 4.839   1.00 30.48 ? 182 PHE A N   1 
ATOM   789  C CA  . PHE A 1 101 ? 27.066  -18.916 4.026   1.00 28.56 ? 182 PHE A CA  1 
ATOM   790  C C   . PHE A 1 101 ? 27.513  -19.068 2.596   1.00 27.63 ? 182 PHE A C   1 
ATOM   791  O O   . PHE A 1 101 ? 28.689  -19.078 2.270   1.00 29.16 ? 182 PHE A O   1 
ATOM   792  C CB  . PHE A 1 101 ? 26.603  -17.498 4.297   1.00 28.23 ? 182 PHE A CB  1 
ATOM   793  C CG  . PHE A 1 101 ? 27.667  -16.475 4.080   1.00 25.85 ? 182 PHE A CG  1 
ATOM   794  C CD1 . PHE A 1 101 ? 28.418  -15.991 5.151   1.00 24.96 ? 182 PHE A CD1 1 
ATOM   795  C CD2 . PHE A 1 101 ? 27.871  -15.944 2.808   1.00 25.07 ? 182 PHE A CD2 1 
ATOM   796  C CE1 . PHE A 1 101 ? 29.363  -14.978 4.967   1.00 25.60 ? 182 PHE A CE1 1 
ATOM   797  C CE2 . PHE A 1 101 ? 28.806  -14.938 2.591   1.00 24.31 ? 182 PHE A CE2 1 
ATOM   798  C CZ  . PHE A 1 101 ? 29.557  -14.441 3.675   1.00 26.93 ? 182 PHE A CZ  1 
ATOM   799  N N   . ASP A 1 102 ? 26.535  -19.205 1.734   1.00 30.34 ? 183 ASP A N   1 
ATOM   800  C CA  . ASP A 1 102 ? 26.809  -19.307 0.327   1.00 33.14 ? 183 ASP A CA  1 
ATOM   801  C C   . ASP A 1 102 ? 25.656  -18.638 -0.346  1.00 32.14 ? 183 ASP A C   1 
ATOM   802  O O   . ASP A 1 102 ? 24.515  -19.088 -0.313  1.00 31.05 ? 183 ASP A O   1 
ATOM   803  C CB  . ASP A 1 102 ? 26.999  -20.744 -0.113  1.00 37.20 ? 183 ASP A CB  1 
ATOM   804  C CG  . ASP A 1 102 ? 27.162  -20.858 -1.610  1.00 45.29 ? 183 ASP A CG  1 
ATOM   805  O OD1 . ASP A 1 102 ? 27.608  -19.860 -2.247  1.00 48.12 ? 183 ASP A OD1 1 
ATOM   806  O OD2 . ASP A 1 102 ? 26.846  -21.956 -2.124  1.00 50.21 ? 183 ASP A OD2 1 
ATOM   807  N N   . ILE A 1 103 ? 26.011  -17.546 -0.992  1.00 32.08 ? 184 ILE A N   1 
ATOM   808  C CA  . ILE A 1 103 ? 25.029  -16.691 -1.565  1.00 30.56 ? 184 ILE A CA  1 
ATOM   809  C C   . ILE A 1 103 ? 25.127  -16.211 -2.967  1.00 32.00 ? 184 ILE A C   1 
ATOM   810  O O   . ILE A 1 103 ? 26.174  -15.815 -3.449  1.00 31.68 ? 184 ILE A O   1 
ATOM   811  C CB  . ILE A 1 103 ? 24.933  -15.448 -0.683  1.00 34.29 ? 184 ILE A CB  1 
ATOM   812  C CG1 . ILE A 1 103 ? 24.317  -15.840 0.639   1.00 34.46 ? 184 ILE A CG1 1 
ATOM   813  C CG2 . ILE A 1 103 ? 24.131  -14.332 -1.362  1.00 30.83 ? 184 ILE A CG2 1 
ATOM   814  C CD1 . ILE A 1 103 ? 24.345  -14.726 1.593   1.00 33.25 ? 184 ILE A CD1 1 
ATOM   815  N N   . ASP A 1 104 ? 23.982  -16.254 -3.617  1.00 29.55 ? 185 ASP A N   1 
ATOM   816  C CA  . ASP A 1 104 ? 23.895  -15.695 -4.929  1.00 30.62 ? 185 ASP A CA  1 
ATOM   817  C C   . ASP A 1 104 ? 22.962  -14.563 -4.640  1.00 30.53 ? 185 ASP A C   1 
ATOM   818  O O   . ASP A 1 104 ? 21.760  -14.749 -4.461  1.00 32.02 ? 185 ASP A O   1 
ATOM   819  C CB  . ASP A 1 104 ? 23.289  -16.614 -5.970  1.00 26.09 ? 185 ASP A CB  1 
ATOM   820  C CG  . ASP A 1 104 ? 23.338  -15.984 -7.335  1.00 23.26 ? 185 ASP A CG  1 
ATOM   821  O OD1 . ASP A 1 104 ? 23.471  -14.736 -7.374  1.00 20.92 ? 185 ASP A OD1 1 
ATOM   822  O OD2 . ASP A 1 104 ? 23.261  -16.748 -8.323  1.00 23.73 ? 185 ASP A OD2 1 
ATOM   823  N N   . PRO A 1 105 ? 23.502  -13.353 -4.595  1.00 31.54 ? 186 PRO A N   1 
ATOM   824  C CA  . PRO A 1 105 ? 22.667  -12.191 -4.305  1.00 33.61 ? 186 PRO A CA  1 
ATOM   825  C C   . PRO A 1 105 ? 21.693  -11.640 -5.333  1.00 34.53 ? 186 PRO A C   1 
ATOM   826  O O   . PRO A 1 105 ? 21.094  -10.587 -5.098  1.00 37.54 ? 186 PRO A O   1 
ATOM   827  C CB  . PRO A 1 105 ? 23.693  -11.150 -3.918  1.00 34.74 ? 186 PRO A CB  1 
ATOM   828  C CG  . PRO A 1 105 ? 24.772  -11.419 -4.898  1.00 33.24 ? 186 PRO A CG  1 
ATOM   829  C CD  . PRO A 1 105 ? 24.902  -12.944 -4.816  1.00 33.72 ? 186 PRO A CD  1 
ATOM   830  N N   . MET A 1 106 ? 21.541  -12.325 -6.459  1.00 32.68 ? 187 MET A N   1 
ATOM   831  C CA  . MET A 1 106 ? 20.604  -11.858 -7.452  1.00 32.54 ? 187 MET A CA  1 
ATOM   832  C C   . MET A 1 106 ? 19.237  -11.937 -6.768  1.00 31.69 ? 187 MET A C   1 
ATOM   833  O O   . MET A 1 106 ? 18.907  -12.918 -6.119  1.00 32.48 ? 187 MET A O   1 
ATOM   834  C CB  . MET A 1 106 ? 20.653  -12.750 -8.696  1.00 32.06 ? 187 MET A CB  1 
ATOM   835  C CG  . MET A 1 106 ? 19.441  -12.589 -9.571  1.00 36.32 ? 187 MET A CG  1 
ATOM   836  S SD  . MET A 1 106 ? 19.323  -13.941 -10.755 1.00 39.94 ? 187 MET A SD  1 
ATOM   837  C CE  . MET A 1 106 ? 20.016  -13.170 -12.029 1.00 38.98 ? 187 MET A CE  1 
ATOM   838  N N   . VAL A 1 107 ? 18.441  -10.892 -6.903  1.00 29.38 ? 188 VAL A N   1 
ATOM   839  C CA  . VAL A 1 107 ? 17.139  -10.865 -6.271  1.00 30.72 ? 188 VAL A CA  1 
ATOM   840  C C   . VAL A 1 107 ? 16.042  -11.405 -7.161  1.00 28.05 ? 188 VAL A C   1 
ATOM   841  O O   . VAL A 1 107 ? 15.914  -11.033 -8.313  1.00 31.46 ? 188 VAL A O   1 
ATOM   842  C CB  . VAL A 1 107 ? 16.822  -9.430  -5.845  1.00 29.72 ? 188 VAL A CB  1 
ATOM   843  C CG1 . VAL A 1 107 ? 15.448  -9.350  -5.237  1.00 32.36 ? 188 VAL A CG1 1 
ATOM   844  C CG2 . VAL A 1 107 ? 17.872  -8.968  -4.886  1.00 31.65 ? 188 VAL A CG2 1 
ATOM   845  N N   . VAL A 1 108 ? 15.247  -12.303 -6.604  1.00 30.12 ? 189 VAL A N   1 
ATOM   846  C CA  . VAL A 1 108 ? 14.148  -12.901 -7.340  1.00 29.45 ? 189 VAL A CA  1 
ATOM   847  C C   . VAL A 1 108 ? 12.864  -12.303 -6.788  1.00 30.11 ? 189 VAL A C   1 
ATOM   848  O O   . VAL A 1 108 ? 12.734  -12.147 -5.581  1.00 29.87 ? 189 VAL A O   1 
ATOM   849  C CB  . VAL A 1 108 ? 14.130  -14.436 -7.154  1.00 29.14 ? 189 VAL A CB  1 
ATOM   850  C CG1 . VAL A 1 108 ? 12.905  -15.025 -7.816  1.00 26.56 ? 189 VAL A CG1 1 
ATOM   851  C CG2 . VAL A 1 108 ? 15.411  -15.034 -7.728  1.00 29.72 ? 189 VAL A CG2 1 
ATOM   852  N N   . THR A 1 109 ? 11.924  -11.953 -7.662  1.00 29.62 ? 190 THR A N   1 
ATOM   853  C CA  . THR A 1 109 ? 10.661  -11.379 -7.211  1.00 28.79 ? 190 THR A CA  1 
ATOM   854  C C   . THR A 1 109 ? 9.465   -12.268 -7.542  1.00 32.02 ? 190 THR A C   1 
ATOM   855  O O   . THR A 1 109 ? 9.131   -12.446 -8.709  1.00 34.58 ? 190 THR A O   1 
ATOM   856  C CB  . THR A 1 109 ? 10.408  -10.006 -7.850  1.00 27.20 ? 190 THR A CB  1 
ATOM   857  O OG1 . THR A 1 109 ? 11.478  -9.122  -7.516  1.00 31.61 ? 190 THR A OG1 1 
ATOM   858  C CG2 . THR A 1 109 ? 9.098   -9.414  -7.351  1.00 29.83 ? 190 THR A CG2 1 
ATOM   859  N N   . ASP A 1 110 ? 8.834   -12.839 -6.520  1.00 32.12 ? 191 ASP A N   1 
ATOM   860  C CA  . ASP A 1 110 ? 7.649   -13.661 -6.734  1.00 34.82 ? 191 ASP A CA  1 
ATOM   861  C C   . ASP A 1 110 ? 6.453   -12.819 -6.306  1.00 35.45 ? 191 ASP A C   1 
ATOM   862  O O   . ASP A 1 110 ? 6.380   -12.371 -5.164  1.00 31.88 ? 191 ASP A O   1 
ATOM   863  C CB  . ASP A 1 110 ? 7.671   -14.942 -5.892  1.00 39.87 ? 191 ASP A CB  1 
ATOM   864  C CG  . ASP A 1 110 ? 8.567   -16.016 -6.474  1.00 47.01 ? 191 ASP A CG  1 
ATOM   865  O OD1 . ASP A 1 110 ? 8.732   -16.059 -7.714  1.00 50.06 ? 191 ASP A OD1 1 
ATOM   866  O OD2 . ASP A 1 110 ? 9.092   -16.836 -5.689  1.00 53.08 ? 191 ASP A OD2 1 
ATOM   867  N N   . CYS A 1 111 ? 5.516   -12.599 -7.218  1.00 34.65 ? 192 CYS A N   1 
ATOM   868  C CA  . CYS A 1 111 ? 4.339   -11.808 -6.885  1.00 34.64 ? 192 CYS A CA  1 
ATOM   869  C C   . CYS A 1 111 ? 3.051   -12.599 -7.058  1.00 34.93 ? 192 CYS A C   1 
ATOM   870  O O   . CYS A 1 111 ? 2.882   -13.344 -8.020  1.00 35.35 ? 192 CYS A O   1 
ATOM   871  C CB  . CYS A 1 111 ? 4.246   -10.569 -7.768  1.00 31.47 ? 192 CYS A CB  1 
ATOM   872  S SG  . CYS A 1 111 ? 5.620   -9.353  -7.708  1.00 41.97 ? 192 CYS A SG  1 
ATOM   873  N N   . ILE A 1 112 ? 2.139   -12.436 -6.114  1.00 33.90 ? 193 ILE A N   1 
ATOM   874  C CA  . ILE A 1 112 ? 0.855   -13.104 -6.197  1.00 31.81 ? 193 ILE A CA  1 
ATOM   875  C C   . ILE A 1 112 ? -0.148  -12.029 -6.581  1.00 33.24 ? 193 ILE A C   1 
ATOM   876  O O   . ILE A 1 112 ? -0.110  -10.912 -6.056  1.00 28.67 ? 193 ILE A O   1 
ATOM   877  C CB  . ILE A 1 112 ? 0.458   -13.733 -4.853  1.00 31.78 ? 193 ILE A CB  1 
ATOM   878  C CG1 . ILE A 1 112 ? 1.221   -15.044 -4.660  1.00 32.13 ? 193 ILE A CG1 1 
ATOM   879  C CG2 . ILE A 1 112 ? -1.039  -13.966 -4.806  1.00 30.78 ? 193 ILE A CG2 1 
ATOM   880  C CD1 . ILE A 1 112 ? 1.047   -15.659 -3.285  1.00 34.08 ? 193 ILE A CD1 1 
ATOM   881  N N   . GLN A 1 113 ? -1.031  -12.354 -7.516  1.00 32.67 ? 194 GLN A N   1 
ATOM   882  C CA  . GLN A 1 113 ? -2.023  -11.389 -7.953  1.00 33.72 ? 194 GLN A CA  1 
ATOM   883  C C   . GLN A 1 113 ? -3.343  -11.639 -7.236  1.00 33.44 ? 194 GLN A C   1 
ATOM   884  O O   . GLN A 1 113 ? -3.771  -12.776 -7.067  1.00 35.51 ? 194 GLN A O   1 
ATOM   885  C CB  . GLN A 1 113 ? -2.225  -11.474 -9.472  1.00 34.93 ? 194 GLN A CB  1 
ATOM   886  C CG  . GLN A 1 113 ? -0.951  -11.306 -10.304 1.00 37.35 ? 194 GLN A CG  1 
ATOM   887  C CD  . GLN A 1 113 ? -0.198  -10.019 -9.998  1.00 43.35 ? 194 GLN A CD  1 
ATOM   888  O OE1 . GLN A 1 113 ? -0.802  -8.957  -9.818  1.00 44.36 ? 194 GLN A OE1 1 
ATOM   889  N NE2 . GLN A 1 113 ? 1.130   -10.105 -9.953  1.00 40.48 ? 194 GLN A NE2 1 
ATOM   890  N N   . VAL A 1 114 ? -3.972  -10.561 -6.793  1.00 34.48 ? 195 VAL A N   1 
ATOM   891  C CA  . VAL A 1 114 ? -5.245  -10.655 -6.102  1.00 35.86 ? 195 VAL A CA  1 
ATOM   892  C C   . VAL A 1 114 ? -6.214  -9.750  -6.845  1.00 38.47 ? 195 VAL A C   1 
ATOM   893  O O   . VAL A 1 114 ? -5.942  -8.568  -7.044  1.00 38.59 ? 195 VAL A O   1 
ATOM   894  C CB  . VAL A 1 114 ? -5.126  -10.178 -4.641  1.00 36.72 ? 195 VAL A CB  1 
ATOM   895  C CG1 . VAL A 1 114 ? -6.470  -10.309 -3.937  1.00 30.69 ? 195 VAL A CG1 1 
ATOM   896  C CG2 . VAL A 1 114 ? -4.053  -10.981 -3.914  1.00 31.62 ? 195 VAL A CG2 1 
ATOM   897  N N   . ASP A 1 115 ? -7.332  -10.308 -7.283  1.00 43.10 ? 196 ASP A N   1 
ATOM   898  C CA  . ASP A 1 115 ? -8.321  -9.514  -7.992  1.00 48.14 ? 196 ASP A CA  1 
ATOM   899  C C   . ASP A 1 115 ? -9.396  -9.063  -7.025  1.00 49.38 ? 196 ASP A C   1 
ATOM   900  O O   . ASP A 1 115 ? -9.943  -9.872  -6.270  1.00 51.32 ? 196 ASP A O   1 
ATOM   901  C CB  . ASP A 1 115 ? -8.964  -10.324 -9.118  1.00 51.98 ? 196 ASP A CB  1 
ATOM   902  C CG  . ASP A 1 115 ? -7.972  -10.719 -10.196 1.00 55.07 ? 196 ASP A CG  1 
ATOM   903  O OD1 . ASP A 1 115 ? -6.826  -10.213 -10.177 1.00 55.93 ? 196 ASP A OD1 1 
ATOM   904  O OD2 . ASP A 1 115 ? -8.347  -11.530 -11.069 1.00 54.76 ? 196 ASP A OD2 1 
ATOM   905  N N   . PRO A 1 116 ? -9.708  -7.760  -7.021  1.00 49.19 ? 197 PRO A N   1 
ATOM   906  C CA  . PRO A 1 116 ? -10.747 -7.297  -6.103  1.00 51.47 ? 197 PRO A CA  1 
ATOM   907  C C   . PRO A 1 116 ? -12.028 -8.061  -6.422  1.00 54.08 ? 197 PRO A C   1 
ATOM   908  O O   . PRO A 1 116 ? -12.248 -8.464  -7.563  1.00 54.90 ? 197 PRO A O   1 
ATOM   909  C CB  . PRO A 1 116 ? -10.837 -5.806  -6.411  1.00 51.11 ? 197 PRO A CB  1 
ATOM   910  C CG  . PRO A 1 116 ? -10.466 -5.741  -7.856  1.00 50.99 ? 197 PRO A CG  1 
ATOM   911  C CD  . PRO A 1 116 ? -9.301  -6.689  -7.945  1.00 49.07 ? 197 PRO A CD  1 
ATOM   912  N N   . PRO A 1 117 ? -12.890 -8.263  -5.417  1.00 57.63 ? 198 PRO A N   1 
ATOM   913  C CA  . PRO A 1 117 ? -14.154 -8.991  -5.582  1.00 59.75 ? 198 PRO A CA  1 
ATOM   914  C C   . PRO A 1 117 ? -15.025 -8.477  -6.724  1.00 60.70 ? 198 PRO A C   1 
ATOM   915  O O   . PRO A 1 117 ? -16.177 -8.887  -6.864  1.00 61.84 ? 198 PRO A O   1 
ATOM   916  C CB  . PRO A 1 117 ? -14.824 -8.817  -4.225  1.00 61.40 ? 198 PRO A CB  1 
ATOM   917  C CG  . PRO A 1 117 ? -14.371 -7.439  -3.824  1.00 61.19 ? 198 PRO A CG  1 
ATOM   918  C CD  . PRO A 1 117 ? -12.896 -7.491  -4.161  1.00 60.46 ? 198 PRO A CD  1 
ATOM   919  N N   . ASN A 1 139 ? -2.376  -18.013 1.424   1.00 59.93 ? 220 ASN A N   1 
ATOM   920  C CA  . ASN A 1 139 ? -1.202  -18.841 1.150   1.00 61.53 ? 220 ASN A CA  1 
ATOM   921  C C   . ASN A 1 139 ? 0.021   -18.082 0.746   1.00 61.37 ? 220 ASN A C   1 
ATOM   922  O O   . ASN A 1 139 ? 0.041   -17.372 -0.249  1.00 62.36 ? 220 ASN A O   1 
ATOM   923  C CB  . ASN A 1 139 ? -1.409  -19.799 0.023   1.00 62.89 ? 220 ASN A CB  1 
ATOM   924  C CG  . ASN A 1 139 ? -0.303  -20.810 -0.039  1.00 64.37 ? 220 ASN A CG  1 
ATOM   925  O OD1 . ASN A 1 139 ? 0.876   -20.502 0.202   1.00 61.63 ? 220 ASN A OD1 1 
ATOM   926  N ND2 . ASN A 1 139 ? -0.669  -22.036 -0.350  1.00 63.56 ? 220 ASN A ND2 1 
ATOM   927  N N   . LEU A 1 140 ? 1.100   -18.309 1.450   1.00 60.98 ? 221 LEU A N   1 
ATOM   928  C CA  . LEU A 1 140 ? 2.278   -17.568 1.121   1.00 59.18 ? 221 LEU A CA  1 
ATOM   929  C C   . LEU A 1 140 ? 3.365   -18.279 1.836   1.00 58.98 ? 221 LEU A C   1 
ATOM   930  O O   . LEU A 1 140 ? 3.194   -18.667 2.984   1.00 61.54 ? 221 LEU A O   1 
ATOM   931  C CB  . LEU A 1 140 ? 2.119   -16.161 1.680   1.00 59.73 ? 221 LEU A CB  1 
ATOM   932  C CG  . LEU A 1 140 ? 3.282   -15.203 1.747   1.00 60.07 ? 221 LEU A CG  1 
ATOM   933  C CD1 . LEU A 1 140 ? 3.448   -14.581 0.359   1.00 56.67 ? 221 LEU A CD1 1 
ATOM   934  C CD2 . LEU A 1 140 ? 2.984   -14.118 2.803   1.00 61.32 ? 221 LEU A CD2 1 
ATOM   935  N N   . THR A 1 141 ? 4.482   -18.497 1.175   1.00 56.74 ? 222 THR A N   1 
ATOM   936  C CA  . THR A 1 141 ? 5.527   -19.116 1.936   1.00 54.19 ? 222 THR A CA  1 
ATOM   937  C C   . THR A 1 141 ? 6.769   -18.254 1.917   1.00 51.59 ? 222 THR A C   1 
ATOM   938  O O   . THR A 1 141 ? 7.473   -18.166 0.908   1.00 52.45 ? 222 THR A O   1 
ATOM   939  C CB  . THR A 1 141 ? 5.883   -20.499 1.460   1.00 54.38 ? 222 THR A CB  1 
ATOM   940  O OG1 . THR A 1 141 ? 4.700   -21.310 1.366   1.00 49.89 ? 222 THR A OG1 1 
ATOM   941  C CG2 . THR A 1 141 ? 6.831   -21.112 2.468   1.00 52.88 ? 222 THR A CG2 1 
ATOM   942  N N   . LEU A 1 142 ? 7.022   -17.602 3.047   1.00 47.36 ? 223 LEU A N   1 
ATOM   943  C CA  . LEU A 1 142 ? 8.184   -16.753 3.145   1.00 42.95 ? 223 LEU A CA  1 
ATOM   944  C C   . LEU A 1 142 ? 9.443   -17.470 3.551   1.00 43.16 ? 223 LEU A C   1 
ATOM   945  O O   . LEU A 1 142 ? 9.506   -18.361 4.406   1.00 41.43 ? 223 LEU A O   1 
ATOM   946  C CB  . LEU A 1 142 ? 7.963   -15.557 4.073   1.00 37.43 ? 223 LEU A CB  1 
ATOM   947  C CG  . LEU A 1 142 ? 6.787   -14.643 3.755   1.00 34.41 ? 223 LEU A CG  1 
ATOM   948  C CD1 . LEU A 1 142 ? 6.632   -13.716 4.936   1.00 30.58 ? 223 LEU A CD1 1 
ATOM   949  C CD2 . LEU A 1 142 ? 6.989   -13.845 2.461   1.00 30.98 ? 223 LEU A CD2 1 
ATOM   950  N N   . LYS A 1 143 ? 10.449  -16.935 2.897   1.00 43.62 ? 224 LYS A N   1 
ATOM   951  C CA  . LYS A 1 143 ? 11.851  -17.280 2.875   1.00 43.25 ? 224 LYS A CA  1 
ATOM   952  C C   . LYS A 1 143 ? 12.657  -16.462 3.871   1.00 41.22 ? 224 LYS A C   1 
ATOM   953  O O   . LYS A 1 143 ? 13.626  -15.835 3.473   1.00 40.00 ? 224 LYS A O   1 
ATOM   954  C CB  . LYS A 1 143 ? 12.324  -16.899 1.478   1.00 47.99 ? 224 LYS A CB  1 
ATOM   955  C CG  . LYS A 1 143 ? 12.434  -18.005 0.510   1.00 51.72 ? 224 LYS A CG  1 
ATOM   956  C CD  . LYS A 1 143 ? 11.918  -17.659 -0.861  1.00 50.13 ? 224 LYS A CD  1 
ATOM   957  C CE  . LYS A 1 143 ? 11.799  -18.980 -1.591  1.00 51.91 ? 224 LYS A CE  1 
ATOM   958  N NZ  . LYS A 1 143 ? 10.811  -19.024 -2.694  1.00 49.51 ? 224 LYS A NZ  1 
ATOM   959  N N   . PHE A 1 144 ? 12.315  -16.462 5.150   1.00 42.25 ? 225 PHE A N   1 
ATOM   960  C CA  . PHE A 1 144 ? 13.037  -15.562 6.055   1.00 38.44 ? 225 PHE A CA  1 
ATOM   961  C C   . PHE A 1 144 ? 14.532  -15.373 5.985   1.00 35.75 ? 225 PHE A C   1 
ATOM   962  O O   . PHE A 1 144 ? 15.013  -14.237 5.948   1.00 30.99 ? 225 PHE A O   1 
ATOM   963  C CB  . PHE A 1 144 ? 12.634  -15.817 7.497   1.00 42.86 ? 225 PHE A CB  1 
ATOM   964  C CG  . PHE A 1 144 ? 11.169  -15.699 7.724   1.00 43.88 ? 225 PHE A CG  1 
ATOM   965  C CD1 . PHE A 1 144 ? 10.561  -14.452 7.905   1.00 42.57 ? 225 PHE A CD1 1 
ATOM   966  C CD2 . PHE A 1 144 ? 10.385  -16.845 7.656   1.00 43.77 ? 225 PHE A CD2 1 
ATOM   967  C CE1 . PHE A 1 144 ? 9.167   -14.355 8.047   1.00 43.55 ? 225 PHE A CE1 1 
ATOM   968  C CE2 . PHE A 1 144 ? 8.999   -16.782 7.795   1.00 45.32 ? 225 PHE A CE2 1 
ATOM   969  C CZ  . PHE A 1 144 ? 8.378   -15.524 7.974   1.00 43.78 ? 225 PHE A CZ  1 
ATOM   970  N N   . HIS A 1 145 ? 15.295  -16.451 5.937   1.00 37.49 ? 226 HIS A N   1 
ATOM   971  C CA  . HIS A 1 145 ? 16.740  -16.256 5.873   1.00 35.60 ? 226 HIS A CA  1 
ATOM   972  C C   . HIS A 1 145 ? 17.233  -15.643 4.576   1.00 32.99 ? 226 HIS A C   1 
ATOM   973  O O   . HIS A 1 145 ? 18.364  -15.214 4.500   1.00 32.57 ? 226 HIS A O   1 
ATOM   974  C CB  . HIS A 1 145 ? 17.502  -17.550 6.112   1.00 38.56 ? 226 HIS A CB  1 
ATOM   975  C CG  . HIS A 1 145 ? 17.245  -18.587 5.081   1.00 39.73 ? 226 HIS A CG  1 
ATOM   976  N ND1 . HIS A 1 145 ? 16.087  -19.333 5.068   1.00 43.43 ? 226 HIS A ND1 1 
ATOM   977  C CD2 . HIS A 1 145 ? 17.960  -18.959 3.992   1.00 39.66 ? 226 HIS A CD2 1 
ATOM   978  C CE1 . HIS A 1 145 ? 16.096  -20.122 4.006   1.00 42.46 ? 226 HIS A CE1 1 
ATOM   979  N NE2 . HIS A 1 145 ? 17.218  -19.913 3.337   1.00 41.09 ? 226 HIS A NE2 1 
ATOM   980  N N   . LYS A 1 146 ? 16.435  -15.651 3.519   1.00 30.60 ? 227 LYS A N   1 
ATOM   981  C CA  . LYS A 1 146 ? 16.912  -14.980 2.309   1.00 28.98 ? 227 LYS A CA  1 
ATOM   982  C C   . LYS A 1 146 ? 15.961  -13.913 1.822   1.00 26.53 ? 227 LYS A C   1 
ATOM   983  O O   . LYS A 1 146 ? 16.026  -13.466 0.686   1.00 25.81 ? 227 LYS A O   1 
ATOM   984  C CB  . LYS A 1 146 ? 17.233  -15.975 1.182   1.00 27.12 ? 227 LYS A CB  1 
ATOM   985  C CG  . LYS A 1 146 ? 16.223  -17.044 0.896   1.00 29.19 ? 227 LYS A CG  1 
ATOM   986  C CD  . LYS A 1 146 ? 16.836  -18.037 -0.075  1.00 31.03 ? 227 LYS A CD  1 
ATOM   987  C CE  . LYS A 1 146 ? 15.786  -18.715 -0.927  1.00 30.79 ? 227 LYS A CE  1 
ATOM   988  N NZ  . LYS A 1 146 ? 16.316  -19.060 -2.288  1.00 32.01 ? 227 LYS A NZ  1 
ATOM   989  N N   . LEU A 1 147 ? 15.076  -13.490 2.711   1.00 23.34 ? 228 LEU A N   1 
ATOM   990  C CA  . LEU A 1 147 ? 14.096  -12.472 2.365   1.00 19.32 ? 228 LEU A CA  1 
ATOM   991  C C   . LEU A 1 147 ? 14.646  -11.049 2.342   1.00 19.18 ? 228 LEU A C   1 
ATOM   992  O O   . LEU A 1 147 ? 15.233  -10.598 3.321   1.00 15.59 ? 228 LEU A O   1 
ATOM   993  C CB  . LEU A 1 147 ? 12.908  -12.518 3.334   1.00 19.13 ? 228 LEU A CB  1 
ATOM   994  C CG  . LEU A 1 147 ? 11.773  -11.536 3.063   1.00 18.32 ? 228 LEU A CG  1 
ATOM   995  C CD1 . LEU A 1 147 ? 10.964  -12.001 1.849   1.00 18.21 ? 228 LEU A CD1 1 
ATOM   996  C CD2 . LEU A 1 147 ? 10.902  -11.495 4.302   1.00 20.31 ? 228 LEU A CD2 1 
ATOM   997  N N   . VAL A 1 148 ? 14.457  -10.346 1.225   1.00 16.42 ? 229 VAL A N   1 
ATOM   998  C CA  . VAL A 1 148 ? 14.909  -8.960  1.106   1.00 18.60 ? 229 VAL A CA  1 
ATOM   999  C C   . VAL A 1 148 ? 13.760  -8.103  1.625   1.00 19.47 ? 229 VAL A C   1 
ATOM   1000 O O   . VAL A 1 148 ? 13.942  -7.231  2.478   1.00 17.47 ? 229 VAL A O   1 
ATOM   1001 C CB  . VAL A 1 148 ? 15.206  -8.583  -0.358  1.00 22.01 ? 229 VAL A CB  1 
ATOM   1002 C CG1 . VAL A 1 148 ? 15.444  -7.086  -0.481  1.00 23.04 ? 229 VAL A CG1 1 
ATOM   1003 C CG2 . VAL A 1 148 ? 16.424  -9.339  -0.840  1.00 25.18 ? 229 VAL A CG2 1 
ATOM   1004 N N   . ASN A 1 149 ? 12.567  -8.370  1.109   1.00 16.82 ? 230 ASN A N   1 
ATOM   1005 C CA  . ASN A 1 149 ? 11.377  -7.664  1.540   1.00 20.71 ? 230 ASN A CA  1 
ATOM   1006 C C   . ASN A 1 149 ? 10.104  -8.248  0.948   1.00 22.33 ? 230 ASN A C   1 
ATOM   1007 O O   . ASN A 1 149 ? 10.128  -9.176  0.129   1.00 21.49 ? 230 ASN A O   1 
ATOM   1008 C CB  . ASN A 1 149 ? 11.447  -6.166  1.184   1.00 23.20 ? 230 ASN A CB  1 
ATOM   1009 C CG  . ASN A 1 149 ? 11.236  -5.887  -0.309  1.00 26.57 ? 230 ASN A CG  1 
ATOM   1010 O OD1 . ASN A 1 149 ? 10.485  -6.586  -0.992  1.00 25.31 ? 230 ASN A OD1 1 
ATOM   1011 N ND2 . ASN A 1 149 ? 11.883  -4.835  -0.808  1.00 19.56 ? 230 ASN A ND2 1 
ATOM   1012 N N   . VAL A 1 150 ? 8.991   -7.691  1.401   1.00 22.08 ? 231 VAL A N   1 
ATOM   1013 C CA  . VAL A 1 150 ? 7.670   -8.045  0.924   1.00 23.07 ? 231 VAL A CA  1 
ATOM   1014 C C   . VAL A 1 150 ? 6.959   -6.709  0.691   1.00 23.89 ? 231 VAL A C   1 
ATOM   1015 O O   . VAL A 1 150 ? 7.023   -5.833  1.529   1.00 24.47 ? 231 VAL A O   1 
ATOM   1016 C CB  . VAL A 1 150 ? 6.843   -8.828  1.982   1.00 23.32 ? 231 VAL A CB  1 
ATOM   1017 C CG1 . VAL A 1 150 ? 5.359   -8.852  1.568   1.00 19.17 ? 231 VAL A CG1 1 
ATOM   1018 C CG2 . VAL A 1 150 ? 7.355   -10.256 2.109   1.00 23.73 ? 231 VAL A CG2 1 
ATOM   1019 N N   . THR A 1 151 ? 6.297   -6.569  -0.456  1.00 24.81 ? 232 THR A N   1 
ATOM   1020 C CA  . THR A 1 151 ? 5.535   -5.371  -0.766  1.00 25.86 ? 232 THR A CA  1 
ATOM   1021 C C   . THR A 1 151 ? 4.123   -5.717  -1.160  1.00 27.62 ? 232 THR A C   1 
ATOM   1022 O O   . THR A 1 151 ? 3.837   -6.798  -1.641  1.00 29.49 ? 232 THR A O   1 
ATOM   1023 C CB  . THR A 1 151 ? 6.133   -4.558  -1.931  1.00 24.79 ? 232 THR A CB  1 
ATOM   1024 O OG1 . THR A 1 151 ? 6.206   -5.375  -3.106  1.00 28.56 ? 232 THR A OG1 1 
ATOM   1025 C CG2 . THR A 1 151 ? 7.481   -4.025  -1.568  1.00 23.97 ? 232 THR A CG2 1 
ATOM   1026 N N   . ILE A 1 152 ? 3.256   -4.744  -0.972  1.00 27.68 ? 233 ILE A N   1 
ATOM   1027 C CA  . ILE A 1 152 ? 1.876   -4.879  -1.336  1.00 25.01 ? 233 ILE A CA  1 
ATOM   1028 C C   . ILE A 1 152 ? 1.561   -3.626  -2.102  1.00 26.34 ? 233 ILE A C   1 
ATOM   1029 O O   . ILE A 1 152 ? 1.684   -2.527  -1.593  1.00 28.63 ? 233 ILE A O   1 
ATOM   1030 C CB  . ILE A 1 152 ? 1.004   -5.027  -0.109  1.00 23.36 ? 233 ILE A CB  1 
ATOM   1031 C CG1 . ILE A 1 152 ? 1.271   -6.396  0.487   1.00 18.06 ? 233 ILE A CG1 1 
ATOM   1032 C CG2 . ILE A 1 152 ? -0.478  -4.847  -0.477  1.00 22.37 ? 233 ILE A CG2 1 
ATOM   1033 C CD1 . ILE A 1 152 ? 0.370   -6.728  1.629   1.00 18.54 ? 233 ILE A CD1 1 
ATOM   1034 N N   . HIS A 1 153 ? 1.182   -3.821  -3.353  1.00 28.28 ? 234 HIS A N   1 
ATOM   1035 C CA  . HIS A 1 153 ? 0.895   -2.723  -4.252  1.00 30.76 ? 234 HIS A CA  1 
ATOM   1036 C C   . HIS A 1 153 ? -0.549  -2.729  -4.732  1.00 30.68 ? 234 HIS A C   1 
ATOM   1037 O O   . HIS A 1 153 ? -1.013  -3.749  -5.212  1.00 32.53 ? 234 HIS A O   1 
ATOM   1038 C CB  . HIS A 1 153 ? 1.717   -2.829  -5.545  1.00 36.23 ? 234 HIS A CB  1 
ATOM   1039 C CG  . HIS A 1 153 ? 3.191   -3.054  -5.378  1.00 44.41 ? 234 HIS A CG  1 
ATOM   1040 N ND1 . HIS A 1 153 ? 3.733   -4.271  -5.001  1.00 44.75 ? 234 HIS A ND1 1 
ATOM   1041 C CD2 . HIS A 1 153 ? 4.240   -2.280  -5.750  1.00 44.41 ? 234 HIS A CD2 1 
ATOM   1042 C CE1 . HIS A 1 153 ? 5.046   -4.235  -5.163  1.00 46.18 ? 234 HIS A CE1 1 
ATOM   1043 N NE2 . HIS A 1 153 ? 5.379   -3.039  -5.620  1.00 45.52 ? 234 HIS A NE2 1 
ATOM   1044 N N   . PHE A 1 154 ? -1.262  -1.613  -4.609  1.00 26.71 ? 235 PHE A N   1 
ATOM   1045 C CA  . PHE A 1 154 ? -2.618  -1.524  -5.150  1.00 25.04 ? 235 PHE A CA  1 
ATOM   1046 C C   . PHE A 1 154 ? -3.041  -0.070  -5.378  1.00 26.84 ? 235 PHE A C   1 
ATOM   1047 O O   . PHE A 1 154 ? -2.482  0.851   -4.780  1.00 27.71 ? 235 PHE A O   1 
ATOM   1048 C CB  . PHE A 1 154 ? -3.636  -2.276  -4.267  1.00 20.62 ? 235 PHE A CB  1 
ATOM   1049 C CG  . PHE A 1 154 ? -3.818  -1.715  -2.886  1.00 21.12 ? 235 PHE A CG  1 
ATOM   1050 C CD1 . PHE A 1 154 ? -3.107  -2.248  -1.805  1.00 19.44 ? 235 PHE A CD1 1 
ATOM   1051 C CD2 . PHE A 1 154 ? -4.737  -0.690  -2.655  1.00 18.37 ? 235 PHE A CD2 1 
ATOM   1052 C CE1 . PHE A 1 154 ? -3.326  -1.787  -0.497  1.00 20.94 ? 235 PHE A CE1 1 
ATOM   1053 C CE2 . PHE A 1 154 ? -4.969  -0.204  -1.358  1.00 20.05 ? 235 PHE A CE2 1 
ATOM   1054 C CZ  . PHE A 1 154 ? -4.259  -0.752  -0.269  1.00 16.37 ? 235 PHE A CZ  1 
ATOM   1055 N N   . ARG A 1 155 ? -4.001  0.146   -6.275  1.00 25.44 ? 236 ARG A N   1 
ATOM   1056 C CA  . ARG A 1 155 ? -4.464  1.500   -6.561  1.00 24.99 ? 236 ARG A CA  1 
ATOM   1057 C C   . ARG A 1 155 ? -5.935  1.679   -6.221  1.00 26.18 ? 236 ARG A C   1 
ATOM   1058 O O   . ARG A 1 155 ? -6.739  0.775   -6.414  1.00 26.59 ? 236 ARG A O   1 
ATOM   1059 C CB  . ARG A 1 155 ? -4.222  1.871   -8.035  1.00 24.85 ? 236 ARG A CB  1 
ATOM   1060 C CG  . ARG A 1 155 ? -2.754  2.060   -8.436  1.00 29.31 ? 236 ARG A CG  1 
ATOM   1061 C CD  . ARG A 1 155 ? -2.564  1.690   -9.901  1.00 32.88 ? 236 ARG A CD  1 
ATOM   1062 N NE  . ARG A 1 155 ? -3.026  0.319   -10.108 1.00 41.42 ? 236 ARG A NE  1 
ATOM   1063 C CZ  . ARG A 1 155 ? -3.087  -0.303  -11.279 1.00 42.60 ? 236 ARG A CZ  1 
ATOM   1064 N NH1 . ARG A 1 155 ? -2.710  0.307   -12.394 1.00 44.78 ? 236 ARG A NH1 1 
ATOM   1065 N NH2 . ARG A 1 155 ? -3.545  -1.546  -11.324 1.00 46.57 ? 236 ARG A NH2 1 
ATOM   1066 N N   . LEU A 1 156 ? -6.273  2.853   -5.700  1.00 24.92 ? 237 LEU A N   1 
ATOM   1067 C CA  . LEU A 1 156 ? -7.643  3.183   -5.329  1.00 25.29 ? 237 LEU A CA  1 
ATOM   1068 C C   . LEU A 1 156 ? -7.984  4.552   -5.903  1.00 24.59 ? 237 LEU A C   1 
ATOM   1069 O O   . LEU A 1 156 ? -7.162  5.469   -5.853  1.00 23.26 ? 237 LEU A O   1 
ATOM   1070 C CB  . LEU A 1 156 ? -7.799  3.216   -3.799  1.00 21.78 ? 237 LEU A CB  1 
ATOM   1071 C CG  . LEU A 1 156 ? -7.641  1.895   -3.045  1.00 23.69 ? 237 LEU A CG  1 
ATOM   1072 C CD1 . LEU A 1 156 ? -7.716  2.134   -1.544  1.00 21.51 ? 237 LEU A CD1 1 
ATOM   1073 C CD2 . LEU A 1 156 ? -8.727  0.926   -3.486  1.00 24.21 ? 237 LEU A CD2 1 
ATOM   1074 N N   . LYS A 1 157 ? -9.186  4.683   -6.458  1.00 25.77 ? 238 LYS A N   1 
ATOM   1075 C CA  . LYS A 1 157 ? -9.634  5.951   -7.023  1.00 24.90 ? 238 LYS A CA  1 
ATOM   1076 C C   . LYS A 1 157 ? -10.720 6.531   -6.135  1.00 23.89 ? 238 LYS A C   1 
ATOM   1077 O O   . LYS A 1 157 ? -11.508 5.797   -5.537  1.00 20.95 ? 238 LYS A O   1 
ATOM   1078 C CB  . LYS A 1 157 ? -10.195 5.764   -8.433  1.00 26.34 ? 238 LYS A CB  1 
ATOM   1079 C CG  . LYS A 1 157 ? -9.204  5.254   -9.448  1.00 31.66 ? 238 LYS A CG  1 
ATOM   1080 C CD  . LYS A 1 157 ? -9.735  5.437   -10.871 1.00 37.64 ? 238 LYS A CD  1 
ATOM   1081 C CE  . LYS A 1 157 ? -11.080 4.751   -11.061 1.00 39.79 ? 238 LYS A CE  1 
ATOM   1082 N NZ  . LYS A 1 157 ? -11.597 4.915   -12.447 1.00 43.34 ? 238 LYS A NZ  1 
ATOM   1083 N N   . THR A 1 158 ? -10.761 7.855   -6.057  1.00 25.65 ? 239 THR A N   1 
ATOM   1084 C CA  . THR A 1 158 ? -11.752 8.534   -5.241  1.00 26.09 ? 239 THR A CA  1 
ATOM   1085 C C   . THR A 1 158 ? -11.944 9.948   -5.768  1.00 27.48 ? 239 THR A C   1 
ATOM   1086 O O   . THR A 1 158 ? -11.053 10.489  -6.426  1.00 28.22 ? 239 THR A O   1 
ATOM   1087 C CB  . THR A 1 158 ? -11.306 8.604   -3.763  1.00 28.07 ? 239 THR A CB  1 
ATOM   1088 O OG1 . THR A 1 158 ? -12.337 9.218   -2.982  1.00 33.26 ? 239 THR A OG1 1 
ATOM   1089 C CG2 . THR A 1 158 ? -10.035 9.436   -3.623  1.00 28.06 ? 239 THR A CG2 1 
ATOM   1090 N N   . ILE A 1 159 ? -13.108 10.533  -5.482  1.00 26.92 ? 240 ILE A N   1 
ATOM   1091 C CA  . ILE A 1 159 ? -13.434 11.888  -5.922  1.00 26.95 ? 240 ILE A CA  1 
ATOM   1092 C C   . ILE A 1 159 ? -13.105 12.843  -4.783  1.00 25.29 ? 240 ILE A C   1 
ATOM   1093 O O   . ILE A 1 159 ? -13.409 12.560  -3.626  1.00 28.72 ? 240 ILE A O   1 
ATOM   1094 C CB  . ILE A 1 159 ? -14.952 12.049  -6.245  1.00 32.60 ? 240 ILE A CB  1 
ATOM   1095 C CG1 . ILE A 1 159 ? -15.448 10.905  -7.137  1.00 34.51 ? 240 ILE A CG1 1 
ATOM   1096 C CG2 . ILE A 1 159 ? -15.194 13.392  -6.929  1.00 29.97 ? 240 ILE A CG2 1 
ATOM   1097 C CD1 . ILE A 1 159 ? -15.021 11.001  -8.581  1.00 37.24 ? 240 ILE A CD1 1 
ATOM   1098 N N   . ASN A 1 160 ? -12.487 13.974  -5.103  1.00 22.97 ? 241 ASN A N   1 
ATOM   1099 C CA  . ASN A 1 160 ? -12.141 14.956  -4.083  1.00 23.32 ? 241 ASN A CA  1 
ATOM   1100 C C   . ASN A 1 160 ? -13.305 15.942  -3.937  1.00 23.85 ? 241 ASN A C   1 
ATOM   1101 O O   . ASN A 1 160 ? -13.303 17.023  -4.529  1.00 23.84 ? 241 ASN A O   1 
ATOM   1102 C CB  . ASN A 1 160 ? -10.846 15.676  -4.474  1.00 19.35 ? 241 ASN A CB  1 
ATOM   1103 C CG  . ASN A 1 160 ? -10.462 16.755  -3.493  1.00 22.51 ? 241 ASN A CG  1 
ATOM   1104 O OD1 . ASN A 1 160 ? -10.636 16.596  -2.293  1.00 25.84 ? 241 ASN A OD1 1 
ATOM   1105 N ND2 . ASN A 1 160 ? -9.919  17.858  -3.999  1.00 28.77 ? 241 ASN A ND2 1 
ATOM   1106 N N   . LEU A 1 161 ? -14.294 15.553  -3.134  1.00 24.02 ? 242 LEU A N   1 
ATOM   1107 C CA  . LEU A 1 161 ? -15.501 16.353  -2.909  1.00 25.04 ? 242 LEU A CA  1 
ATOM   1108 C C   . LEU A 1 161 ? -15.308 17.651  -2.143  1.00 24.46 ? 242 LEU A C   1 
ATOM   1109 O O   . LEU A 1 161 ? -16.027 18.620  -2.370  1.00 23.80 ? 242 LEU A O   1 
ATOM   1110 C CB  . LEU A 1 161 ? -16.567 15.504  -2.200  1.00 20.72 ? 242 LEU A CB  1 
ATOM   1111 C CG  . LEU A 1 161 ? -17.116 14.348  -3.045  1.00 24.96 ? 242 LEU A CG  1 
ATOM   1112 C CD1 . LEU A 1 161 ? -18.113 13.520  -2.242  1.00 19.55 ? 242 LEU A CD1 1 
ATOM   1113 C CD2 . LEU A 1 161 ? -17.776 14.915  -4.294  1.00 22.25 ? 242 LEU A CD2 1 
ATOM   1114 N N   . GLN A 1 162 ? -14.343 17.672  -1.234  1.00 27.25 ? 243 GLN A N   1 
ATOM   1115 C CA  . GLN A 1 162 ? -14.081 18.868  -0.448  1.00 30.94 ? 243 GLN A CA  1 
ATOM   1116 C C   . GLN A 1 162 ? -13.996 20.122  -1.322  1.00 33.10 ? 243 GLN A C   1 
ATOM   1117 O O   . GLN A 1 162 ? -14.343 21.216  -0.883  1.00 35.16 ? 243 GLN A O   1 
ATOM   1118 C CB  . GLN A 1 162 ? -12.790 18.683  0.343   1.00 34.08 ? 243 GLN A CB  1 
ATOM   1119 C CG  . GLN A 1 162 ? -12.509 19.772  1.355   1.00 38.84 ? 243 GLN A CG  1 
ATOM   1120 C CD  . GLN A 1 162 ? -11.364 19.401  2.273   1.00 38.85 ? 243 GLN A CD  1 
ATOM   1121 O OE1 . GLN A 1 162 ? -10.309 18.951  1.818   1.00 38.25 ? 243 GLN A OE1 1 
ATOM   1122 N NE2 . GLN A 1 162 ? -11.562 19.592  3.575   1.00 39.26 ? 243 GLN A NE2 1 
ATOM   1123 N N   . SER A 1 163 ? -13.553 19.962  -2.564  1.00 33.87 ? 244 SER A N   1 
ATOM   1124 C CA  . SER A 1 163 ? -13.437 21.094  -3.478  1.00 37.98 ? 244 SER A CA  1 
ATOM   1125 C C   . SER A 1 163 ? -14.674 22.000  -3.503  1.00 38.53 ? 244 SER A C   1 
ATOM   1126 O O   . SER A 1 163 ? -14.562 23.210  -3.704  1.00 38.13 ? 244 SER A O   1 
ATOM   1127 C CB  . SER A 1 163 ? -13.148 20.600  -4.903  1.00 36.61 ? 244 SER A CB  1 
ATOM   1128 O OG  . SER A 1 163 ? -11.846 20.049  -5.003  1.00 38.13 ? 244 SER A OG  1 
ATOM   1129 N N   . LEU A 1 164 ? -15.847 21.416  -3.300  1.00 39.52 ? 245 LEU A N   1 
ATOM   1130 C CA  . LEU A 1 164 ? -17.094 22.176  -3.322  1.00 43.04 ? 245 LEU A CA  1 
ATOM   1131 C C   . LEU A 1 164 ? -17.088 23.359  -2.353  1.00 45.77 ? 245 LEU A C   1 
ATOM   1132 O O   . LEU A 1 164 ? -17.688 24.398  -2.632  1.00 48.36 ? 245 LEU A O   1 
ATOM   1133 C CB  . LEU A 1 164 ? -18.273 21.251  -3.011  1.00 39.92 ? 245 LEU A CB  1 
ATOM   1134 C CG  . LEU A 1 164 ? -18.498 20.097  -3.996  1.00 40.15 ? 245 LEU A CG  1 
ATOM   1135 C CD1 . LEU A 1 164 ? -19.377 19.029  -3.352  1.00 39.36 ? 245 LEU A CD1 1 
ATOM   1136 C CD2 . LEU A 1 164 ? -19.125 20.621  -5.281  1.00 35.45 ? 245 LEU A CD2 1 
ATOM   1137 N N   . ILE A 1 165 ? -16.407 23.205  -1.224  1.00 46.47 ? 246 ILE A N   1 
ATOM   1138 C CA  . ILE A 1 165 ? -16.342 24.274  -0.233  1.00 50.62 ? 246 ILE A CA  1 
ATOM   1139 C C   . ILE A 1 165 ? -15.610 25.491  -0.767  1.00 51.30 ? 246 ILE A C   1 
ATOM   1140 O O   . ILE A 1 165 ? -15.937 26.624  -0.425  1.00 53.32 ? 246 ILE A O   1 
ATOM   1141 C CB  . ILE A 1 165 ? -15.627 23.810  1.041   1.00 52.52 ? 246 ILE A CB  1 
ATOM   1142 C CG1 . ILE A 1 165 ? -16.436 22.698  1.708   1.00 54.60 ? 246 ILE A CG1 1 
ATOM   1143 C CG2 . ILE A 1 165 ? -15.451 24.983  1.992   1.00 53.16 ? 246 ILE A CG2 1 
ATOM   1144 C CD1 . ILE A 1 165 ? -15.734 22.057  2.885   1.00 56.46 ? 246 ILE A CD1 1 
ATOM   1145 N N   . ASN A 1 166 ? -14.611 25.251  -1.603  1.00 52.32 ? 247 ASN A N   1 
ATOM   1146 C CA  . ASN A 1 166 ? -13.833 26.332  -2.180  1.00 51.79 ? 247 ASN A CA  1 
ATOM   1147 C C   . ASN A 1 166 ? -14.414 26.648  -3.552  1.00 51.38 ? 247 ASN A C   1 
ATOM   1148 O O   . ASN A 1 166 ? -13.727 27.169  -4.430  1.00 53.02 ? 247 ASN A O   1 
ATOM   1149 C CB  . ASN A 1 166 ? -12.370 25.900  -2.286  1.00 53.89 ? 247 ASN A CB  1 
ATOM   1150 C CG  . ASN A 1 166 ? -11.425 27.071  -2.439  1.00 55.98 ? 247 ASN A CG  1 
ATOM   1151 O OD1 . ASN A 1 166 ? -11.674 28.162  -1.922  1.00 56.01 ? 247 ASN A OD1 1 
ATOM   1152 N ND2 . ASN A 1 166 ? -10.317 26.843  -3.133  1.00 56.31 ? 247 ASN A ND2 1 
ATOM   1153 N N   . ASN A 1 167 ? -15.694 26.325  -3.715  1.00 50.91 ? 248 ASN A N   1 
ATOM   1154 C CA  . ASN A 1 167 ? -16.414 26.545  -4.964  1.00 50.35 ? 248 ASN A CA  1 
ATOM   1155 C C   . ASN A 1 167 ? -15.698 26.031  -6.204  1.00 48.94 ? 248 ASN A C   1 
ATOM   1156 O O   . ASN A 1 167 ? -15.627 26.718  -7.221  1.00 49.22 ? 248 ASN A O   1 
ATOM   1157 C CB  . ASN A 1 167 ? -16.736 28.029  -5.144  1.00 53.17 ? 248 ASN A CB  1 
ATOM   1158 C CG  . ASN A 1 167 ? -18.003 28.436  -4.423  1.00 57.38 ? 248 ASN A CG  1 
ATOM   1159 O OD1 . ASN A 1 167 ? -18.053 28.464  -3.190  1.00 58.68 ? 248 ASN A OD1 1 
ATOM   1160 N ND2 . ASN A 1 167 ? -19.045 28.744  -5.190  1.00 60.48 ? 248 ASN A ND2 1 
ATOM   1161 N N   . GLU A 1 168 ? -15.173 24.816  -6.123  1.00 47.75 ? 249 GLU A N   1 
ATOM   1162 C CA  . GLU A 1 168 ? -14.478 24.225  -7.256  1.00 44.47 ? 249 GLU A CA  1 
ATOM   1163 C C   . GLU A 1 168 ? -15.065 22.872  -7.589  1.00 41.37 ? 249 GLU A C   1 
ATOM   1164 O O   . GLU A 1 168 ? -15.663 22.215  -6.740  1.00 41.06 ? 249 GLU A O   1 
ATOM   1165 C CB  . GLU A 1 168 ? -12.994 24.059  -6.949  1.00 48.07 ? 249 GLU A CB  1 
ATOM   1166 C CG  . GLU A 1 168 ? -12.229 25.351  -6.845  1.00 52.62 ? 249 GLU A CG  1 
ATOM   1167 C CD  . GLU A 1 168 ? -10.797 25.117  -6.429  1.00 57.33 ? 249 GLU A CD  1 
ATOM   1168 O OE1 . GLU A 1 168 ? -10.109 24.317  -7.098  1.00 59.14 ? 249 GLU A OE1 1 
ATOM   1169 O OE2 . GLU A 1 168 ? -10.360 25.726  -5.431  1.00 59.51 ? 249 GLU A OE2 1 
ATOM   1170 N N   . ILE A 1 169 ? -14.881 22.455  -8.832  1.00 38.28 ? 250 ILE A N   1 
ATOM   1171 C CA  . ILE A 1 169 ? -15.396 21.173  -9.277  1.00 35.59 ? 250 ILE A CA  1 
ATOM   1172 C C   . ILE A 1 169 ? -14.547 20.055  -8.694  1.00 34.74 ? 250 ILE A C   1 
ATOM   1173 O O   . ILE A 1 169 ? -13.321 20.083  -8.786  1.00 33.84 ? 250 ILE A O   1 
ATOM   1174 C CB  . ILE A 1 169 ? -15.354 21.055  -10.811 1.00 34.82 ? 250 ILE A CB  1 
ATOM   1175 C CG1 . ILE A 1 169 ? -15.916 22.331  -11.450 1.00 36.92 ? 250 ILE A CG1 1 
ATOM   1176 C CG2 . ILE A 1 169 ? -16.120 19.820  -11.255 1.00 32.13 ? 250 ILE A CG2 1 
ATOM   1177 C CD1 . ILE A 1 169 ? -17.305 22.716  -10.973 1.00 40.59 ? 250 ILE A CD1 1 
ATOM   1178 N N   . PRO A 1 170 ? -15.191 19.061  -8.067  1.00 32.55 ? 251 PRO A N   1 
ATOM   1179 C CA  . PRO A 1 170 ? -14.444 17.947  -7.490  1.00 32.03 ? 251 PRO A CA  1 
ATOM   1180 C C   . PRO A 1 170 ? -13.474 17.323  -8.491  1.00 32.64 ? 251 PRO A C   1 
ATOM   1181 O O   . PRO A 1 170 ? -13.771 17.192  -9.677  1.00 32.64 ? 251 PRO A O   1 
ATOM   1182 C CB  . PRO A 1 170 ? -15.547 17.001  -7.049  1.00 28.62 ? 251 PRO A CB  1 
ATOM   1183 C CG  . PRO A 1 170 ? -16.568 17.966  -6.531  1.00 31.05 ? 251 PRO A CG  1 
ATOM   1184 C CD  . PRO A 1 170 ? -16.600 19.019  -7.634  1.00 34.70 ? 251 PRO A CD  1 
ATOM   1185 N N   . ASP A 1 171 ? -12.306 16.959  -7.972  1.00 35.77 ? 252 ASP A N   1 
ATOM   1186 C CA  . ASP A 1 171 ? -11.196 16.360  -8.707  1.00 33.15 ? 252 ASP A CA  1 
ATOM   1187 C C   . ASP A 1 171 ? -11.288 14.849  -8.695  1.00 30.72 ? 252 ASP A C   1 
ATOM   1188 O O   . ASP A 1 171 ? -11.996 14.281  -7.875  1.00 29.07 ? 252 ASP A O   1 
ATOM   1189 C CB  . ASP A 1 171 ? -9.878  16.728  -8.023  1.00 36.38 ? 252 ASP A CB  1 
ATOM   1190 C CG  . ASP A 1 171 ? -9.075  17.704  -8.805  1.00 39.40 ? 252 ASP A CG  1 
ATOM   1191 O OD1 . ASP A 1 171 ? -9.196  17.698  -10.045 1.00 44.19 ? 252 ASP A OD1 1 
ATOM   1192 O OD2 . ASP A 1 171 ? -8.310  18.467  -8.184  1.00 42.49 ? 252 ASP A OD2 1 
ATOM   1193 N N   . CYS A 1 172 ? -10.532 14.205  -9.583  1.00 31.09 ? 253 CYS A N   1 
ATOM   1194 C CA  . CYS A 1 172 ? -10.486 12.749  -9.656  1.00 29.49 ? 253 CYS A CA  1 
ATOM   1195 C C   . CYS A 1 172 ? -9.082  12.269  -9.299  1.00 27.94 ? 253 CYS A C   1 
ATOM   1196 O O   . CYS A 1 172 ? -8.125  12.500  -10.039 1.00 27.66 ? 253 CYS A O   1 
ATOM   1197 C CB  . CYS A 1 172 ? -10.903 12.261  -11.053 1.00 34.22 ? 253 CYS A CB  1 
ATOM   1198 S SG  . CYS A 1 172 ? -12.679 11.799  -11.024 1.00 42.82 ? 253 CYS A SG  1 
ATOM   1199 N N   . TYR A 1 173 ? -8.972  11.617  -8.141  1.00 25.45 ? 254 TYR A N   1 
ATOM   1200 C CA  . TYR A 1 173 ? -7.705  11.112  -7.631  1.00 21.93 ? 254 TYR A CA  1 
ATOM   1201 C C   . TYR A 1 173 ? -7.534  9.608   -7.754  1.00 21.86 ? 254 TYR A C   1 
ATOM   1202 O O   . TYR A 1 173 ? -8.477  8.838   -7.568  1.00 21.26 ? 254 TYR A O   1 
ATOM   1203 C CB  . TYR A 1 173 ? -7.541  11.437  -6.133  1.00 21.56 ? 254 TYR A CB  1 
ATOM   1204 C CG  . TYR A 1 173 ? -7.099  12.839  -5.782  1.00 22.20 ? 254 TYR A CG  1 
ATOM   1205 C CD1 . TYR A 1 173 ? -5.939  13.053  -5.041  1.00 22.06 ? 254 TYR A CD1 1 
ATOM   1206 C CD2 . TYR A 1 173 ? -7.847  13.949  -6.167  1.00 21.58 ? 254 TYR A CD2 1 
ATOM   1207 C CE1 . TYR A 1 173 ? -5.531  14.341  -4.692  1.00 24.63 ? 254 TYR A CE1 1 
ATOM   1208 C CE2 . TYR A 1 173 ? -7.448  15.238  -5.825  1.00 20.56 ? 254 TYR A CE2 1 
ATOM   1209 C CZ  . TYR A 1 173 ? -6.293  15.428  -5.090  1.00 23.05 ? 254 TYR A CZ  1 
ATOM   1210 O OH  . TYR A 1 173 ? -5.887  16.702  -4.770  1.00 18.06 ? 254 TYR A OH  1 
ATOM   1211 N N   . THR A 1 174 ? -6.307  9.202   -8.056  1.00 22.45 ? 255 THR A N   1 
ATOM   1212 C CA  . THR A 1 174 ? -5.953  7.795   -8.108  1.00 22.18 ? 255 THR A CA  1 
ATOM   1213 C C   . THR A 1 174 ? -4.763  7.692   -7.161  1.00 21.04 ? 255 THR A C   1 
ATOM   1214 O O   . THR A 1 174 ? -3.712  8.300   -7.387  1.00 21.86 ? 255 THR A O   1 
ATOM   1215 C CB  . THR A 1 174 ? -5.537  7.325   -9.518  1.00 21.65 ? 255 THR A CB  1 
ATOM   1216 O OG1 . THR A 1 174 ? -6.679  7.334   -10.379 1.00 24.51 ? 255 THR A OG1 1 
ATOM   1217 C CG2 . THR A 1 174 ? -4.991  5.908   -9.461  1.00 17.80 ? 255 THR A CG2 1 
ATOM   1218 N N   . PHE A 1 175 ? -4.960  6.957   -6.074  1.00 20.77 ? 256 PHE A N   1 
ATOM   1219 C CA  . PHE A 1 175 ? -3.924  6.760   -5.076  1.00 21.46 ? 256 PHE A CA  1 
ATOM   1220 C C   . PHE A 1 175 ? -3.207  5.447   -5.324  1.00 23.26 ? 256 PHE A C   1 
ATOM   1221 O O   . PHE A 1 175 ? -3.839  4.399   -5.426  1.00 24.24 ? 256 PHE A O   1 
ATOM   1222 C CB  . PHE A 1 175 ? -4.521  6.739   -3.661  1.00 18.45 ? 256 PHE A CB  1 
ATOM   1223 C CG  . PHE A 1 175 ? -4.862  8.101   -3.121  1.00 21.86 ? 256 PHE A CG  1 
ATOM   1224 C CD1 . PHE A 1 175 ? -3.862  9.024   -2.836  1.00 20.55 ? 256 PHE A CD1 1 
ATOM   1225 C CD2 . PHE A 1 175 ? -6.190  8.468   -2.907  1.00 17.43 ? 256 PHE A CD2 1 
ATOM   1226 C CE1 . PHE A 1 175 ? -4.180  10.293  -2.344  1.00 23.30 ? 256 PHE A CE1 1 
ATOM   1227 C CE2 . PHE A 1 175 ? -6.517  9.732   -2.417  1.00 16.89 ? 256 PHE A CE2 1 
ATOM   1228 C CZ  . PHE A 1 175 ? -5.515  10.646  -2.135  1.00 17.77 ? 256 PHE A CZ  1 
ATOM   1229 N N   . SER A 1 176 ? -1.888  5.513   -5.445  1.00 22.79 ? 257 SER A N   1 
ATOM   1230 C CA  . SER A 1 176 ? -1.100  4.309   -5.636  1.00 24.93 ? 257 SER A CA  1 
ATOM   1231 C C   . SER A 1 176 ? -0.563  4.029   -4.237  1.00 25.70 ? 257 SER A C   1 
ATOM   1232 O O   . SER A 1 176 ? 0.167   4.840   -3.661  1.00 27.43 ? 257 SER A O   1 
ATOM   1233 C CB  . SER A 1 176 ? 0.040   4.563   -6.623  1.00 27.46 ? 257 SER A CB  1 
ATOM   1234 O OG  . SER A 1 176 ? 0.673   3.350   -6.978  1.00 32.72 ? 257 SER A OG  1 
ATOM   1235 N N   . VAL A 1 177 ? -0.959  2.889   -3.687  1.00 22.12 ? 258 VAL A N   1 
ATOM   1236 C CA  . VAL A 1 177 ? -0.570  2.501   -2.346  1.00 20.62 ? 258 VAL A CA  1 
ATOM   1237 C C   . VAL A 1 177 ? 0.514   1.420   -2.331  1.00 23.43 ? 258 VAL A C   1 
ATOM   1238 O O   . VAL A 1 177 ? 0.371   0.378   -2.971  1.00 22.33 ? 258 VAL A O   1 
ATOM   1239 C CB  . VAL A 1 177 ? -1.802  1.979   -1.576  1.00 21.44 ? 258 VAL A CB  1 
ATOM   1240 C CG1 . VAL A 1 177 ? -1.446  1.698   -0.135  1.00 21.91 ? 258 VAL A CG1 1 
ATOM   1241 C CG2 . VAL A 1 177 ? -2.926  2.992   -1.664  1.00 23.85 ? 258 VAL A CG2 1 
ATOM   1242 N N   . LEU A 1 178 ? 1.596   1.681   -1.600  1.00 22.94 ? 259 LEU A N   1 
ATOM   1243 C CA  . LEU A 1 178 ? 2.691   0.723   -1.465  1.00 22.48 ? 259 LEU A CA  1 
ATOM   1244 C C   . LEU A 1 178 ? 2.991   0.469   0.004   1.00 21.64 ? 259 LEU A C   1 
ATOM   1245 O O   . LEU A 1 178 ? 3.360   1.384   0.747   1.00 21.88 ? 259 LEU A O   1 
ATOM   1246 C CB  . LEU A 1 178 ? 3.970   1.233   -2.145  1.00 23.77 ? 259 LEU A CB  1 
ATOM   1247 C CG  . LEU A 1 178 ? 5.189   0.304   -2.003  1.00 24.09 ? 259 LEU A CG  1 
ATOM   1248 C CD1 . LEU A 1 178 ? 4.931   -0.996  -2.736  1.00 28.33 ? 259 LEU A CD1 1 
ATOM   1249 C CD2 . LEU A 1 178 ? 6.431   0.971   -2.571  1.00 26.35 ? 259 LEU A CD2 1 
ATOM   1250 N N   . ILE A 1 179 ? 2.815   -0.776  0.426   1.00 22.89 ? 260 ILE A N   1 
ATOM   1251 C CA  . ILE A 1 179 ? 3.097   -1.164  1.799   1.00 20.26 ? 260 ILE A CA  1 
ATOM   1252 C C   . ILE A 1 179 ? 4.374   -1.988  1.703   1.00 22.45 ? 260 ILE A C   1 
ATOM   1253 O O   . ILE A 1 179 ? 4.458   -2.912  0.890   1.00 24.43 ? 260 ILE A O   1 
ATOM   1254 C CB  . ILE A 1 179 ? 1.965   -2.038  2.395   1.00 21.22 ? 260 ILE A CB  1 
ATOM   1255 C CG1 . ILE A 1 179 ? 0.646   -1.255  2.395   1.00 21.51 ? 260 ILE A CG1 1 
ATOM   1256 C CG2 . ILE A 1 179 ? 2.320   -2.465  3.816   1.00 16.94 ? 260 ILE A CG2 1 
ATOM   1257 C CD1 . ILE A 1 179 ? -0.552  -2.042  2.950   1.00 14.99 ? 260 ILE A CD1 1 
ATOM   1258 N N   . THR A 1 180 ? 5.368   -1.646  2.516   1.00 19.65 ? 261 THR A N   1 
ATOM   1259 C CA  . THR A 1 180 ? 6.635   -2.358  2.499   1.00 17.55 ? 261 THR A CA  1 
ATOM   1260 C C   . THR A 1 180 ? 6.984   -2.953  3.851   1.00 19.64 ? 261 THR A C   1 
ATOM   1261 O O   . THR A 1 180 ? 6.934   -2.269  4.872   1.00 20.78 ? 261 THR A O   1 
ATOM   1262 C CB  . THR A 1 180 ? 7.805   -1.427  2.115   1.00 20.54 ? 261 THR A CB  1 
ATOM   1263 O OG1 . THR A 1 180 ? 7.537   -0.801  0.853   1.00 17.94 ? 261 THR A OG1 1 
ATOM   1264 C CG2 . THR A 1 180 ? 9.111   -2.214  2.040   1.00 18.01 ? 261 THR A CG2 1 
ATOM   1265 N N   . PHE A 1 181 ? 7.329   -4.234  3.847   1.00 20.81 ? 262 PHE A N   1 
ATOM   1266 C CA  . PHE A 1 181 ? 7.757   -4.934  5.049   1.00 18.57 ? 262 PHE A CA  1 
ATOM   1267 C C   . PHE A 1 181 ? 9.237   -5.140  4.688   1.00 22.32 ? 262 PHE A C   1 
ATOM   1268 O O   . PHE A 1 181 ? 9.590   -6.087  3.994   1.00 21.06 ? 262 PHE A O   1 
ATOM   1269 C CB  . PHE A 1 181 ? 7.019   -6.269  5.175   1.00 18.37 ? 262 PHE A CB  1 
ATOM   1270 C CG  . PHE A 1 181 ? 5.507   -6.141  5.179   1.00 16.10 ? 262 PHE A CG  1 
ATOM   1271 C CD1 . PHE A 1 181 ? 4.798   -6.077  6.375   1.00 15.04 ? 262 PHE A CD1 1 
ATOM   1272 C CD2 . PHE A 1 181 ? 4.793   -6.096  3.978   1.00 15.83 ? 262 PHE A CD2 1 
ATOM   1273 C CE1 . PHE A 1 181 ? 3.390   -5.974  6.375   1.00 16.76 ? 262 PHE A CE1 1 
ATOM   1274 C CE2 . PHE A 1 181 ? 3.391   -5.992  3.966   1.00 13.70 ? 262 PHE A CE2 1 
ATOM   1275 C CZ  . PHE A 1 181 ? 2.691   -5.932  5.165   1.00 13.58 ? 262 PHE A CZ  1 
ATOM   1276 N N   . ASP A 1 182 ? 10.088  -4.229  5.158   1.00 21.09 ? 263 ASP A N   1 
ATOM   1277 C CA  . ASP A 1 182 ? 11.516  -4.222  4.834   1.00 23.14 ? 263 ASP A CA  1 
ATOM   1278 C C   . ASP A 1 182 ? 12.478  -5.054  5.694   1.00 23.09 ? 263 ASP A C   1 
ATOM   1279 O O   . ASP A 1 182 ? 12.738  -4.735  6.856   1.00 25.28 ? 263 ASP A O   1 
ATOM   1280 C CB  . ASP A 1 182 ? 11.979  -2.760  4.783   1.00 22.93 ? 263 ASP A CB  1 
ATOM   1281 C CG  . ASP A 1 182 ? 13.416  -2.609  4.326   1.00 25.44 ? 263 ASP A CG  1 
ATOM   1282 O OD1 . ASP A 1 182 ? 13.982  -3.586  3.803   1.00 25.05 ? 263 ASP A OD1 1 
ATOM   1283 O OD2 . ASP A 1 182 ? 13.974  -1.500  4.478   1.00 29.73 ? 263 ASP A OD2 1 
ATOM   1284 N N   . ASN A 1 183 ? 13.039  -6.099  5.089   1.00 22.52 ? 264 ASN A N   1 
ATOM   1285 C CA  . ASN A 1 183 ? 13.969  -6.986  5.780   1.00 21.85 ? 264 ASN A CA  1 
ATOM   1286 C C   . ASN A 1 183 ? 15.388  -6.864  5.253   1.00 20.56 ? 264 ASN A C   1 
ATOM   1287 O O   . ASN A 1 183 ? 16.211  -7.744  5.479   1.00 21.23 ? 264 ASN A O   1 
ATOM   1288 C CB  . ASN A 1 183 ? 13.518  -8.443  5.642   1.00 18.00 ? 264 ASN A CB  1 
ATOM   1289 C CG  . ASN A 1 183 ? 14.280  -9.376  6.572   1.00 22.76 ? 264 ASN A CG  1 
ATOM   1290 O OD1 . ASN A 1 183 ? 14.443  -9.085  7.759   1.00 20.70 ? 264 ASN A OD1 1 
ATOM   1291 N ND2 . ASN A 1 183 ? 14.735  -10.507 6.043   1.00 18.07 ? 264 ASN A ND2 1 
ATOM   1292 N N   . LYS A 1 184 ? 15.685  -5.768  4.567   1.00 21.77 ? 265 LYS A N   1 
ATOM   1293 C CA  . LYS A 1 184 ? 17.013  -5.583  4.009   1.00 24.10 ? 265 LYS A CA  1 
ATOM   1294 C C   . LYS A 1 184 ? 18.150  -5.585  5.034   1.00 24.61 ? 265 LYS A C   1 
ATOM   1295 O O   . LYS A 1 184 ? 19.300  -5.853  4.674   1.00 26.99 ? 265 LYS A O   1 
ATOM   1296 C CB  . LYS A 1 184 ? 17.064  -4.302  3.187   1.00 23.48 ? 265 LYS A CB  1 
ATOM   1297 C CG  . LYS A 1 184 ? 16.985  -3.050  4.012   1.00 30.68 ? 265 LYS A CG  1 
ATOM   1298 C CD  . LYS A 1 184 ? 16.972  -1.830  3.119   1.00 38.75 ? 265 LYS A CD  1 
ATOM   1299 C CE  . LYS A 1 184 ? 16.982  -0.556  3.930   1.00 41.22 ? 265 LYS A CE  1 
ATOM   1300 N NZ  . LYS A 1 184 ? 16.752  0.608   3.043   1.00 47.77 ? 265 LYS A NZ  1 
ATOM   1301 N N   . ALA A 1 185 ? 17.850  -5.286  6.295   1.00 22.10 ? 266 ALA A N   1 
ATOM   1302 C CA  . ALA A 1 185 ? 18.892  -5.285  7.324   1.00 21.71 ? 266 ALA A CA  1 
ATOM   1303 C C   . ALA A 1 185 ? 19.082  -6.677  7.925   1.00 20.11 ? 266 ALA A C   1 
ATOM   1304 O O   . ALA A 1 185 ? 20.072  -6.934  8.607   1.00 20.09 ? 266 ALA A O   1 
ATOM   1305 C CB  . ALA A 1 185 ? 18.559  -4.281  8.433   1.00 20.07 ? 266 ALA A CB  1 
ATOM   1306 N N   . HIS A 1 186 ? 18.129  -7.574  7.685   1.00 18.64 ? 267 HIS A N   1 
ATOM   1307 C CA  . HIS A 1 186 ? 18.243  -8.933  8.211   1.00 19.06 ? 267 HIS A CA  1 
ATOM   1308 C C   . HIS A 1 186 ? 18.653  -8.847  9.681   1.00 18.38 ? 267 HIS A C   1 
ATOM   1309 O O   . HIS A 1 186 ? 19.545  -9.557  10.138  1.00 16.10 ? 267 HIS A O   1 
ATOM   1310 C CB  . HIS A 1 186 ? 19.297  -9.694  7.406   1.00 17.97 ? 267 HIS A CB  1 
ATOM   1311 C CG  . HIS A 1 186 ? 19.006  -9.741  5.939   1.00 19.87 ? 267 HIS A CG  1 
ATOM   1312 N ND1 . HIS A 1 186 ? 18.129  -10.650 5.382   1.00 21.89 ? 267 HIS A ND1 1 
ATOM   1313 C CD2 . HIS A 1 186 ? 19.437  -8.962  4.919   1.00 19.21 ? 267 HIS A CD2 1 
ATOM   1314 C CE1 . HIS A 1 186 ? 18.035  -10.428 4.085   1.00 20.58 ? 267 HIS A CE1 1 
ATOM   1315 N NE2 . HIS A 1 186 ? 18.817  -9.407  3.778   1.00 23.68 ? 267 HIS A NE2 1 
ATOM   1316 N N   . SER A 1 187 ? 17.961  -7.976  10.411  1.00 19.51 ? 268 SER A N   1 
ATOM   1317 C CA  . SER A 1 187 ? 18.236  -7.712  11.815  1.00 19.79 ? 268 SER A CA  1 
ATOM   1318 C C   . SER A 1 187 ? 17.283  -8.339  12.823  1.00 19.21 ? 268 SER A C   1 
ATOM   1319 O O   . SER A 1 187 ? 17.493  -8.210  14.028  1.00 16.86 ? 268 SER A O   1 
ATOM   1320 C CB  . SER A 1 187 ? 18.244  -6.202  12.032  1.00 18.30 ? 268 SER A CB  1 
ATOM   1321 O OG  . SER A 1 187 ? 17.015  -5.651  11.598  1.00 18.00 ? 268 SER A OG  1 
ATOM   1322 N N   . GLY A 1 188 ? 16.238  -9.006  12.341  1.00 20.82 ? 269 GLY A N   1 
ATOM   1323 C CA  . GLY A 1 188 ? 15.275  -9.611  13.248  1.00 15.66 ? 269 GLY A CA  1 
ATOM   1324 C C   . GLY A 1 188 ? 14.128  -8.639  13.472  1.00 18.72 ? 269 GLY A C   1 
ATOM   1325 O O   . GLY A 1 188 ? 13.112  -8.954  14.102  1.00 16.90 ? 269 GLY A O   1 
ATOM   1326 N N   . ARG A 1 189 ? 14.306  -7.434  12.950  1.00 16.89 ? 270 ARG A N   1 
ATOM   1327 C CA  . ARG A 1 189 ? 13.307  -6.382  13.056  1.00 17.02 ? 270 ARG A CA  1 
ATOM   1328 C C   . ARG A 1 189 ? 12.874  -5.999  11.642  1.00 17.64 ? 270 ARG A C   1 
ATOM   1329 O O   . ARG A 1 189 ? 13.713  -5.682  10.788  1.00 14.25 ? 270 ARG A O   1 
ATOM   1330 C CB  . ARG A 1 189 ? 13.911  -5.167  13.779  1.00 18.73 ? 270 ARG A CB  1 
ATOM   1331 C CG  . ARG A 1 189 ? 13.063  -3.894  13.716  1.00 21.91 ? 270 ARG A CG  1 
ATOM   1332 C CD  . ARG A 1 189 ? 13.650  -2.770  14.581  1.00 21.59 ? 270 ARG A CD  1 
ATOM   1333 N NE  . ARG A 1 189 ? 12.745  -1.625  14.637  1.00 22.54 ? 270 ARG A NE  1 
ATOM   1334 C CZ  . ARG A 1 189 ? 12.662  -0.683  13.701  1.00 25.49 ? 270 ARG A CZ  1 
ATOM   1335 N NH1 . ARG A 1 189 ? 13.444  -0.731  12.631  1.00 22.23 ? 270 ARG A NH1 1 
ATOM   1336 N NH2 . ARG A 1 189 ? 11.771  0.292   13.819  1.00 25.57 ? 270 ARG A NH2 1 
ATOM   1337 N N   . ILE A 1 190 ? 11.574  -6.043  11.380  1.00 17.70 ? 271 ILE A N   1 
ATOM   1338 C CA  . ILE A 1 190 ? 11.093  -5.673  10.057  1.00 17.71 ? 271 ILE A CA  1 
ATOM   1339 C C   . ILE A 1 190 ? 10.160  -4.464  10.117  1.00 20.70 ? 271 ILE A C   1 
ATOM   1340 O O   . ILE A 1 190 ? 8.983   -4.587  10.476  1.00 19.51 ? 271 ILE A O   1 
ATOM   1341 C CB  . ILE A 1 190 ? 10.375  -6.861  9.357   1.00 16.74 ? 271 ILE A CB  1 
ATOM   1342 C CG1 . ILE A 1 190 ? 11.361  -8.019  9.177   1.00 21.23 ? 271 ILE A CG1 1 
ATOM   1343 C CG2 . ILE A 1 190 ? 9.832   -6.416  7.992   1.00 15.11 ? 271 ILE A CG2 1 
ATOM   1344 C CD1 . ILE A 1 190 ? 10.858  -9.182  8.311   1.00 21.10 ? 271 ILE A CD1 1 
ATOM   1345 N N   . PRO A 1 191 ? 10.685  -3.269  9.788   1.00 18.90 ? 272 PRO A N   1 
ATOM   1346 C CA  . PRO A 1 191 ? 9.855   -2.061  9.810   1.00 19.75 ? 272 PRO A CA  1 
ATOM   1347 C C   . PRO A 1 191 ? 8.824   -2.163  8.689   1.00 20.20 ? 272 PRO A C   1 
ATOM   1348 O O   . PRO A 1 191 ? 9.115   -2.674  7.601   1.00 17.88 ? 272 PRO A O   1 
ATOM   1349 C CB  . PRO A 1 191 ? 10.866  -0.929  9.602   1.00 18.81 ? 272 PRO A CB  1 
ATOM   1350 C CG  . PRO A 1 191 ? 11.962  -1.573  8.834   1.00 21.92 ? 272 PRO A CG  1 
ATOM   1351 C CD  . PRO A 1 191 ? 12.084  -2.949  9.452   1.00 21.62 ? 272 PRO A CD  1 
ATOM   1352 N N   . ILE A 1 192 ? 7.618   -1.688  8.973   1.00 18.23 ? 273 ILE A N   1 
ATOM   1353 C CA  . ILE A 1 192 ? 6.507   -1.740  8.032   1.00 17.82 ? 273 ILE A CA  1 
ATOM   1354 C C   . ILE A 1 192 ? 6.053   -0.308  7.762   1.00 20.02 ? 273 ILE A C   1 
ATOM   1355 O O   . ILE A 1 192 ? 5.835   0.464   8.691   1.00 24.21 ? 273 ILE A O   1 
ATOM   1356 C CB  . ILE A 1 192 ? 5.330   -2.543  8.649   1.00 19.04 ? 273 ILE A CB  1 
ATOM   1357 C CG1 . ILE A 1 192 ? 5.777   -3.966  8.963   1.00 15.74 ? 273 ILE A CG1 1 
ATOM   1358 C CG2 . ILE A 1 192 ? 4.125   -2.529  7.724   1.00 10.88 ? 273 ILE A CG2 1 
ATOM   1359 C CD1 . ILE A 1 192 ? 4.792   -4.724  9.845   1.00 17.89 ? 273 ILE A CD1 1 
ATOM   1360 N N   . SER A 1 193 ? 5.908   0.046   6.493   1.00 18.93 ? 274 SER A N   1 
ATOM   1361 C CA  . SER A 1 193 ? 5.488   1.394   6.141   1.00 20.86 ? 274 SER A CA  1 
ATOM   1362 C C   . SER A 1 193 ? 4.498   1.382   4.992   1.00 21.56 ? 274 SER A C   1 
ATOM   1363 O O   . SER A 1 193 ? 4.406   0.410   4.240   1.00 21.01 ? 274 SER A O   1 
ATOM   1364 C CB  . SER A 1 193 ? 6.704   2.243   5.765   1.00 20.75 ? 274 SER A CB  1 
ATOM   1365 O OG  . SER A 1 193 ? 7.454   1.621   4.737   1.00 25.25 ? 274 SER A OG  1 
ATOM   1366 N N   . LEU A 1 194 ? 3.753   2.473   4.872   1.00 20.30 ? 275 LEU A N   1 
ATOM   1367 C CA  . LEU A 1 194 ? 2.764   2.613   3.822   1.00 21.24 ? 275 LEU A CA  1 
ATOM   1368 C C   . LEU A 1 194 ? 2.969   3.979   3.204   1.00 22.30 ? 275 LEU A C   1 
ATOM   1369 O O   . LEU A 1 194 ? 3.022   4.985   3.900   1.00 25.64 ? 275 LEU A O   1 
ATOM   1370 C CB  . LEU A 1 194 ? 1.349   2.492   4.397   1.00 15.67 ? 275 LEU A CB  1 
ATOM   1371 C CG  . LEU A 1 194 ? 0.170   2.607   3.421   1.00 16.34 ? 275 LEU A CG  1 
ATOM   1372 C CD1 . LEU A 1 194 ? -1.056  1.941   4.017   1.00 12.71 ? 275 LEU A CD1 1 
ATOM   1373 C CD2 . LEU A 1 194 ? -0.111  4.067   3.111   1.00 13.40 ? 275 LEU A CD2 1 
ATOM   1374 N N   . GLU A 1 195 ? 3.094   4.010   1.889   1.00 23.06 ? 276 GLU A N   1 
ATOM   1375 C CA  . GLU A 1 195 ? 3.302   5.267   1.201   1.00 25.58 ? 276 GLU A CA  1 
ATOM   1376 C C   . GLU A 1 195 ? 2.317   5.383   0.053   1.00 24.46 ? 276 GLU A C   1 
ATOM   1377 O O   . GLU A 1 195 ? 1.799   4.384   -0.450  1.00 20.76 ? 276 GLU A O   1 
ATOM   1378 C CB  . GLU A 1 195 ? 4.744   5.358   0.682   1.00 28.84 ? 276 GLU A CB  1 
ATOM   1379 C CG  . GLU A 1 195 ? 5.836   5.278   1.763   1.00 32.54 ? 276 GLU A CG  1 
ATOM   1380 C CD  . GLU A 1 195 ? 5.698   6.341   2.861   1.00 37.63 ? 276 GLU A CD  1 
ATOM   1381 O OE1 . GLU A 1 195 ? 5.223   7.461   2.566   1.00 39.71 ? 276 GLU A OE1 1 
ATOM   1382 O OE2 . GLU A 1 195 ? 6.084   6.062   4.020   1.00 35.38 ? 276 GLU A OE2 1 
ATOM   1383 N N   . THR A 1 196 ? 2.056   6.611   -0.362  1.00 23.75 ? 277 THR A N   1 
ATOM   1384 C CA  . THR A 1 196 ? 1.118   6.822   -1.441  1.00 23.88 ? 277 THR A CA  1 
ATOM   1385 C C   . THR A 1 196 ? 1.605   7.863   -2.431  1.00 26.13 ? 277 THR A C   1 
ATOM   1386 O O   . THR A 1 196 ? 2.323   8.801   -2.083  1.00 24.35 ? 277 THR A O   1 
ATOM   1387 C CB  . THR A 1 196 ? -0.250  7.281   -0.897  1.00 21.42 ? 277 THR A CB  1 
ATOM   1388 O OG1 . THR A 1 196 ? -0.128  8.599   -0.358  1.00 23.74 ? 277 THR A OG1 1 
ATOM   1389 C CG2 . THR A 1 196 ? -0.716  6.363   0.212   1.00 21.33 ? 277 THR A CG2 1 
ATOM   1390 N N   . GLN A 1 197 ? 1.227   7.663   -3.681  1.00 26.20 ? 278 GLN A N   1 
ATOM   1391 C CA  . GLN A 1 197 ? 1.543   8.601   -4.734  1.00 28.32 ? 278 GLN A CA  1 
ATOM   1392 C C   . GLN A 1 197 ? 0.150   8.976   -5.214  1.00 28.19 ? 278 GLN A C   1 
ATOM   1393 O O   . GLN A 1 197 ? -0.753  8.135   -5.225  1.00 27.98 ? 278 GLN A O   1 
ATOM   1394 C CB  . GLN A 1 197 ? 2.363   7.925   -5.836  1.00 32.53 ? 278 GLN A CB  1 
ATOM   1395 C CG  . GLN A 1 197 ? 3.743   7.483   -5.354  1.00 39.34 ? 278 GLN A CG  1 
ATOM   1396 C CD  . GLN A 1 197 ? 4.617   6.926   -6.464  1.00 44.98 ? 278 GLN A CD  1 
ATOM   1397 O OE1 . GLN A 1 197 ? 4.480   5.768   -6.864  1.00 43.87 ? 278 GLN A OE1 1 
ATOM   1398 N NE2 . GLN A 1 197 ? 5.520   7.760   -6.974  1.00 48.04 ? 278 GLN A NE2 1 
ATOM   1399 N N   . ALA A 1 198 ? -0.040  10.235  -5.575  1.00 27.27 ? 279 ALA A N   1 
ATOM   1400 C CA  . ALA A 1 198 ? -1.347  10.672  -6.020  1.00 28.51 ? 279 ALA A CA  1 
ATOM   1401 C C   . ALA A 1 198 ? -1.334  11.248  -7.426  1.00 30.33 ? 279 ALA A C   1 
ATOM   1402 O O   . ALA A 1 198 ? -0.580  12.174  -7.727  1.00 31.44 ? 279 ALA A O   1 
ATOM   1403 C CB  . ALA A 1 198 ? -1.902  11.703  -5.041  1.00 27.33 ? 279 ALA A CB  1 
ATOM   1404 N N   . HIS A 1 199 ? -2.170  10.681  -8.286  1.00 30.22 ? 280 HIS A N   1 
ATOM   1405 C CA  . HIS A 1 199 ? -2.300  11.162  -9.650  1.00 33.45 ? 280 HIS A CA  1 
ATOM   1406 C C   . HIS A 1 199 ? -3.632  11.903  -9.680  1.00 31.43 ? 280 HIS A C   1 
ATOM   1407 O O   . HIS A 1 199 ? -4.673  11.329  -9.377  1.00 30.07 ? 280 HIS A O   1 
ATOM   1408 C CB  . HIS A 1 199 ? -2.316  10.002  -10.643 1.00 37.59 ? 280 HIS A CB  1 
ATOM   1409 C CG  . HIS A 1 199 ? -2.630  10.424  -12.043 1.00 45.48 ? 280 HIS A CG  1 
ATOM   1410 N ND1 . HIS A 1 199 ? -1.951  11.441  -12.681 1.00 46.43 ? 280 HIS A ND1 1 
ATOM   1411 C CD2 . HIS A 1 199 ? -3.558  9.979   -12.923 1.00 46.03 ? 280 HIS A CD2 1 
ATOM   1412 C CE1 . HIS A 1 199 ? -2.448  11.603  -13.894 1.00 50.09 ? 280 HIS A CE1 1 
ATOM   1413 N NE2 . HIS A 1 199 ? -3.423  10.729  -14.066 1.00 48.66 ? 280 HIS A NE2 1 
ATOM   1414 N N   . ILE A 1 200 ? -3.587  13.179  -10.042 1.00 32.08 ? 281 ILE A N   1 
ATOM   1415 C CA  . ILE A 1 200 ? -4.774  14.027  -10.061 1.00 33.17 ? 281 ILE A CA  1 
ATOM   1416 C C   . ILE A 1 200 ? -5.164  14.518  -11.448 1.00 35.91 ? 281 ILE A C   1 
ATOM   1417 O O   . ILE A 1 200 ? -4.329  15.038  -12.187 1.00 35.69 ? 281 ILE A O   1 
ATOM   1418 C CB  . ILE A 1 200 ? -4.555  15.273  -9.179  1.00 27.96 ? 281 ILE A CB  1 
ATOM   1419 C CG1 . ILE A 1 200 ? -4.085  14.847  -7.783  1.00 32.67 ? 281 ILE A CG1 1 
ATOM   1420 C CG2 . ILE A 1 200 ? -5.828  16.086  -9.108  1.00 24.45 ? 281 ILE A CG2 1 
ATOM   1421 C CD1 . ILE A 1 200 ? -3.634  15.998  -6.895  1.00 25.85 ? 281 ILE A CD1 1 
ATOM   1422 N N   . GLN A 1 201 ? -6.443  14.372  -11.784 1.00 36.17 ? 282 GLN A N   1 
ATOM   1423 C CA  . GLN A 1 201 ? -6.952  14.819  -13.077 1.00 38.36 ? 282 GLN A CA  1 
ATOM   1424 C C   . GLN A 1 201 ? -8.438  15.170  -12.988 1.00 38.83 ? 282 GLN A C   1 
ATOM   1425 O O   . GLN A 1 201 ? -9.096  14.890  -11.985 1.00 37.01 ? 282 GLN A O   1 
ATOM   1426 C CB  . GLN A 1 201 ? -6.755  13.725  -14.125 1.00 39.08 ? 282 GLN A CB  1 
ATOM   1427 C CG  . GLN A 1 201 ? -7.481  12.444  -13.796 1.00 44.20 ? 282 GLN A CG  1 
ATOM   1428 C CD  . GLN A 1 201 ? -7.137  11.323  -14.750 1.00 51.60 ? 282 GLN A CD  1 
ATOM   1429 O OE1 . GLN A 1 201 ? -5.961  11.021  -14.972 1.00 53.48 ? 282 GLN A OE1 1 
ATOM   1430 N NE2 . GLN A 1 201 ? -8.160  10.693  -15.317 1.00 54.70 ? 282 GLN A NE2 1 
ATOM   1431 N N   . GLU A 1 202 ? -8.955  15.796  -14.042 1.00 38.51 ? 283 GLU A N   1 
ATOM   1432 C CA  . GLU A 1 202 ? -10.367 16.156  -14.111 1.00 39.42 ? 283 GLU A CA  1 
ATOM   1433 C C   . GLU A 1 202 ? -11.160 14.878  -14.246 1.00 37.91 ? 283 GLU A C   1 
ATOM   1434 O O   . GLU A 1 202 ? -10.692 13.904  -14.831 1.00 37.56 ? 283 GLU A O   1 
ATOM   1435 C CB  . GLU A 1 202 ? -10.666 16.986  -15.350 1.00 40.79 ? 283 GLU A CB  1 
ATOM   1436 C CG  . GLU A 1 202 ? -10.568 18.477  -15.217 1.00 48.19 ? 283 GLU A CG  1 
ATOM   1437 C CD  . GLU A 1 202 ? -11.023 19.156  -16.500 1.00 55.47 ? 283 GLU A CD  1 
ATOM   1438 O OE1 . GLU A 1 202 ? -12.174 18.904  -16.929 1.00 56.31 ? 283 GLU A OE1 1 
ATOM   1439 O OE2 . GLU A 1 202 ? -10.234 19.927  -17.087 1.00 56.38 ? 283 GLU A OE2 1 
ATOM   1440 N N   . CYS A 1 203 ? -12.373 14.881  -13.725 1.00 36.83 ? 284 CYS A N   1 
ATOM   1441 C CA  . CYS A 1 203 ? -13.204 13.705  -13.837 1.00 37.81 ? 284 CYS A CA  1 
ATOM   1442 C C   . CYS A 1 203 ? -13.834 13.703  -15.238 1.00 40.10 ? 284 CYS A C   1 
ATOM   1443 O O   . CYS A 1 203 ? -13.951 14.758  -15.867 1.00 36.61 ? 284 CYS A O   1 
ATOM   1444 C CB  . CYS A 1 203 ? -14.271 13.743  -12.755 1.00 35.77 ? 284 CYS A CB  1 
ATOM   1445 S SG  . CYS A 1 203 ? -13.651 13.550  -11.025 1.00 34.85 ? 284 CYS A SG  1 
ATOM   1446 N N   . LYS A 1 204 ? -14.207 12.524  -15.738 1.00 43.42 ? 285 LYS A N   1 
ATOM   1447 C CA  . LYS A 1 204 ? -14.813 12.414  -17.069 1.00 47.84 ? 285 LYS A CA  1 
ATOM   1448 C C   . LYS A 1 204 ? -16.009 13.331  -17.109 1.00 50.47 ? 285 LYS A C   1 
ATOM   1449 O O   . LYS A 1 204 ? -16.047 14.296  -17.875 1.00 50.32 ? 285 LYS A O   1 
ATOM   1450 C CB  . LYS A 1 204 ? -15.281 10.991  -17.345 1.00 47.94 ? 285 LYS A CB  1 
ATOM   1451 C CG  . LYS A 1 204 ? -14.178 9.970   -17.370 1.00 53.33 ? 285 LYS A CG  1 
ATOM   1452 C CD  . LYS A 1 204 ? -13.417 9.993   -18.678 1.00 56.45 ? 285 LYS A CD  1 
ATOM   1453 C CE  . LYS A 1 204 ? -12.358 8.901   -18.687 1.00 58.86 ? 285 LYS A CE  1 
ATOM   1454 N NZ  . LYS A 1 204 ? -12.942 7.570   -18.342 1.00 59.59 ? 285 LYS A NZ  1 
ATOM   1455 N N   . HIS A 1 205 ? -17.002 13.015  -16.290 1.00 52.80 ? 286 HIS A N   1 
ATOM   1456 C CA  . HIS A 1 205 ? -18.159 13.872  -16.238 1.00 55.81 ? 286 HIS A CA  1 
ATOM   1457 C C   . HIS A 1 205 ? -18.590 14.334  -14.871 1.00 53.50 ? 286 HIS A C   1 
ATOM   1458 O O   . HIS A 1 205 ? -19.201 13.605  -14.088 1.00 52.85 ? 286 HIS A O   1 
ATOM   1459 C CB  . HIS A 1 205 ? -19.329 13.279  -17.011 1.00 60.90 ? 286 HIS A CB  1 
ATOM   1460 C CG  . HIS A 1 205 ? -19.411 13.804  -18.406 1.00 64.90 ? 286 HIS A CG  1 
ATOM   1461 N ND1 . HIS A 1 205 ? -18.988 13.082  -19.500 1.00 65.65 ? 286 HIS A ND1 1 
ATOM   1462 C CD2 . HIS A 1 205 ? -19.728 15.037  -18.869 1.00 65.76 ? 286 HIS A CD2 1 
ATOM   1463 C CE1 . HIS A 1 205 ? -19.035 13.849  -20.576 1.00 67.31 ? 286 HIS A CE1 1 
ATOM   1464 N NE2 . HIS A 1 205 ? -19.479 15.041  -20.219 1.00 67.07 ? 286 HIS A NE2 1 
ATOM   1465 N N   . PRO A 1 206 ? -18.214 15.570  -14.556 1.00 50.64 ? 287 PRO A N   1 
ATOM   1466 C CA  . PRO A 1 206 ? -18.525 16.231  -13.302 1.00 48.78 ? 287 PRO A CA  1 
ATOM   1467 C C   . PRO A 1 206 ? -19.750 17.096  -13.565 1.00 48.22 ? 287 PRO A C   1 
ATOM   1468 O O   . PRO A 1 206 ? -19.876 17.696  -14.632 1.00 46.49 ? 287 PRO A O   1 
ATOM   1469 C CB  . PRO A 1 206 ? -17.280 17.065  -13.054 1.00 48.66 ? 287 PRO A CB  1 
ATOM   1470 C CG  . PRO A 1 206 ? -16.941 17.530  -14.426 1.00 47.76 ? 287 PRO A CG  1 
ATOM   1471 C CD  . PRO A 1 206 ? -17.124 16.278  -15.258 1.00 49.68 ? 287 PRO A CD  1 
ATOM   1472 N N   . SER A 1 207 ? -20.668 17.121  -12.615 1.00 46.41 ? 288 SER A N   1 
ATOM   1473 C CA  . SER A 1 207 ? -21.858 17.949  -12.721 1.00 45.05 ? 288 SER A CA  1 
ATOM   1474 C C   . SER A 1 207 ? -22.171 18.356  -11.312 1.00 42.44 ? 288 SER A C   1 
ATOM   1475 O O   . SER A 1 207 ? -22.292 17.518  -10.418 1.00 40.86 ? 288 SER A O   1 
ATOM   1476 C CB  . SER A 1 207 ? -23.057 17.190  -13.291 1.00 43.92 ? 288 SER A CB  1 
ATOM   1477 O OG  . SER A 1 207 ? -22.852 16.838  -14.645 1.00 52.00 ? 288 SER A OG  1 
ATOM   1478 N N   . VAL A 1 208 ? -22.273 19.656  -11.123 1.00 42.18 ? 289 VAL A N   1 
ATOM   1479 C CA  . VAL A 1 208 ? -22.586 20.228  -9.839  1.00 42.81 ? 289 VAL A CA  1 
ATOM   1480 C C   . VAL A 1 208 ? -23.712 21.190  -10.170 1.00 45.25 ? 289 VAL A C   1 
ATOM   1481 O O   . VAL A 1 208 ? -23.490 22.189  -10.854 1.00 46.06 ? 289 VAL A O   1 
ATOM   1482 C CB  . VAL A 1 208 ? -21.367 20.989  -9.283  1.00 39.08 ? 289 VAL A CB  1 
ATOM   1483 C CG1 . VAL A 1 208 ? -21.701 21.634  -7.958  1.00 37.23 ? 289 VAL A CG1 1 
ATOM   1484 C CG2 . VAL A 1 208 ? -20.200 20.028  -9.130  1.00 38.61 ? 289 VAL A CG2 1 
ATOM   1485 N N   . PHE A 1 209 ? -24.930 20.867  -9.743  1.00 48.35 ? 290 PHE A N   1 
ATOM   1486 C CA  . PHE A 1 209 ? -26.054 21.752  -10.013 1.00 52.04 ? 290 PHE A CA  1 
ATOM   1487 C C   . PHE A 1 209 ? -25.700 23.054  -9.323  1.00 55.00 ? 290 PHE A C   1 
ATOM   1488 O O   . PHE A 1 209 ? -25.156 23.035  -8.221  1.00 53.96 ? 290 PHE A O   1 
ATOM   1489 C CB  . PHE A 1 209 ? -27.351 21.197  -9.432  1.00 51.81 ? 290 PHE A CB  1 
ATOM   1490 C CG  . PHE A 1 209 ? -28.466 22.200  -9.407  1.00 51.89 ? 290 PHE A CG  1 
ATOM   1491 C CD1 . PHE A 1 209 ? -28.993 22.705  -10.593 1.00 52.61 ? 290 PHE A CD1 1 
ATOM   1492 C CD2 . PHE A 1 209 ? -28.948 22.688  -8.200  1.00 49.31 ? 290 PHE A CD2 1 
ATOM   1493 C CE1 . PHE A 1 209 ? -29.982 23.687  -10.574 1.00 50.75 ? 290 PHE A CE1 1 
ATOM   1494 C CE2 . PHE A 1 209 ? -29.935 23.667  -8.169  1.00 50.05 ? 290 PHE A CE2 1 
ATOM   1495 C CZ  . PHE A 1 209 ? -30.452 24.169  -9.359  1.00 50.59 ? 290 PHE A CZ  1 
ATOM   1496 N N   . GLN A 1 210 ? -25.998 24.191  -9.939  1.00 60.96 ? 291 GLN A N   1 
ATOM   1497 C CA  . GLN A 1 210 ? -25.617 25.420  -9.272  1.00 67.15 ? 291 GLN A CA  1 
ATOM   1498 C C   . GLN A 1 210 ? -26.364 26.721  -9.547  1.00 69.50 ? 291 GLN A C   1 
ATOM   1499 O O   . GLN A 1 210 ? -25.782 27.688  -10.037 1.00 72.08 ? 291 GLN A O   1 
ATOM   1500 C CB  . GLN A 1 210 ? -24.125 25.641  -9.488  1.00 68.58 ? 291 GLN A CB  1 
ATOM   1501 C CG  . GLN A 1 210 ? -23.416 26.196  -8.279  1.00 71.32 ? 291 GLN A CG  1 
ATOM   1502 C CD  . GLN A 1 210 ? -21.925 26.302  -8.495  1.00 73.64 ? 291 GLN A CD  1 
ATOM   1503 O OE1 . GLN A 1 210 ? -21.205 26.856  -7.664  1.00 76.05 ? 291 GLN A OE1 1 
ATOM   1504 N NE2 . GLN A 1 210 ? -21.450 25.768  -9.617  1.00 74.11 ? 291 GLN A NE2 1 
ATOM   1505 N N   . HIS A 1 211 ? -27.649 26.748  -9.221  1.00 71.80 ? 292 HIS A N   1 
ATOM   1506 C CA  . HIS A 1 211 ? -28.456 27.956  -9.368  1.00 73.59 ? 292 HIS A CA  1 
ATOM   1507 C C   . HIS A 1 211 ? -29.075 28.190  -8.007  1.00 73.66 ? 292 HIS A C   1 
ATOM   1508 O O   . HIS A 1 211 ? -28.765 29.151  -7.301  1.00 74.32 ? 292 HIS A O   1 
ATOM   1509 C CB  . HIS A 1 211 ? -29.610 27.766  -10.354 1.00 75.01 ? 292 HIS A CB  1 
ATOM   1510 C CG  . HIS A 1 211 ? -29.191 27.702  -11.786 1.00 76.64 ? 292 HIS A CG  1 
ATOM   1511 N ND1 . HIS A 1 211 ? -28.407 26.686  -12.287 1.00 77.57 ? 292 HIS A ND1 1 
ATOM   1512 C CD2 . HIS A 1 211 ? -29.479 28.511  -12.832 1.00 76.66 ? 292 HIS A CD2 1 
ATOM   1513 C CE1 . HIS A 1 211 ? -28.232 26.870  -13.583 1.00 78.17 ? 292 HIS A CE1 1 
ATOM   1514 N NE2 . HIS A 1 211 ? -28.873 27.970  -13.939 1.00 78.56 ? 292 HIS A NE2 1 
ATOM   1515 N N   . GLY A 1 212 ? -29.947 27.253  -7.661  1.00 73.39 ? 293 GLY A N   1 
ATOM   1516 C CA  . GLY A 1 212 ? -30.689 27.296  -6.423  1.00 72.29 ? 293 GLY A CA  1 
ATOM   1517 C C   . GLY A 1 212 ? -32.128 27.189  -6.877  1.00 73.22 ? 293 GLY A C   1 
ATOM   1518 O O   . GLY A 1 212 ? -32.322 27.118  -8.113  1.00 72.06 ? 293 GLY A O   1 
HETATM 1519 O O   . HOH B 2 .   ? -6.965  18.603  -6.240  1.00 23.55 ? 401 HOH A O   1 
HETATM 1520 O O   . HOH B 2 .   ? 2.160   12.247  -3.200  1.00 43.78 ? 402 HOH A O   1 
HETATM 1521 O O   . HOH B 2 .   ? 5.655   -19.763 6.217   1.00 36.53 ? 403 HOH A O   1 
HETATM 1522 O O   . HOH B 2 .   ? 1.096   11.429  8.719   1.00 46.11 ? 404 HOH A O   1 
HETATM 1523 O O   . HOH B 2 .   ? -6.367  9.119   14.505  1.00 22.94 ? 405 HOH A O   1 
HETATM 1524 O O   . HOH B 2 .   ? 28.106  -18.459 -4.182  1.00 47.17 ? 406 HOH A O   1 
HETATM 1525 O O   . HOH B 2 .   ? 3.404   8.699   1.508   1.00 23.77 ? 407 HOH A O   1 
HETATM 1526 O O   . HOH B 2 .   ? -6.861  -12.477 -12.771 1.00 55.03 ? 408 HOH A O   1 
HETATM 1527 O O   . HOH B 2 .   ? -10.238 13.963  7.565   1.00 24.47 ? 409 HOH A O   1 
HETATM 1528 O O   . HOH B 2 .   ? -18.374 10.660  -19.472 1.00 48.75 ? 410 HOH A O   1 
HETATM 1529 O O   . HOH B 2 .   ? -7.340  -1.922  -6.799  1.00 24.50 ? 411 HOH A O   1 
HETATM 1530 O O   . HOH B 2 .   ? 4.119   -13.321 17.710  1.00 38.37 ? 412 HOH A O   1 
HETATM 1531 O O   . HOH B 2 .   ? 1.361   -5.263  12.573  1.00 29.45 ? 413 HOH A O   1 
HETATM 1532 O O   . HOH B 2 .   ? 24.401  -13.014 -9.016  1.00 31.08 ? 414 HOH A O   1 
HETATM 1533 O O   . HOH B 2 .   ? -1.158  27.083  -0.363  1.00 34.58 ? 415 HOH A O   1 
HETATM 1534 O O   . HOH B 2 .   ? 12.762  -11.401 15.250  1.00 22.85 ? 416 HOH A O   1 
HETATM 1535 O O   . HOH B 2 .   ? 1.388   9.464   13.043  1.00 17.83 ? 417 HOH A O   1 
HETATM 1536 O O   . HOH B 2 .   ? -1.419  -5.027  8.330   1.00 24.29 ? 418 HOH A O   1 
HETATM 1537 O O   . HOH B 2 .   ? -11.023 11.322  -15.049 1.00 41.14 ? 419 HOH A O   1 
HETATM 1538 O O   . HOH B 2 .   ? 1.058   -8.029  13.045  1.00 45.73 ? 420 HOH A O   1 
HETATM 1539 O O   . HOH B 2 .   ? -8.123  -12.795 -7.025  1.00 40.49 ? 421 HOH A O   1 
HETATM 1540 O O   . HOH B 2 .   ? 9.462   -0.202  -0.825  1.00 36.17 ? 422 HOH A O   1 
HETATM 1541 O O   . HOH B 2 .   ? -10.483 23.661  -3.812  1.00 50.75 ? 423 HOH A O   1 
HETATM 1542 O O   . HOH B 2 .   ? 22.803  -22.080 11.472  1.00 33.36 ? 424 HOH A O   1 
HETATM 1543 O O   . HOH B 2 .   ? -7.197  19.192  -10.887 1.00 46.44 ? 425 HOH A O   1 
HETATM 1544 O O   . HOH B 2 .   ? -12.674 15.683  -0.778  1.00 35.47 ? 426 HOH A O   1 
HETATM 1545 O O   . HOH B 2 .   ? -4.486  -1.625  -8.221  1.00 20.68 ? 427 HOH A O   1 
HETATM 1546 O O   . HOH B 2 .   ? 6.010   1.230   17.542  1.00 44.73 ? 428 HOH A O   1 
HETATM 1547 O O   . HOH B 2 .   ? 5.929   6.066   6.664   1.00 24.06 ? 429 HOH A O   1 
HETATM 1548 O O   . HOH B 2 .   ? 4.901   8.297   7.791   1.00 26.03 ? 430 HOH A O   1 
HETATM 1549 O O   . HOH B 2 .   ? 15.472  -6.911  9.205   1.00 17.44 ? 431 HOH A O   1 
HETATM 1550 O O   . HOH B 2 .   ? -4.371  26.533  -6.911  1.00 58.05 ? 432 HOH A O   1 
HETATM 1551 O O   . HOH B 2 .   ? -15.050 8.823   -4.160  1.00 20.81 ? 433 HOH A O   1 
HETATM 1552 O O   . HOH B 2 .   ? -6.486  -2.049  10.861  1.00 42.11 ? 434 HOH A O   1 
HETATM 1553 O O   . HOH B 2 .   ? -10.733 20.521  -7.409  1.00 48.23 ? 435 HOH A O   1 
HETATM 1554 O O   . HOH B 2 .   ? 15.219  -3.997  7.647   1.00 25.67 ? 436 HOH A O   1 
HETATM 1555 O O   . HOH B 2 .   ? 6.999   -8.821  19.656  1.00 30.42 ? 437 HOH A O   1 
HETATM 1556 O O   . HOH B 2 .   ? 15.582  -18.708 -7.199  1.00 36.65 ? 438 HOH A O   1 
HETATM 1557 O O   . HOH B 2 .   ? 15.537  -10.352 9.908   1.00 19.79 ? 439 HOH A O   1 
HETATM 1558 O O   . HOH B 2 .   ? -4.473  14.713  10.457  1.00 49.25 ? 440 HOH A O   1 
HETATM 1559 O O   . HOH B 2 .   ? 19.857  -6.600  2.096   1.00 39.72 ? 441 HOH A O   1 
HETATM 1560 O O   . HOH B 2 .   ? -0.924  9.722   11.935  1.00 12.16 ? 442 HOH A O   1 
HETATM 1561 O O   . HOH B 2 .   ? 8.389   1.761   10.537  1.00 18.69 ? 443 HOH A O   1 
HETATM 1562 O O   . HOH B 2 .   ? 4.924   3.061   9.384   1.00 19.95 ? 444 HOH A O   1 
HETATM 1563 O O   . HOH B 2 .   ? -9.345  9.550   -13.098 1.00 33.51 ? 445 HOH A O   1 
HETATM 1564 O O   . HOH B 2 .   ? 6.135   1.517   1.475   1.00 22.18 ? 446 HOH A O   1 
HETATM 1565 O O   . HOH B 2 .   ? -7.667  21.229  -4.761  1.00 43.70 ? 447 HOH A O   1 
HETATM 1566 O O   . HOH B 2 .   ? -13.258 17.440  -12.399 1.00 41.81 ? 448 HOH A O   1 
HETATM 1567 O O   . HOH B 2 .   ? 1.297   11.819  -9.762  1.00 41.89 ? 449 HOH A O   1 
HETATM 1568 O O   . HOH B 2 .   ? -11.336 9.720   -0.018  1.00 28.94 ? 450 HOH A O   1 
HETATM 1569 O O   . HOH B 2 .   ? -6.769  10.005  -11.233 1.00 36.19 ? 451 HOH A O   1 
HETATM 1570 O O   . HOH B 2 .   ? -8.231  18.353  -18.280 1.00 58.28 ? 452 HOH A O   1 
HETATM 1571 O O   . HOH B 2 .   ? 2.347   -21.360 3.176   1.00 45.54 ? 453 HOH A O   1 
HETATM 1572 O O   . HOH B 2 .   ? 13.196  -3.202  1.096   1.00 32.05 ? 454 HOH A O   1 
HETATM 1573 O O   . HOH B 2 .   ? 8.664   4.900   3.614   1.00 44.24 ? 455 HOH A O   1 
HETATM 1574 O O   . HOH B 2 .   ? 0.757   12.351  -12.974 1.00 46.52 ? 456 HOH A O   1 
HETATM 1575 O O   . HOH B 2 .   ? -9.647  19.009  -1.029  1.00 41.82 ? 457 HOH A O   1 
HETATM 1576 O O   . HOH B 2 .   ? 0.609   9.024   9.674   1.00 19.83 ? 458 HOH A O   1 
HETATM 1577 O O   . HOH B 2 .   ? 1.838   3.144   -9.633  1.00 28.80 ? 459 HOH A O   1 
HETATM 1578 O O   . HOH B 2 .   ? -1.336  -15.122 -8.395  1.00 36.09 ? 460 HOH A O   1 
HETATM 1579 O O   . HOH B 2 .   ? 9.480   -0.234  5.798   1.00 27.11 ? 461 HOH A O   1 
HETATM 1580 O O   . HOH B 2 .   ? 11.604  0.303   16.760  1.00 25.38 ? 462 HOH A O   1 
HETATM 1581 O O   . HOH B 2 .   ? 19.487  -8.634  -8.481  1.00 38.85 ? 463 HOH A O   1 
HETATM 1582 O O   . HOH B 2 .   ? -13.679 -0.455  -2.574  1.00 44.83 ? 464 HOH A O   1 
HETATM 1583 O O   . HOH B 2 .   ? 3.863   4.255   7.244   1.00 10.77 ? 465 HOH A O   1 
HETATM 1584 O O   . HOH B 2 .   ? 17.120  -12.192 7.692   1.00 48.50 ? 466 HOH A O   1 
HETATM 1585 O O   . HOH B 2 .   ? 6.030   -1.707  16.308  1.00 31.23 ? 467 HOH A O   1 
HETATM 1586 O O   . HOH B 2 .   ? -3.998  6.606   17.317  1.00 38.73 ? 468 HOH A O   1 
HETATM 1587 O O   . HOH B 2 .   ? -7.326  2.413   13.991  1.00 31.67 ? 469 HOH A O   1 
HETATM 1588 O O   . HOH B 2 .   ? 2.747   10.253  4.189   1.00 36.94 ? 470 HOH A O   1 
HETATM 1589 O O   . HOH B 2 .   ? -8.189  -9.024  9.533   1.00 39.58 ? 471 HOH A O   1 
HETATM 1590 O O   . HOH B 2 .   ? 0.201   15.314  1.279   1.00 30.57 ? 472 HOH A O   1 
HETATM 1591 O O   . HOH B 2 .   ? 2.457   11.793  -6.264  1.00 33.70 ? 473 HOH A O   1 
HETATM 1592 O O   . HOH B 2 .   ? 11.579  -3.388  -3.452  1.00 33.57 ? 474 HOH A O   1 
HETATM 1593 O O   . HOH B 2 .   ? 24.588  -26.813 8.677   1.00 51.31 ? 475 HOH A O   1 
HETATM 1594 O O   . HOH B 2 .   ? -0.467  25.532  -7.895  1.00 27.51 ? 476 HOH A O   1 
HETATM 1595 O O   . HOH B 2 .   ? -6.567  22.077  4.790   1.00 55.95 ? 477 HOH A O   1 
HETATM 1596 O O   . HOH B 2 .   ? -4.862  22.424  -6.695  1.00 53.46 ? 478 HOH A O   1 
HETATM 1597 O O   . HOH B 2 .   ? -2.333  16.558  -3.598  1.00 35.16 ? 479 HOH A O   1 
HETATM 1598 O O   . HOH B 2 .   ? -9.027  -0.702  11.104  1.00 48.99 ? 480 HOH A O   1 
HETATM 1599 O O   . HOH B 2 .   ? 30.502  -21.528 1.591   1.00 37.88 ? 481 HOH A O   1 
HETATM 1600 O O   . HOH B 2 .   ? -14.724 -0.390  -7.914  1.00 34.61 ? 482 HOH A O   1 
HETATM 1601 O O   . HOH B 2 .   ? 5.757   -13.770 -10.134 1.00 37.98 ? 483 HOH A O   1 
HETATM 1602 O O   . HOH B 2 .   ? -8.111  21.653  -8.346  1.00 53.88 ? 484 HOH A O   1 
HETATM 1603 O O   . HOH B 2 .   ? -13.248 24.491  -10.690 1.00 46.46 ? 485 HOH A O   1 
HETATM 1604 O O   . HOH B 2 .   ? 6.177   -16.297 15.475  1.00 33.02 ? 486 HOH A O   1 
HETATM 1605 O O   . HOH B 2 .   ? -5.808  -2.762  13.156  1.00 32.79 ? 487 HOH A O   1 
HETATM 1606 O O   . HOH B 2 .   ? 4.869   -11.065 20.546  1.00 44.89 ? 488 HOH A O   1 
HETATM 1607 O O   . HOH B 2 .   ? -4.683  -10.803 11.057  1.00 46.68 ? 489 HOH A O   1 
HETATM 1608 O O   . HOH B 2 .   ? 4.562   -17.615 -2.030  1.00 38.23 ? 490 HOH A O   1 
HETATM 1609 O O   . HOH B 2 .   ? -6.568  16.662  -16.200 1.00 51.55 ? 491 HOH A O   1 
HETATM 1610 O O   . HOH B 2 .   ? 7.068   -19.460 -2.158  1.00 37.36 ? 492 HOH A O   1 
HETATM 1611 O O   . HOH B 2 .   ? -0.724  7.358   -8.783  1.00 38.60 ? 493 HOH A O   1 
HETATM 1612 O O   . HOH B 2 .   ? 28.376  -16.224 13.086  1.00 49.38 ? 494 HOH A O   1 
HETATM 1613 O O   . HOH B 2 .   ? 3.869   10.742  6.512   1.00 46.61 ? 495 HOH A O   1 
HETATM 1614 O O   . HOH B 2 .   ? 13.212  -20.020 7.003   1.00 42.65 ? 496 HOH A O   1 
HETATM 1615 O O   . HOH B 2 .   ? 4.175   -22.001 4.840   1.00 39.84 ? 497 HOH A O   1 
HETATM 1616 O O   . HOH B 2 .   ? 8.388   5.365   8.116   1.00 42.14 ? 498 HOH A O   1 
HETATM 1617 O O   . HOH B 2 .   ? -20.090 4.920   0.663   1.00 49.56 ? 499 HOH A O   1 
HETATM 1618 O O   . HOH B 2 .   ? 2.811   -5.419  14.693  1.00 44.88 ? 500 HOH A O   1 
HETATM 1619 O O   . HOH B 2 .   ? 13.364  -21.724 9.744   1.00 42.27 ? 501 HOH A O   1 
HETATM 1620 O O   . HOH B 2 .   ? 9.465   2.057   7.952   1.00 42.99 ? 502 HOH A O   1 
HETATM 1621 O O   . HOH B 2 .   ? 5.216   -15.803 18.274  1.00 36.80 ? 503 HOH A O   1 
HETATM 1622 O O   . HOH B 2 .   ? 1.107   16.542  4.242   1.00 42.06 ? 504 HOH A O   1 
HETATM 1623 O O   . HOH B 2 .   ? 12.251  -0.800  -0.497  1.00 61.41 ? 505 HOH A O   1 
HETATM 1624 O O   . HOH B 2 .   ? 15.964  -1.444  8.068   1.00 53.17 ? 506 HOH A O   1 
HETATM 1625 O O   . HOH B 2 .   ? -1.826  12.255  12.287  1.00 25.52 ? 507 HOH A O   1 
HETATM 1626 O O   . HOH B 2 .   ? 7.249   9.394   8.992   1.00 41.65 ? 508 HOH A O   1 
HETATM 1627 O O   . HOH B 2 .   ? 13.679  -18.398 -8.988  1.00 49.94 ? 509 HOH A O   1 
HETATM 1628 O O   . HOH B 2 .   ? 9.596   2.269   -1.487  1.00 43.12 ? 510 HOH A O   1 
HETATM 1629 O O   . HOH B 2 .   ? 2.827   12.044  13.316  1.00 42.75 ? 511 HOH A O   1 
# 
